data_4TLD
#
_entry.id   4TLD
#
_cell.length_a   79.930
_cell.length_b   132.975
_cell.length_c   149.940
_cell.angle_alpha   90.00
_cell.angle_beta   90.00
_cell.angle_gamma   90.00
#
_symmetry.space_group_name_H-M   'P 21 21 21'
#
loop_
_entity.id
_entity.type
_entity.pdbx_description
1 polymer 'Circadian clock protein kinase KaiC'
2 non-polymer 'MAGNESIUM ION'
3 non-polymer 'CHLORIDE ION'
4 non-polymer 'PHOSPHOTHIOPHOSPHORIC ACID-ADENYLATE ESTER'
5 water water
#
_entity_poly.entity_id   1
_entity_poly.type   'polypeptide(L)'
_entity_poly.pdbx_seq_one_letter_code
;MTSAEMTSPNNNSEHQAIAKMRTMIEGFDDISHGGLPIGRSTLVSGTSGTGKTLFSIQFLYNGIIEFDEPGVFVTFEETP
QDIIKNARSFGWDLAKLVDEGKLFILDASPDPEGQEVVGGFDLSALIERINYAIQKYRARRVSIDSVTSVFQQYDAPSVV
RRELFRLVARLKQIGATTVMTTERIEEYGPIARYGVEEFVSDNVVILRNVLEGERRRRTLEILKLRGTSHMKGEYPFTIT
DHGINIFPLGAMR
;
_entity_poly.pdbx_strand_id   A,B,C,D,E,F
#
loop_
_chem_comp.id
_chem_comp.type
_chem_comp.name
_chem_comp.formula
AGS non-polymer 'PHOSPHOTHIOPHOSPHORIC ACID-ADENYLATE ESTER' 'C10 H16 N5 O12 P3 S'
CL non-polymer 'CHLORIDE ION' 'Cl -1'
MG non-polymer 'MAGNESIUM ION' 'Mg 2'
#
# COMPACT_ATOMS: atom_id res chain seq x y z
N HIS A 15 -31.66 31.38 -15.63
CA HIS A 15 -30.38 30.75 -15.93
C HIS A 15 -29.24 31.77 -15.95
N GLN A 16 -28.69 32.07 -14.77
CA GLN A 16 -27.63 33.07 -14.65
C GLN A 16 -26.25 32.42 -14.59
N ALA A 17 -25.43 32.69 -15.60
CA ALA A 17 -24.13 32.03 -15.71
C ALA A 17 -23.07 32.60 -14.76
N ILE A 18 -22.11 31.77 -14.38
CA ILE A 18 -20.92 32.21 -13.66
C ILE A 18 -20.03 32.95 -14.65
N ALA A 19 -19.75 34.22 -14.37
CA ALA A 19 -18.87 35.03 -15.22
C ALA A 19 -17.44 34.50 -15.19
N LYS A 20 -16.77 34.56 -16.33
CA LYS A 20 -15.39 34.08 -16.46
C LYS A 20 -14.50 35.16 -17.07
N MET A 21 -13.20 35.13 -16.75
CA MET A 21 -12.23 36.01 -17.40
C MET A 21 -11.26 35.19 -18.24
N ARG A 22 -11.04 35.64 -19.47
CA ARG A 22 -10.24 34.87 -20.42
C ARG A 22 -8.77 34.83 -20.02
N THR A 23 -8.17 33.65 -20.12
CA THR A 23 -6.74 33.52 -19.85
C THR A 23 -5.91 33.90 -21.07
N MET A 24 -6.51 33.80 -22.25
CA MET A 24 -5.81 33.94 -23.52
C MET A 24 -4.67 32.93 -23.65
N ILE A 25 -4.66 31.91 -22.77
CA ILE A 25 -3.76 30.79 -22.97
C ILE A 25 -4.41 29.97 -24.05
N GLU A 26 -3.70 29.76 -25.16
CA GLU A 26 -4.39 29.19 -26.32
C GLU A 26 -4.93 27.78 -26.07
N GLY A 27 -6.22 27.64 -26.33
CA GLY A 27 -6.92 26.38 -26.13
C GLY A 27 -7.67 26.38 -24.81
N PHE A 28 -7.15 27.11 -23.81
CA PHE A 28 -7.73 26.96 -22.48
C PHE A 28 -9.12 27.59 -22.35
N ASP A 29 -9.31 28.74 -22.98
CA ASP A 29 -10.62 29.42 -22.92
C ASP A 29 -11.67 28.65 -23.70
N ASP A 30 -11.26 27.79 -24.63
CA ASP A 30 -12.22 26.86 -25.23
C ASP A 30 -12.60 25.74 -24.25
N ILE A 31 -11.59 25.14 -23.60
CA ILE A 31 -11.80 24.05 -22.65
CA ILE A 31 -11.80 24.04 -22.65
C ILE A 31 -12.65 24.47 -21.46
N SER A 32 -12.41 25.70 -20.99
CA SER A 32 -13.11 26.25 -19.83
C SER A 32 -14.41 26.98 -20.18
N HIS A 33 -14.78 26.98 -21.45
CA HIS A 33 -15.95 27.72 -21.93
C HIS A 33 -15.96 29.17 -21.48
N GLY A 34 -14.82 29.85 -21.63
CA GLY A 34 -14.77 31.30 -21.41
C GLY A 34 -13.63 31.77 -20.53
N GLY A 35 -12.98 30.84 -19.85
CA GLY A 35 -11.85 31.20 -19.00
C GLY A 35 -12.07 30.81 -17.54
N LEU A 36 -11.43 31.53 -16.63
CA LEU A 36 -11.55 31.20 -15.21
C LEU A 36 -12.68 31.97 -14.52
N PRO A 37 -13.47 31.28 -13.68
CA PRO A 37 -14.52 31.92 -12.88
C PRO A 37 -14.03 33.13 -12.09
N ILE A 38 -14.64 34.29 -12.35
CA ILE A 38 -14.19 35.56 -11.78
C ILE A 38 -14.48 35.61 -10.28
N GLY A 39 -13.56 36.16 -9.51
CA GLY A 39 -13.75 36.36 -8.08
C GLY A 39 -13.55 35.08 -7.29
N ARG A 40 -13.01 34.06 -7.95
CA ARG A 40 -12.80 32.77 -7.32
C ARG A 40 -11.39 32.25 -7.56
N SER A 41 -11.03 31.19 -6.84
CA SER A 41 -9.69 30.62 -6.94
C SER A 41 -9.74 29.32 -7.74
N THR A 42 -8.75 29.13 -8.61
CA THR A 42 -8.64 27.91 -9.38
C THR A 42 -7.36 27.19 -8.98
N LEU A 43 -7.51 25.96 -8.49
CA LEU A 43 -6.38 25.12 -8.14
C LEU A 43 -5.77 24.51 -9.39
N VAL A 44 -4.46 24.66 -9.56
CA VAL A 44 -3.75 24.06 -10.68
C VAL A 44 -2.71 23.10 -10.12
N SER A 45 -2.94 21.80 -10.25
CA SER A 45 -2.09 20.80 -9.60
CA SER A 45 -2.07 20.80 -9.61
C SER A 45 -1.36 19.93 -10.62
N GLY A 46 -0.15 19.50 -10.26
CA GLY A 46 0.61 18.64 -11.14
C GLY A 46 1.91 18.18 -10.51
N THR A 47 2.51 17.16 -11.12
CA THR A 47 3.81 16.68 -10.71
C THR A 47 4.90 17.67 -11.11
N SER A 48 6.15 17.29 -10.87
CA SER A 48 7.23 18.23 -11.07
C SER A 48 7.42 18.60 -12.54
N GLY A 49 7.53 19.89 -12.82
CA GLY A 49 7.84 20.32 -14.17
C GLY A 49 6.70 20.14 -15.14
N THR A 50 5.46 20.20 -14.64
CA THR A 50 4.28 20.04 -15.49
C THR A 50 3.79 21.35 -16.12
N GLY A 51 4.35 22.48 -15.70
CA GLY A 51 3.95 23.76 -16.24
C GLY A 51 3.07 24.58 -15.32
N LYS A 52 3.11 24.28 -14.02
CA LYS A 52 2.26 24.99 -13.04
C LYS A 52 2.62 26.48 -12.97
N THR A 53 3.90 26.77 -12.77
CA THR A 53 4.36 28.14 -12.68
C THR A 53 4.12 28.88 -14.00
N LEU A 54 4.37 28.20 -15.12
CA LEU A 54 4.17 28.78 -16.44
C LEU A 54 2.70 29.20 -16.64
N PHE A 55 1.78 28.31 -16.29
CA PHE A 55 0.36 28.63 -16.38
C PHE A 55 0.02 29.86 -15.53
N SER A 56 0.58 29.91 -14.31
CA SER A 56 0.31 30.99 -13.36
CA SER A 56 0.25 30.98 -13.39
C SER A 56 0.83 32.32 -13.84
N ILE A 57 1.96 32.29 -14.54
CA ILE A 57 2.58 33.51 -15.05
C ILE A 57 1.90 33.97 -16.33
N GLN A 58 1.60 33.03 -17.21
CA GLN A 58 0.93 33.33 -18.46
C GLN A 58 -0.44 33.95 -18.17
N PHE A 59 -1.09 33.45 -17.13
CA PHE A 59 -2.34 34.05 -16.64
C PHE A 59 -2.18 35.53 -16.29
N LEU A 60 -1.16 35.87 -15.51
CA LEU A 60 -0.93 37.27 -15.13
C LEU A 60 -0.45 38.11 -16.30
N TYR A 61 0.49 37.54 -17.07
CA TYR A 61 1.11 38.25 -18.19
C TYR A 61 0.09 38.61 -19.25
N ASN A 62 -0.78 37.66 -19.58
CA ASN A 62 -1.82 37.90 -20.57
C ASN A 62 -2.83 38.93 -20.11
N GLY A 63 -3.17 38.92 -18.82
CA GLY A 63 -4.07 39.92 -18.28
C GLY A 63 -3.49 41.30 -18.50
N ILE A 64 -2.23 41.47 -18.13
CA ILE A 64 -1.55 42.75 -18.29
C ILE A 64 -1.46 43.19 -19.75
N ILE A 65 -0.98 42.31 -20.62
CA ILE A 65 -0.70 42.69 -22.01
C ILE A 65 -2.00 42.85 -22.83
N GLU A 66 -2.94 41.93 -22.66
CA GLU A 66 -4.16 41.91 -23.47
C GLU A 66 -5.25 42.83 -22.96
N PHE A 67 -5.43 42.88 -21.65
CA PHE A 67 -6.58 43.58 -21.09
C PHE A 67 -6.17 44.70 -20.16
N ASP A 68 -4.86 44.91 -20.04
CA ASP A 68 -4.34 45.94 -19.17
C ASP A 68 -4.91 45.71 -17.75
N GLU A 69 -4.94 44.45 -17.35
CA GLU A 69 -5.31 44.07 -15.99
C GLU A 69 -4.05 43.64 -15.25
N PRO A 70 -3.63 44.43 -14.24
CA PRO A 70 -2.44 44.15 -13.47
C PRO A 70 -2.61 42.95 -12.57
N GLY A 71 -1.48 42.39 -12.17
CA GLY A 71 -1.47 41.14 -11.47
C GLY A 71 -0.45 41.12 -10.37
N VAL A 72 -0.74 40.28 -9.38
CA VAL A 72 0.17 40.02 -8.29
C VAL A 72 0.58 38.56 -8.33
N PHE A 73 1.89 38.31 -8.36
CA PHE A 73 2.42 36.96 -8.31
C PHE A 73 3.05 36.71 -6.95
N VAL A 74 2.40 35.87 -6.15
CA VAL A 74 2.92 35.51 -4.83
C VAL A 74 3.80 34.26 -4.92
N THR A 75 5.08 34.39 -4.60
CA THR A 75 6.01 33.25 -4.68
C THR A 75 6.47 32.77 -3.31
N PHE A 76 6.56 31.45 -3.13
CA PHE A 76 6.89 30.88 -1.84
C PHE A 76 8.20 30.10 -1.81
N GLU A 77 8.82 29.91 -2.98
CA GLU A 77 10.13 29.26 -3.01
C GLU A 77 11.04 29.84 -4.06
N GLU A 78 10.60 29.90 -5.32
CA GLU A 78 11.42 30.55 -6.34
C GLU A 78 11.50 32.04 -6.03
N THR A 79 12.67 32.61 -6.21
CA THR A 79 12.85 34.03 -6.01
C THR A 79 12.34 34.85 -7.20
N PRO A 80 11.99 36.12 -6.95
CA PRO A 80 11.58 37.00 -8.04
C PRO A 80 12.54 36.97 -9.22
N GLN A 81 13.84 36.98 -8.96
CA GLN A 81 14.83 37.09 -10.03
C GLN A 81 14.80 35.86 -10.93
N ASP A 82 14.62 34.69 -10.33
CA ASP A 82 14.53 33.45 -11.09
C ASP A 82 13.22 33.37 -11.88
N ILE A 83 12.15 33.83 -11.26
CA ILE A 83 10.84 33.89 -11.96
C ILE A 83 10.99 34.73 -13.22
N ILE A 84 11.61 35.89 -13.06
CA ILE A 84 11.84 36.81 -14.16
C ILE A 84 12.77 36.18 -15.20
N LYS A 85 13.86 35.60 -14.70
CA LYS A 85 14.84 34.96 -15.57
C LYS A 85 14.20 33.83 -16.36
N ASN A 86 13.48 32.95 -15.68
CA ASN A 86 12.84 31.83 -16.38
C ASN A 86 11.78 32.27 -17.39
N ALA A 87 11.07 33.36 -17.12
CA ALA A 87 10.04 33.85 -18.05
C ALA A 87 10.65 34.38 -19.36
N ARG A 88 11.95 34.69 -19.35
CA ARG A 88 12.67 35.11 -20.56
C ARG A 88 12.70 34.00 -21.62
N SER A 89 12.59 32.76 -21.17
CA SER A 89 12.55 31.60 -22.07
C SER A 89 11.44 31.75 -23.12
N PHE A 90 10.38 32.45 -22.75
CA PHE A 90 9.19 32.57 -23.60
C PHE A 90 9.11 33.95 -24.28
N GLY A 91 10.12 34.76 -24.08
CA GLY A 91 10.21 36.08 -24.70
C GLY A 91 9.49 37.15 -23.93
N TRP A 92 9.19 36.87 -22.66
CA TRP A 92 8.45 37.80 -21.83
C TRP A 92 9.38 38.57 -20.92
N ASP A 93 9.20 39.88 -20.91
CA ASP A 93 10.00 40.77 -20.08
C ASP A 93 9.21 41.15 -18.84
N LEU A 94 9.32 40.37 -17.77
CA LEU A 94 8.52 40.65 -16.57
C LEU A 94 9.09 41.83 -15.80
N ALA A 95 10.40 41.98 -15.84
CA ALA A 95 11.10 43.09 -15.17
C ALA A 95 10.54 44.43 -15.61
N LYS A 96 10.33 44.57 -16.91
CA LYS A 96 9.74 45.77 -17.48
C LYS A 96 8.34 46.00 -16.90
N LEU A 97 7.56 44.93 -16.78
CA LEU A 97 6.20 45.04 -16.27
C LEU A 97 6.17 45.44 -14.79
N VAL A 98 7.15 44.96 -14.04
CA VAL A 98 7.31 45.36 -12.64
C VAL A 98 7.71 46.84 -12.57
N ASP A 99 8.55 47.28 -13.50
CA ASP A 99 8.98 48.68 -13.57
C ASP A 99 7.80 49.62 -13.77
N GLU A 100 6.82 49.15 -14.55
CA GLU A 100 5.66 49.97 -14.90
C GLU A 100 4.53 49.87 -13.88
N GLY A 101 4.76 49.13 -12.80
CA GLY A 101 3.75 48.97 -11.77
C GLY A 101 2.55 48.14 -12.19
N LYS A 102 2.69 47.39 -13.28
CA LYS A 102 1.60 46.55 -13.79
C LYS A 102 1.67 45.13 -13.24
N LEU A 103 2.87 44.72 -12.82
CA LEU A 103 3.04 43.43 -12.17
C LEU A 103 3.77 43.61 -10.85
N PHE A 104 3.26 42.97 -9.81
CA PHE A 104 3.99 42.94 -8.53
C PHE A 104 4.30 41.51 -8.13
N ILE A 105 5.59 41.18 -8.10
CA ILE A 105 5.99 39.89 -7.57
C ILE A 105 6.15 39.99 -6.05
N LEU A 106 5.27 39.33 -5.32
CA LEU A 106 5.31 39.35 -3.86
C LEU A 106 6.18 38.21 -3.37
N ASP A 107 7.29 38.55 -2.75
CA ASP A 107 8.27 37.56 -2.32
C ASP A 107 7.95 37.06 -0.92
N ALA A 108 7.45 35.83 -0.85
CA ALA A 108 7.20 35.18 0.43
C ALA A 108 8.14 33.99 0.58
N SER A 109 9.19 33.95 -0.25
CA SER A 109 10.15 32.85 -0.21
C SER A 109 11.06 32.95 1.01
N PRO A 110 11.43 31.80 1.60
CA PRO A 110 12.21 31.76 2.84
C PRO A 110 13.66 32.17 2.69
N ASP A 111 14.22 32.74 3.75
CA ASP A 111 15.62 33.16 3.80
C ASP A 111 16.52 31.97 4.16
N PRO A 112 17.51 31.67 3.30
CA PRO A 112 18.51 30.65 3.59
C PRO A 112 19.34 30.97 4.83
N ASP A 122 1.04 33.55 10.53
CA ASP A 122 1.77 33.55 9.26
C ASP A 122 0.83 33.77 8.10
N LEU A 123 -0.25 33.00 8.07
CA LEU A 123 -1.22 33.04 6.98
C LEU A 123 -2.01 34.34 7.01
N SER A 124 -2.42 34.75 8.21
CA SER A 124 -3.12 36.01 8.39
C SER A 124 -2.24 37.18 7.93
N ALA A 125 -0.95 37.09 8.21
CA ALA A 125 0.00 38.13 7.82
C ALA A 125 0.13 38.18 6.30
N LEU A 126 0.31 37.01 5.71
CA LEU A 126 0.43 36.88 4.26
C LEU A 126 -0.78 37.48 3.54
N ILE A 127 -1.97 37.21 4.07
CA ILE A 127 -3.20 37.69 3.43
C ILE A 127 -3.24 39.21 3.42
N GLU A 128 -2.85 39.83 4.54
CA GLU A 128 -2.79 41.29 4.59
C GLU A 128 -1.79 41.81 3.58
N ARG A 129 -0.63 41.15 3.49
CA ARG A 129 0.37 41.50 2.48
C ARG A 129 -0.22 41.45 1.08
N ILE A 130 -0.90 40.35 0.76
CA ILE A 130 -1.51 40.17 -0.56
C ILE A 130 -2.59 41.22 -0.79
N ASN A 131 -3.41 41.48 0.23
CA ASN A 131 -4.46 42.48 0.09
C ASN A 131 -3.87 43.87 -0.18
N TYR A 132 -2.81 44.20 0.56
CA TYR A 132 -2.14 45.49 0.39
C TYR A 132 -1.65 45.63 -1.05
N ALA A 133 -1.00 44.58 -1.56
CA ALA A 133 -0.49 44.57 -2.92
C ALA A 133 -1.61 44.70 -3.96
N ILE A 134 -2.72 44.01 -3.73
CA ILE A 134 -3.86 44.06 -4.64
C ILE A 134 -4.40 45.49 -4.73
N GLN A 135 -4.58 46.13 -3.57
CA GLN A 135 -5.09 47.49 -3.55
C GLN A 135 -4.11 48.48 -4.16
N LYS A 136 -2.82 48.29 -3.87
CA LYS A 136 -1.81 49.22 -4.36
C LYS A 136 -1.72 49.21 -5.89
N TYR A 137 -1.85 48.03 -6.51
CA TYR A 137 -1.55 47.91 -7.93
C TYR A 137 -2.78 47.74 -8.86
N ARG A 138 -3.98 48.00 -8.34
CA ARG A 138 -5.23 47.89 -9.11
C ARG A 138 -5.46 46.45 -9.64
N ALA A 139 -4.84 45.49 -8.95
CA ALA A 139 -4.74 44.12 -9.44
C ALA A 139 -6.07 43.37 -9.47
N ARG A 140 -6.39 42.82 -10.64
CA ARG A 140 -7.54 41.96 -10.84
C ARG A 140 -7.15 40.48 -10.68
N ARG A 141 -5.94 40.16 -11.12
CA ARG A 141 -5.48 38.78 -11.19
C ARG A 141 -4.38 38.50 -10.19
N VAL A 142 -4.49 37.34 -9.52
CA VAL A 142 -3.52 36.92 -8.52
C VAL A 142 -3.08 35.50 -8.83
N SER A 143 -1.79 35.25 -8.77
CA SER A 143 -1.30 33.86 -8.84
C SER A 143 -0.49 33.56 -7.58
N ILE A 144 -0.77 32.42 -6.97
CA ILE A 144 -0.06 32.01 -5.78
C ILE A 144 0.67 30.70 -6.08
N ASP A 145 1.99 30.70 -5.94
N ASP A 145 2.00 30.71 -6.06
CA ASP A 145 2.82 29.58 -6.39
CA ASP A 145 2.74 29.55 -6.52
C ASP A 145 3.96 29.30 -5.41
C ASP A 145 3.03 28.59 -5.38
N SER A 146 3.84 28.23 -4.60
N SER A 146 2.49 27.38 -5.50
CA SER A 146 2.69 27.34 -4.60
CA SER A 146 2.69 26.32 -4.51
C SER A 146 2.08 27.25 -3.21
C SER A 146 2.32 26.76 -3.10
N ASP A 155 1.91 17.46 9.60
CA ASP A 155 1.13 17.82 8.43
C ASP A 155 -0.20 17.09 8.41
N ALA A 156 -1.17 17.58 9.19
CA ALA A 156 -2.50 16.98 9.18
C ALA A 156 -3.29 17.45 7.96
N PRO A 157 -3.90 16.50 7.23
CA PRO A 157 -4.80 16.87 6.13
C PRO A 157 -5.93 17.76 6.62
N SER A 158 -6.39 17.49 7.84
CA SER A 158 -7.43 18.30 8.46
C SER A 158 -7.04 19.78 8.61
N VAL A 159 -5.79 20.06 8.97
CA VAL A 159 -5.39 21.45 9.19
C VAL A 159 -5.11 22.13 7.86
N VAL A 160 -4.55 21.39 6.91
CA VAL A 160 -4.34 21.90 5.56
C VAL A 160 -5.69 22.30 4.96
N ARG A 161 -6.68 21.44 5.16
CA ARG A 161 -8.02 21.67 4.62
C ARG A 161 -8.61 22.95 5.18
N ARG A 162 -8.54 23.11 6.50
CA ARG A 162 -9.13 24.28 7.13
C ARG A 162 -8.32 25.54 6.83
N GLU A 163 -7.03 25.39 6.61
CA GLU A 163 -6.18 26.54 6.32
C GLU A 163 -6.35 27.02 4.88
N LEU A 164 -6.40 26.07 3.95
CA LEU A 164 -6.63 26.38 2.54
C LEU A 164 -8.03 26.98 2.37
N PHE A 165 -9.00 26.45 3.11
CA PHE A 165 -10.34 27.02 3.06
C PHE A 165 -10.34 28.50 3.42
N ARG A 166 -9.60 28.87 4.46
CA ARG A 166 -9.59 30.26 4.90
C ARG A 166 -8.95 31.15 3.85
N LEU A 167 -7.89 30.63 3.22
CA LEU A 167 -7.19 31.38 2.20
C LEU A 167 -8.11 31.65 1.00
N VAL A 168 -8.79 30.61 0.54
CA VAL A 168 -9.76 30.76 -0.54
C VAL A 168 -10.83 31.79 -0.16
N ALA A 169 -11.32 31.72 1.08
CA ALA A 169 -12.41 32.59 1.51
C ALA A 169 -12.03 34.07 1.52
N ARG A 170 -10.82 34.38 2.00
CA ARG A 170 -10.46 35.79 2.10
C ARG A 170 -10.10 36.37 0.74
N LEU A 171 -9.52 35.55 -0.13
CA LEU A 171 -9.26 35.98 -1.51
C LEU A 171 -10.57 36.28 -2.23
N LYS A 172 -11.58 35.47 -1.93
CA LYS A 172 -12.93 35.69 -2.43
C LYS A 172 -13.47 37.06 -2.04
N GLN A 173 -13.23 37.47 -0.78
CA GLN A 173 -13.85 38.71 -0.33
C GLN A 173 -13.20 39.92 -0.97
N ILE A 174 -11.90 39.83 -1.21
CA ILE A 174 -11.16 40.89 -1.89
C ILE A 174 -11.60 41.02 -3.36
N GLY A 175 -12.15 39.94 -3.92
CA GLY A 175 -12.59 39.95 -5.30
C GLY A 175 -11.51 39.56 -6.29
N ALA A 176 -10.41 39.05 -5.77
CA ALA A 176 -9.33 38.53 -6.60
C ALA A 176 -9.81 37.33 -7.44
N THR A 177 -9.34 37.24 -8.67
CA THR A 177 -9.46 35.99 -9.43
C THR A 177 -8.08 35.34 -9.40
N THR A 178 -8.00 34.17 -8.77
CA THR A 178 -6.73 33.59 -8.34
C THR A 178 -6.41 32.22 -8.90
N VAL A 179 -5.20 32.09 -9.43
CA VAL A 179 -4.65 30.77 -9.71
C VAL A 179 -3.76 30.33 -8.55
N MET A 180 -4.04 29.18 -7.93
CA MET A 180 -3.12 28.68 -6.93
C MET A 180 -2.60 27.30 -7.28
N THR A 181 -1.27 27.18 -7.40
CA THR A 181 -0.69 25.90 -7.81
C THR A 181 -0.48 24.98 -6.61
N THR A 182 -0.59 23.68 -6.85
CA THR A 182 -0.17 22.68 -5.86
C THR A 182 0.59 21.56 -6.51
N GLU A 183 1.35 20.87 -5.67
CA GLU A 183 2.13 19.74 -6.08
C GLU A 183 1.35 18.44 -5.88
N ARG A 184 1.65 17.45 -6.71
CA ARG A 184 1.13 16.10 -6.51
C ARG A 184 2.24 15.20 -6.96
N ILE A 185 2.22 13.95 -6.49
CA ILE A 185 3.35 13.07 -6.76
C ILE A 185 3.02 11.93 -7.73
N GLU A 186 1.75 11.80 -8.09
CA GLU A 186 1.36 10.77 -9.04
C GLU A 186 0.48 11.34 -10.14
N GLU A 187 0.69 10.87 -11.37
CA GLU A 187 -0.07 11.34 -12.52
C GLU A 187 -1.55 10.96 -12.41
N TYR A 188 -1.86 9.79 -11.86
CA TYR A 188 -3.26 9.39 -11.73
C TYR A 188 -3.66 9.06 -10.29
N GLY A 189 -2.94 9.65 -9.34
CA GLY A 189 -3.27 9.50 -7.93
C GLY A 189 -4.10 10.69 -7.45
N PRO A 190 -4.01 11.02 -6.14
CA PRO A 190 -4.76 12.15 -5.56
C PRO A 190 -4.58 13.44 -6.35
N ILE A 191 -5.57 14.33 -6.30
CA ILE A 191 -5.50 15.57 -7.06
C ILE A 191 -4.31 16.36 -6.58
N ALA A 192 -4.11 16.40 -5.27
CA ALA A 192 -2.98 17.11 -4.68
C ALA A 192 -2.40 16.30 -3.52
N ARG A 193 -1.45 16.88 -2.82
CA ARG A 193 -0.67 16.15 -1.82
C ARG A 193 -1.45 15.55 -0.65
N TYR A 194 -2.41 16.28 -0.10
CA TYR A 194 -3.01 15.83 1.16
C TYR A 194 -4.41 15.24 1.01
N GLY A 195 -4.88 15.13 -0.22
CA GLY A 195 -6.15 14.45 -0.48
C GLY A 195 -7.35 15.27 -0.06
N VAL A 196 -7.14 16.57 0.17
CA VAL A 196 -8.21 17.47 0.61
C VAL A 196 -8.34 18.72 -0.25
N GLU A 197 -7.27 19.08 -0.97
CA GLU A 197 -7.22 20.41 -1.60
C GLU A 197 -8.29 20.57 -2.67
N GLU A 198 -8.57 19.51 -3.40
CA GLU A 198 -9.56 19.55 -4.48
C GLU A 198 -10.97 19.77 -3.91
N PHE A 199 -11.23 19.28 -2.70
CA PHE A 199 -12.56 19.40 -2.10
C PHE A 199 -12.88 20.79 -1.56
N VAL A 200 -11.85 21.58 -1.22
CA VAL A 200 -12.10 22.94 -0.76
C VAL A 200 -11.93 23.99 -1.86
N SER A 201 -11.53 23.58 -3.06
CA SER A 201 -11.38 24.53 -4.17
C SER A 201 -12.69 24.63 -4.95
N ASP A 202 -13.02 25.82 -5.46
CA ASP A 202 -14.20 25.93 -6.32
C ASP A 202 -13.91 25.33 -7.70
N ASN A 203 -12.66 25.46 -8.11
CA ASN A 203 -12.22 25.11 -9.45
C ASN A 203 -10.95 24.30 -9.39
N VAL A 204 -10.84 23.25 -10.21
CA VAL A 204 -9.66 22.40 -10.17
C VAL A 204 -9.19 22.05 -11.58
N VAL A 205 -7.92 22.37 -11.84
CA VAL A 205 -7.24 22.04 -13.10
C VAL A 205 -6.06 21.11 -12.76
N ILE A 206 -5.94 20.02 -13.50
CA ILE A 206 -4.86 19.05 -13.32
C ILE A 206 -3.93 19.01 -14.54
N LEU A 207 -2.66 19.31 -14.31
CA LEU A 207 -1.63 19.20 -15.34
C LEU A 207 -0.91 17.88 -15.17
N ARG A 208 -0.88 17.08 -16.23
CA ARG A 208 -0.22 15.79 -16.15
C ARG A 208 0.94 15.69 -17.13
N ASN A 209 1.91 14.84 -16.79
CA ASN A 209 3.07 14.62 -17.66
C ASN A 209 3.28 13.12 -17.73
N VAL A 210 2.50 12.48 -18.59
CA VAL A 210 2.35 11.03 -18.48
C VAL A 210 3.43 10.27 -19.23
N LEU A 211 4.08 9.36 -18.53
CA LEU A 211 5.13 8.56 -19.14
C LEU A 211 4.59 7.22 -19.60
N GLU A 212 4.56 7.00 -20.91
CA GLU A 212 4.15 5.70 -21.45
C GLU A 212 5.08 5.23 -22.57
N GLY A 213 5.66 4.04 -22.39
CA GLY A 213 6.61 3.51 -23.35
C GLY A 213 7.77 4.46 -23.65
N GLU A 214 8.36 4.98 -22.57
CA GLU A 214 9.54 5.85 -22.64
C GLU A 214 9.27 7.23 -23.26
N ARG A 215 8.02 7.51 -23.61
CA ARG A 215 7.69 8.84 -24.11
C ARG A 215 6.78 9.60 -23.14
N ARG A 216 6.93 10.92 -23.09
CA ARG A 216 6.12 11.75 -22.19
C ARG A 216 5.03 12.44 -22.99
N ARG A 217 3.87 12.62 -22.36
CA ARG A 217 2.75 13.32 -23.00
C ARG A 217 2.13 14.33 -22.03
N ARG A 218 2.16 15.62 -22.36
CA ARG A 218 1.56 16.60 -21.46
C ARG A 218 0.04 16.67 -21.68
N THR A 219 -0.74 16.68 -20.61
CA THR A 219 -2.19 16.91 -20.77
C THR A 219 -2.71 17.85 -19.71
N LEU A 220 -3.76 18.58 -20.06
CA LEU A 220 -4.44 19.44 -19.11
C LEU A 220 -5.89 18.99 -19.00
N GLU A 221 -6.39 18.94 -17.77
CA GLU A 221 -7.78 18.60 -17.53
C GLU A 221 -8.42 19.59 -16.58
N ILE A 222 -9.58 20.10 -16.97
CA ILE A 222 -10.42 20.81 -16.01
C ILE A 222 -11.35 19.78 -15.38
N LEU A 223 -11.08 19.46 -14.12
CA LEU A 223 -11.81 18.41 -13.41
C LEU A 223 -13.16 18.93 -12.97
N LYS A 224 -13.18 20.18 -12.52
CA LYS A 224 -14.35 20.73 -11.86
C LYS A 224 -14.31 22.26 -11.91
N LEU A 225 -15.46 22.84 -12.22
CA LEU A 225 -15.69 24.27 -12.06
C LEU A 225 -17.08 24.39 -11.43
N ARG A 226 -17.16 24.72 -10.14
CA ARG A 226 -18.48 24.81 -9.50
C ARG A 226 -19.34 25.83 -10.21
N GLY A 227 -20.60 25.48 -10.46
CA GLY A 227 -21.55 26.46 -10.95
C GLY A 227 -21.50 26.75 -12.44
N THR A 228 -20.67 26.03 -13.20
CA THR A 228 -20.56 26.35 -14.61
C THR A 228 -20.08 25.16 -15.43
N SER A 229 -20.13 25.30 -16.76
CA SER A 229 -19.80 24.20 -17.64
C SER A 229 -18.32 24.23 -18.02
N HIS A 230 -17.84 23.12 -18.58
CA HIS A 230 -16.47 23.05 -19.08
C HIS A 230 -16.33 21.74 -19.85
N MET A 231 -15.38 21.66 -20.78
CA MET A 231 -15.06 20.41 -21.45
C MET A 231 -14.42 19.42 -20.47
N LYS A 232 -14.59 18.14 -20.75
CA LYS A 232 -14.24 17.09 -19.80
C LYS A 232 -13.07 16.25 -20.30
N GLY A 233 -12.31 15.70 -19.37
CA GLY A 233 -11.21 14.83 -19.71
C GLY A 233 -9.90 15.57 -20.00
N GLU A 234 -8.93 14.85 -20.53
CA GLU A 234 -7.60 15.40 -20.73
C GLU A 234 -7.45 15.94 -22.13
N TYR A 235 -6.75 17.07 -22.26
CA TYR A 235 -6.40 17.63 -23.55
C TYR A 235 -4.89 17.79 -23.61
N PRO A 236 -4.28 17.27 -24.69
CA PRO A 236 -2.82 17.32 -24.87
C PRO A 236 -2.36 18.76 -25.01
N PHE A 237 -1.19 19.08 -24.47
CA PHE A 237 -0.61 20.39 -24.72
C PHE A 237 0.89 20.27 -24.82
N THR A 238 1.53 21.33 -25.31
CA THR A 238 2.98 21.40 -25.34
C THR A 238 3.39 22.72 -24.71
N ILE A 239 4.65 22.75 -24.28
CA ILE A 239 5.25 23.96 -23.79
C ILE A 239 6.32 24.28 -24.84
N THR A 240 6.25 25.48 -25.39
CA THR A 240 7.18 25.89 -26.43
C THR A 240 7.64 27.30 -26.12
N ASP A 241 8.37 27.91 -27.05
CA ASP A 241 8.83 29.29 -26.91
C ASP A 241 7.70 30.30 -26.69
N HIS A 242 6.47 29.88 -26.98
CA HIS A 242 5.32 30.77 -26.82
C HIS A 242 4.49 30.40 -25.58
N GLY A 243 5.02 29.53 -24.74
CA GLY A 243 4.34 29.14 -23.52
C GLY A 243 3.48 27.91 -23.73
N ILE A 244 2.31 27.87 -23.09
CA ILE A 244 1.45 26.71 -23.18
C ILE A 244 0.58 26.78 -24.43
N ASN A 245 0.59 25.71 -25.21
CA ASN A 245 -0.34 25.57 -26.32
C ASN A 245 -1.18 24.32 -26.17
N ILE A 246 -2.47 24.51 -25.88
CA ILE A 246 -3.37 23.38 -25.69
C ILE A 246 -4.11 23.06 -26.96
N PHE A 247 -4.35 21.79 -27.21
CA PHE A 247 -5.07 21.38 -28.41
C PHE A 247 -6.39 20.73 -27.99
N PRO A 248 -7.48 21.53 -28.02
CA PRO A 248 -8.85 21.12 -27.67
C PRO A 248 -9.41 20.12 -28.66
N LEU A 249 -8.88 20.12 -29.88
CA LEU A 249 -9.20 19.08 -30.84
C LEU A 249 -7.99 18.16 -30.93
N GLN B 16 17.36 37.28 -22.68
CA GLN B 16 18.43 36.90 -21.76
C GLN B 16 18.13 35.57 -21.07
N ALA B 17 17.62 34.61 -21.84
CA ALA B 17 17.25 33.30 -21.30
C ALA B 17 18.47 32.57 -20.75
N ILE B 18 18.24 31.56 -19.92
CA ILE B 18 19.34 30.89 -19.21
C ILE B 18 20.25 30.12 -20.17
N ALA B 19 21.56 30.26 -19.95
CA ALA B 19 22.59 29.60 -20.75
C ALA B 19 23.01 28.25 -20.15
N LYS B 20 23.70 27.44 -20.95
CA LYS B 20 24.03 26.08 -20.54
C LYS B 20 25.51 25.80 -20.67
N MET B 21 26.00 24.92 -19.81
CA MET B 21 27.40 24.52 -19.80
C MET B 21 27.50 23.11 -20.36
N ARG B 22 28.40 22.89 -21.31
CA ARG B 22 28.47 21.56 -21.93
C ARG B 22 29.03 20.49 -20.98
N THR B 23 28.34 19.35 -20.89
CA THR B 23 28.85 18.24 -20.08
C THR B 23 29.88 17.43 -20.86
N MET B 24 29.79 17.47 -22.20
CA MET B 24 30.58 16.64 -23.10
C MET B 24 30.36 15.14 -22.89
N ILE B 25 29.33 14.81 -22.10
CA ILE B 25 28.89 13.42 -21.97
C ILE B 25 28.13 13.04 -23.22
N GLU B 26 28.66 12.07 -23.95
CA GLU B 26 28.18 11.70 -25.28
C GLU B 26 26.66 11.52 -25.30
N GLY B 27 25.96 12.36 -26.06
CA GLY B 27 24.51 12.27 -26.15
C GLY B 27 23.76 13.22 -25.22
N PHE B 28 24.36 13.58 -24.07
CA PHE B 28 23.62 14.37 -23.10
C PHE B 28 23.41 15.81 -23.55
N ASP B 29 24.40 16.40 -24.21
CA ASP B 29 24.27 17.82 -24.55
C ASP B 29 23.26 18.01 -25.69
N ASP B 30 23.02 16.95 -26.46
CA ASP B 30 21.93 16.95 -27.46
C ASP B 30 20.57 16.94 -26.75
N ILE B 31 20.38 15.99 -25.81
CA ILE B 31 19.13 15.84 -25.07
CA ILE B 31 19.12 15.84 -25.08
C ILE B 31 18.76 17.12 -24.33
N SER B 32 19.77 17.75 -23.73
CA SER B 32 19.56 18.94 -22.92
C SER B 32 19.64 20.23 -23.74
N HIS B 33 19.78 20.08 -25.05
CA HIS B 33 19.93 21.21 -25.95
C HIS B 33 21.02 22.17 -25.47
N GLY B 34 22.21 21.63 -25.19
CA GLY B 34 23.36 22.45 -24.89
C GLY B 34 24.11 22.13 -23.60
N GLY B 35 23.49 21.37 -22.72
CA GLY B 35 24.13 20.99 -21.47
C GLY B 35 23.32 21.40 -20.24
N LEU B 36 24.00 21.55 -19.11
CA LEU B 36 23.32 21.89 -17.86
C LEU B 36 23.22 23.39 -17.69
N PRO B 37 22.05 23.87 -17.23
CA PRO B 37 21.87 25.29 -16.97
C PRO B 37 22.93 25.84 -16.01
N ILE B 38 23.64 26.89 -16.43
CA ILE B 38 24.75 27.44 -15.66
C ILE B 38 24.29 28.10 -14.37
N GLY B 39 25.03 27.90 -13.29
CA GLY B 39 24.77 28.64 -12.05
C GLY B 39 23.63 28.03 -11.24
N ARG B 40 23.20 26.84 -11.65
CA ARG B 40 22.09 26.15 -11.01
C ARG B 40 22.41 24.71 -10.70
N SER B 41 21.54 24.08 -9.93
CA SER B 41 21.77 22.71 -9.51
C SER B 41 20.85 21.79 -10.29
N THR B 42 21.39 20.64 -10.69
CA THR B 42 20.63 19.59 -11.33
C THR B 42 20.58 18.34 -10.46
N LEU B 43 19.38 17.92 -10.10
CA LEU B 43 19.19 16.66 -9.38
C LEU B 43 19.36 15.49 -10.34
N VAL B 44 20.14 14.50 -9.93
CA VAL B 44 20.29 13.28 -10.71
C VAL B 44 19.92 12.13 -9.81
N SER B 45 18.73 11.59 -9.99
CA SER B 45 18.21 10.57 -9.08
CA SER B 45 18.20 10.57 -9.08
C SER B 45 18.18 9.20 -9.75
N GLY B 46 18.40 8.15 -8.97
CA GLY B 46 18.35 6.80 -9.50
C GLY B 46 18.40 5.72 -8.44
N THR B 47 17.93 4.53 -8.79
CA THR B 47 18.08 3.38 -7.91
C THR B 47 19.56 2.99 -7.81
N SER B 48 19.87 1.92 -7.11
CA SER B 48 21.25 1.54 -6.83
CA SER B 48 21.27 1.60 -6.85
C SER B 48 22.01 1.14 -8.11
N GLY B 49 23.22 1.64 -8.27
CA GLY B 49 24.05 1.23 -9.40
C GLY B 49 23.52 1.66 -10.75
N THR B 50 22.85 2.81 -10.80
CA THR B 50 22.27 3.38 -12.04
C THR B 50 23.23 4.29 -12.79
N GLY B 51 24.32 4.68 -12.13
CA GLY B 51 25.30 5.52 -12.79
C GLY B 51 25.34 6.95 -12.26
N LYS B 52 24.75 7.19 -11.09
CA LYS B 52 24.71 8.54 -10.51
C LYS B 52 26.10 9.11 -10.22
N THR B 53 26.95 8.33 -9.57
CA THR B 53 28.30 8.82 -9.26
C THR B 53 29.08 9.03 -10.56
N LEU B 54 28.92 8.10 -11.48
CA LEU B 54 29.65 8.17 -12.75
C LEU B 54 29.29 9.46 -13.50
N PHE B 55 27.99 9.74 -13.63
CA PHE B 55 27.51 10.99 -14.22
C PHE B 55 28.12 12.21 -13.53
N SER B 56 28.12 12.23 -12.19
CA SER B 56 28.64 13.39 -11.47
CA SER B 56 28.66 13.37 -11.44
C SER B 56 30.16 13.52 -11.63
N ILE B 57 30.86 12.40 -11.76
CA ILE B 57 32.32 12.44 -11.94
C ILE B 57 32.66 12.88 -13.36
N GLN B 58 31.92 12.35 -14.32
CA GLN B 58 32.19 12.62 -15.73
C GLN B 58 31.98 14.10 -16.03
N PHE B 59 30.98 14.69 -15.37
CA PHE B 59 30.73 16.14 -15.44
C PHE B 59 31.94 16.96 -15.02
N LEU B 60 32.54 16.61 -13.88
CA LEU B 60 33.71 17.32 -13.44
C LEU B 60 34.92 17.00 -14.33
N TYR B 61 35.07 15.73 -14.70
CA TYR B 61 36.24 15.29 -15.44
C TYR B 61 36.31 15.99 -16.79
N ASN B 62 35.18 16.05 -17.48
CA ASN B 62 35.12 16.69 -18.79
C ASN B 62 35.32 18.19 -18.67
N GLY B 63 34.80 18.80 -17.60
CA GLY B 63 35.01 20.22 -17.38
C GLY B 63 36.49 20.56 -17.28
N ILE B 64 37.21 19.72 -16.53
CA ILE B 64 38.65 19.89 -16.36
C ILE B 64 39.41 19.63 -17.67
N ILE B 65 39.19 18.46 -18.26
CA ILE B 65 39.94 18.03 -19.44
C ILE B 65 39.60 18.88 -20.67
N GLU B 66 38.33 19.22 -20.86
CA GLU B 66 37.94 19.93 -22.08
C GLU B 66 37.99 21.45 -21.96
N PHE B 67 37.68 22.00 -20.80
CA PHE B 67 37.53 23.45 -20.68
C PHE B 67 38.44 24.06 -19.63
N ASP B 68 39.24 23.22 -18.97
CA ASP B 68 40.11 23.65 -17.90
C ASP B 68 39.28 24.35 -16.82
N GLU B 69 38.09 23.84 -16.57
CA GLU B 69 37.25 24.36 -15.49
C GLU B 69 37.37 23.43 -14.29
N PRO B 70 37.92 23.93 -13.19
CA PRO B 70 38.15 23.07 -12.02
C PRO B 70 36.86 22.64 -11.37
N GLY B 71 36.91 21.54 -10.64
CA GLY B 71 35.72 20.92 -10.10
C GLY B 71 35.92 20.53 -8.65
N VAL B 72 34.82 20.55 -7.90
CA VAL B 72 34.80 20.04 -6.54
C VAL B 72 33.81 18.90 -6.45
N PHE B 73 34.29 17.78 -5.93
CA PHE B 73 33.45 16.61 -5.72
C PHE B 73 33.25 16.41 -4.22
N VAL B 74 32.00 16.44 -3.80
CA VAL B 74 31.63 16.28 -2.38
C VAL B 74 31.05 14.91 -2.15
N THR B 75 31.75 14.10 -1.36
CA THR B 75 31.34 12.72 -1.14
C THR B 75 30.88 12.57 0.32
N PHE B 76 29.77 11.87 0.51
CA PHE B 76 29.18 11.71 1.83
C PHE B 76 29.34 10.30 2.38
N GLU B 77 29.63 9.34 1.51
CA GLU B 77 29.84 7.98 1.97
C GLU B 77 31.14 7.38 1.43
N GLU B 78 31.26 7.32 0.11
CA GLU B 78 32.47 6.77 -0.52
C GLU B 78 33.71 7.59 -0.15
N THR B 79 34.81 6.92 0.19
CA THR B 79 36.04 7.63 0.46
C THR B 79 36.64 8.16 -0.86
N PRO B 80 37.43 9.24 -0.78
CA PRO B 80 38.18 9.73 -1.94
C PRO B 80 38.99 8.64 -2.61
N GLN B 81 39.65 7.81 -1.81
CA GLN B 81 40.45 6.70 -2.33
C GLN B 81 39.63 5.75 -3.21
N ASP B 82 38.42 5.42 -2.77
CA ASP B 82 37.57 4.54 -3.54
C ASP B 82 37.01 5.23 -4.79
N ILE B 83 36.66 6.51 -4.68
CA ILE B 83 36.22 7.30 -5.84
C ILE B 83 37.29 7.29 -6.93
N ILE B 84 38.53 7.56 -6.50
CA ILE B 84 39.67 7.54 -7.39
C ILE B 84 39.85 6.13 -7.97
N LYS B 85 39.86 5.13 -7.10
CA LYS B 85 40.03 3.74 -7.54
C LYS B 85 38.96 3.35 -8.56
N ASN B 86 37.72 3.66 -8.24
CA ASN B 86 36.65 3.28 -9.14
C ASN B 86 36.72 4.01 -10.48
N ALA B 87 37.15 5.26 -10.49
CA ALA B 87 37.27 6.01 -11.75
C ALA B 87 38.36 5.46 -12.68
N ARG B 88 39.31 4.70 -12.14
CA ARG B 88 40.31 4.05 -13.01
C ARG B 88 39.67 3.01 -13.92
N SER B 89 38.45 2.58 -13.60
CA SER B 89 37.69 1.69 -14.47
C SER B 89 37.41 2.31 -15.84
N PHE B 90 37.50 3.64 -15.90
CA PHE B 90 37.12 4.37 -17.10
C PHE B 90 38.36 5.01 -17.71
N GLY B 91 39.53 4.63 -17.20
CA GLY B 91 40.78 5.17 -17.72
C GLY B 91 41.04 6.60 -17.29
N TRP B 92 40.36 7.03 -16.22
CA TRP B 92 40.55 8.38 -15.70
C TRP B 92 41.47 8.35 -14.47
N ASP B 93 42.46 9.24 -14.48
CA ASP B 93 43.38 9.39 -13.36
C ASP B 93 42.97 10.62 -12.53
N LEU B 94 42.08 10.42 -11.57
CA LEU B 94 41.61 11.54 -10.77
C LEU B 94 42.66 11.95 -9.75
N ALA B 95 43.52 11.01 -9.35
CA ALA B 95 44.62 11.34 -8.42
C ALA B 95 45.51 12.41 -9.04
N LYS B 96 45.79 12.27 -10.33
CA LYS B 96 46.59 13.29 -11.03
C LYS B 96 45.90 14.68 -11.04
N LEU B 97 44.62 14.70 -11.41
CA LEU B 97 43.87 15.96 -11.45
C LEU B 97 43.82 16.64 -10.08
N VAL B 98 43.65 15.85 -9.01
CA VAL B 98 43.74 16.39 -7.64
C VAL B 98 45.13 16.96 -7.39
N ASP B 99 46.14 16.19 -7.78
CA ASP B 99 47.52 16.62 -7.53
C ASP B 99 47.85 17.92 -8.25
N GLU B 100 47.23 18.14 -9.41
CA GLU B 100 47.46 19.34 -10.20
C GLU B 100 46.64 20.52 -9.72
N GLY B 101 45.74 20.25 -8.77
CA GLY B 101 44.87 21.28 -8.22
C GLY B 101 43.67 21.59 -9.10
N LYS B 102 43.34 20.70 -10.04
CA LYS B 102 42.21 20.90 -10.96
C LYS B 102 40.92 20.34 -10.36
N LEU B 103 41.08 19.32 -9.52
CA LEU B 103 39.96 18.66 -8.88
C LEU B 103 40.21 18.63 -7.39
N PHE B 104 39.16 18.81 -6.60
CA PHE B 104 39.23 18.58 -5.16
C PHE B 104 38.10 17.65 -4.77
N ILE B 105 38.45 16.54 -4.12
CA ILE B 105 37.47 15.64 -3.57
C ILE B 105 37.30 16.00 -2.10
N LEU B 106 36.14 16.55 -1.76
CA LEU B 106 35.88 17.04 -0.41
C LEU B 106 35.25 15.88 0.38
N ASP B 107 35.95 15.40 1.39
CA ASP B 107 35.50 14.22 2.12
C ASP B 107 34.53 14.62 3.25
N ALA B 108 33.25 14.43 3.01
CA ALA B 108 32.27 14.63 4.07
C ALA B 108 31.70 13.29 4.51
N SER B 109 32.46 12.22 4.27
CA SER B 109 32.00 10.88 4.66
C SER B 109 32.33 10.65 6.15
N PRO B 110 31.46 9.89 6.84
CA PRO B 110 31.62 9.72 8.29
C PRO B 110 32.73 8.77 8.68
N ASP B 111 33.29 8.98 9.87
CA ASP B 111 34.30 8.09 10.42
C ASP B 111 33.67 6.74 10.77
N PRO B 112 34.22 5.65 10.21
CA PRO B 112 33.77 4.28 10.46
C PRO B 112 33.53 3.97 11.94
N PHE B 121 23.65 16.65 11.96
CA PHE B 121 24.44 17.18 10.86
C PHE B 121 24.23 18.68 10.68
N ASP B 122 25.34 19.43 10.56
CA ASP B 122 25.27 20.87 10.33
C ASP B 122 25.47 21.22 8.86
N LEU B 123 24.35 21.50 8.20
CA LEU B 123 24.36 21.89 6.79
C LEU B 123 25.13 23.18 6.56
N SER B 124 25.01 24.12 7.49
CA SER B 124 25.71 25.40 7.39
C SER B 124 27.21 25.20 7.30
N ALA B 125 27.75 24.34 8.15
CA ALA B 125 29.19 24.07 8.15
C ALA B 125 29.60 23.47 6.81
N LEU B 126 28.81 22.54 6.31
CA LEU B 126 29.08 21.88 5.05
C LEU B 126 29.15 22.91 3.92
N ILE B 127 28.17 23.80 3.89
CA ILE B 127 28.10 24.83 2.86
C ILE B 127 29.34 25.72 2.90
N GLU B 128 29.82 26.03 4.10
CA GLU B 128 31.02 26.85 4.25
C GLU B 128 32.26 26.13 3.71
N ARG B 129 32.33 24.84 3.92
CA ARG B 129 33.43 24.05 3.39
C ARG B 129 33.39 24.00 1.86
N ILE B 130 32.20 23.90 1.29
CA ILE B 130 32.06 23.85 -0.16
C ILE B 130 32.45 25.23 -0.75
N ASN B 131 31.99 26.28 -0.11
CA ASN B 131 32.34 27.63 -0.54
C ASN B 131 33.84 27.86 -0.49
N TYR B 132 34.46 27.39 0.60
CA TYR B 132 35.90 27.51 0.75
C TYR B 132 36.64 26.77 -0.39
N ALA B 133 36.19 25.56 -0.70
CA ALA B 133 36.83 24.78 -1.75
C ALA B 133 36.64 25.43 -3.12
N ILE B 134 35.45 25.95 -3.38
CA ILE B 134 35.19 26.59 -4.66
C ILE B 134 36.12 27.77 -4.82
N GLN B 135 36.31 28.55 -3.75
CA GLN B 135 37.19 29.71 -3.82
C GLN B 135 38.66 29.30 -3.98
N LYS B 136 39.05 28.30 -3.20
CA LYS B 136 40.43 27.82 -3.19
C LYS B 136 40.88 27.30 -4.57
N TYR B 137 40.01 26.52 -5.21
CA TYR B 137 40.34 25.88 -6.48
C TYR B 137 39.77 26.64 -7.70
N ARG B 138 39.09 27.76 -7.44
CA ARG B 138 38.42 28.52 -8.50
C ARG B 138 37.53 27.61 -9.32
N ALA B 139 36.73 26.79 -8.64
CA ALA B 139 35.92 25.78 -9.30
C ALA B 139 34.67 26.39 -9.93
N ARG B 140 34.31 25.88 -11.11
CA ARG B 140 33.13 26.31 -11.82
C ARG B 140 32.07 25.22 -11.69
N ARG B 141 32.53 24.01 -11.40
CA ARG B 141 31.66 22.84 -11.38
C ARG B 141 31.73 22.12 -10.05
N VAL B 142 30.57 21.68 -9.58
CA VAL B 142 30.44 21.01 -8.30
C VAL B 142 29.54 19.80 -8.45
N SER B 143 29.96 18.68 -7.87
CA SER B 143 29.10 17.53 -7.77
C SER B 143 28.97 17.15 -6.28
N ILE B 144 27.76 16.82 -5.88
CA ILE B 144 27.46 16.46 -4.50
C ILE B 144 26.79 15.09 -4.53
N ASP B 145 27.47 14.13 -3.93
N ASP B 145 27.48 14.08 -4.04
CA ASP B 145 27.09 12.72 -4.02
CA ASP B 145 27.01 12.71 -4.21
C ASP B 145 27.25 12.02 -2.67
C ASP B 145 26.13 12.28 -3.03
N SER B 146 26.15 11.77 -1.95
N SER B 146 24.82 12.33 -3.24
CA SER B 146 24.81 12.09 -2.42
CA SER B 146 23.84 11.98 -2.21
C SER B 146 24.08 12.97 -1.41
C SER B 146 24.11 12.65 -0.87
N ASP B 155 14.34 13.52 9.20
CA ASP B 155 13.36 12.46 9.04
C ASP B 155 12.11 12.97 8.32
N ALA B 156 11.78 14.23 8.57
CA ALA B 156 10.58 14.83 7.97
C ALA B 156 10.88 15.46 6.61
N PRO B 157 10.01 15.20 5.63
CA PRO B 157 10.11 15.79 4.29
C PRO B 157 10.18 17.32 4.34
N SER B 158 9.40 17.92 5.23
CA SER B 158 9.44 19.37 5.42
C SER B 158 10.83 19.84 5.86
N VAL B 159 11.49 19.04 6.69
CA VAL B 159 12.87 19.38 7.10
C VAL B 159 13.81 19.20 5.91
N VAL B 160 13.68 18.08 5.22
CA VAL B 160 14.48 17.79 4.05
C VAL B 160 14.29 18.85 2.98
N ARG B 161 13.04 19.23 2.74
CA ARG B 161 12.73 20.24 1.74
C ARG B 161 13.41 21.56 2.08
N ARG B 162 13.38 21.91 3.36
CA ARG B 162 13.92 23.17 3.79
C ARG B 162 15.44 23.17 3.72
N GLU B 163 16.05 22.06 4.10
CA GLU B 163 17.50 21.97 4.07
C GLU B 163 18.01 21.97 2.61
N LEU B 164 17.35 21.19 1.76
CA LEU B 164 17.77 21.11 0.36
C LEU B 164 17.63 22.47 -0.31
N PHE B 165 16.52 23.14 -0.04
CA PHE B 165 16.28 24.46 -0.62
C PHE B 165 17.40 25.43 -0.23
N ARG B 166 17.78 25.39 1.03
CA ARG B 166 18.89 26.18 1.55
C ARG B 166 20.22 25.92 0.83
N LEU B 167 20.55 24.64 0.69
CA LEU B 167 21.75 24.23 -0.03
C LEU B 167 21.72 24.70 -1.49
N VAL B 168 20.60 24.47 -2.18
CA VAL B 168 20.43 24.93 -3.57
C VAL B 168 20.60 26.45 -3.68
N ALA B 169 19.91 27.20 -2.82
CA ALA B 169 20.00 28.66 -2.83
C ALA B 169 21.42 29.14 -2.61
N ARG B 170 22.14 28.49 -1.71
CA ARG B 170 23.48 28.98 -1.39
C ARG B 170 24.46 28.68 -2.52
N LEU B 171 24.34 27.53 -3.17
CA LEU B 171 25.21 27.22 -4.31
C LEU B 171 24.98 28.21 -5.47
N LYS B 172 23.71 28.55 -5.68
CA LYS B 172 23.33 29.57 -6.68
C LYS B 172 23.98 30.95 -6.41
N GLN B 173 23.93 31.42 -5.16
CA GLN B 173 24.56 32.71 -4.83
C GLN B 173 26.08 32.67 -5.05
N ILE B 174 26.69 31.53 -4.79
CA ILE B 174 28.12 31.33 -5.04
C ILE B 174 28.40 31.40 -6.53
N GLY B 175 27.51 30.84 -7.33
CA GLY B 175 27.70 30.82 -8.77
C GLY B 175 28.06 29.46 -9.37
N ALA B 176 28.10 28.44 -8.51
CA ALA B 176 28.40 27.08 -8.94
C ALA B 176 27.34 26.51 -9.89
N THR B 177 27.78 25.69 -10.84
CA THR B 177 26.90 24.81 -11.59
C THR B 177 27.03 23.44 -10.95
N THR B 178 25.93 22.89 -10.46
CA THR B 178 26.03 21.77 -9.54
C THR B 178 25.22 20.56 -10.01
N VAL B 179 25.83 19.39 -9.89
CA VAL B 179 25.12 18.13 -10.01
C VAL B 179 24.96 17.55 -8.61
N MET B 180 23.73 17.23 -8.20
CA MET B 180 23.56 16.54 -6.94
C MET B 180 22.73 15.28 -7.09
N THR B 181 23.27 14.18 -6.60
CA THR B 181 22.65 12.90 -6.81
C THR B 181 21.72 12.58 -5.66
N THR B 182 20.68 11.80 -5.93
CA THR B 182 19.83 11.31 -4.86
C THR B 182 19.43 9.91 -5.14
N GLU B 183 19.02 9.23 -4.09
CA GLU B 183 18.60 7.84 -4.22
C GLU B 183 17.07 7.76 -4.41
N ARG B 184 16.62 6.68 -5.05
CA ARG B 184 15.20 6.35 -5.11
C ARG B 184 15.11 4.83 -5.05
N ILE B 185 13.94 4.28 -4.78
CA ILE B 185 13.93 2.82 -4.60
C ILE B 185 13.07 2.08 -5.62
N GLU B 186 12.36 2.82 -6.47
CA GLU B 186 11.56 2.23 -7.53
C GLU B 186 11.85 2.90 -8.85
N GLU B 187 11.84 2.14 -9.95
CA GLU B 187 12.16 2.71 -11.26
C GLU B 187 11.06 3.67 -11.76
N TYR B 188 9.81 3.33 -11.49
CA TYR B 188 8.70 4.17 -11.96
C TYR B 188 7.86 4.66 -10.80
N GLY B 189 8.54 4.98 -9.71
CA GLY B 189 7.90 5.49 -8.50
C GLY B 189 8.28 6.95 -8.33
N PRO B 190 8.31 7.41 -7.08
CA PRO B 190 8.68 8.81 -6.83
C PRO B 190 10.08 9.13 -7.37
N ILE B 191 10.31 10.40 -7.66
CA ILE B 191 11.57 10.88 -8.20
C ILE B 191 12.73 10.61 -7.25
N ALA B 192 12.54 10.95 -5.99
CA ALA B 192 13.56 10.69 -4.99
C ALA B 192 12.91 10.15 -3.72
N ARG B 193 13.71 10.02 -2.67
CA ARG B 193 13.30 9.31 -1.46
C ARG B 193 12.22 10.02 -0.65
N TYR B 194 12.25 11.35 -0.59
CA TYR B 194 11.38 12.05 0.34
C TYR B 194 10.18 12.75 -0.29
N GLY B 195 10.05 12.66 -1.61
CA GLY B 195 8.89 13.21 -2.28
C GLY B 195 8.90 14.72 -2.35
N VAL B 196 10.04 15.33 -2.06
CA VAL B 196 10.10 16.78 -2.11
C VAL B 196 11.29 17.30 -2.92
N GLU B 197 12.28 16.44 -3.16
CA GLU B 197 13.54 16.91 -3.73
C GLU B 197 13.35 17.49 -5.13
N GLU B 198 12.46 16.89 -5.91
CA GLU B 198 12.27 17.30 -7.29
C GLU B 198 11.57 18.66 -7.40
N PHE B 199 10.87 19.05 -6.33
CA PHE B 199 10.14 20.31 -6.32
C PHE B 199 10.96 21.54 -5.88
N VAL B 200 12.08 21.35 -5.19
CA VAL B 200 12.93 22.49 -4.84
C VAL B 200 14.14 22.59 -5.77
N SER B 201 14.28 21.60 -6.65
CA SER B 201 15.35 21.57 -7.63
C SER B 201 14.93 22.31 -8.90
N ASP B 202 15.84 23.10 -9.47
CA ASP B 202 15.56 23.76 -10.75
C ASP B 202 15.52 22.75 -11.90
N ASN B 203 16.34 21.72 -11.80
CA ASN B 203 16.56 20.76 -12.87
C ASN B 203 16.55 19.33 -12.36
N VAL B 204 15.93 18.42 -13.10
CA VAL B 204 15.81 17.03 -12.68
C VAL B 204 16.11 16.05 -13.80
N VAL B 205 17.07 15.17 -13.52
CA VAL B 205 17.44 14.08 -14.40
C VAL B 205 17.17 12.79 -13.63
N ILE B 206 16.56 11.81 -14.29
CA ILE B 206 16.29 10.53 -13.67
C ILE B 206 17.03 9.43 -14.44
N LEU B 207 17.86 8.67 -13.72
CA LEU B 207 18.51 7.49 -14.30
C LEU B 207 17.72 6.27 -13.87
N ARG B 208 17.39 5.42 -14.84
CA ARG B 208 16.65 4.20 -14.57
C ARG B 208 17.45 2.98 -15.02
N ASN B 209 17.17 1.87 -14.36
CA ASN B 209 17.81 0.59 -14.64
C ASN B 209 16.71 -0.45 -14.60
N VAL B 210 15.91 -0.47 -15.66
CA VAL B 210 14.65 -1.20 -15.64
C VAL B 210 14.83 -2.67 -15.95
N LEU B 211 14.28 -3.51 -15.10
CA LEU B 211 14.35 -4.96 -15.30
C LEU B 211 13.08 -5.48 -15.93
N GLU B 212 13.17 -6.01 -17.14
CA GLU B 212 12.01 -6.58 -17.80
C GLU B 212 12.41 -7.85 -18.55
N GLY B 213 11.69 -8.92 -18.28
CA GLY B 213 11.97 -10.19 -18.93
C GLY B 213 13.41 -10.63 -18.69
N GLU B 214 13.85 -10.46 -17.44
CA GLU B 214 15.17 -10.89 -16.97
C GLU B 214 16.35 -10.12 -17.54
N ARG B 215 16.05 -9.07 -18.30
CA ARG B 215 17.10 -8.21 -18.85
C ARG B 215 16.99 -6.79 -18.30
N ARG B 216 18.14 -6.14 -18.07
CA ARG B 216 18.19 -4.75 -17.60
C ARG B 216 18.44 -3.80 -18.76
N ARG B 217 17.78 -2.65 -18.73
CA ARG B 217 17.95 -1.58 -19.73
C ARG B 217 18.15 -0.25 -19.02
N ARG B 218 19.27 0.43 -19.28
CA ARG B 218 19.52 1.71 -18.62
C ARG B 218 18.90 2.84 -19.43
N THR B 219 18.24 3.80 -18.77
CA THR B 219 17.74 4.96 -19.50
C THR B 219 18.01 6.23 -18.72
N LEU B 220 18.10 7.32 -19.46
CA LEU B 220 18.25 8.62 -18.84
C LEU B 220 17.10 9.50 -19.31
N GLU B 221 16.55 10.28 -18.39
CA GLU B 221 15.47 11.20 -18.72
C GLU B 221 15.74 12.58 -18.12
N ILE B 222 15.58 13.60 -18.94
CA ILE B 222 15.55 14.95 -18.41
C ILE B 222 14.09 15.24 -18.14
N LEU B 223 13.70 15.27 -16.87
CA LEU B 223 12.29 15.46 -16.51
C LEU B 223 11.92 16.93 -16.66
N LYS B 224 12.85 17.80 -16.26
CA LYS B 224 12.55 19.21 -16.07
C LYS B 224 13.82 20.03 -16.12
N LEU B 225 13.79 21.16 -16.84
CA LEU B 225 14.81 22.20 -16.78
C LEU B 225 14.09 23.54 -16.73
N ARG B 226 14.01 24.15 -15.56
CA ARG B 226 13.33 25.42 -15.40
C ARG B 226 13.85 26.49 -16.35
N GLY B 227 12.92 27.15 -17.03
CA GLY B 227 13.26 28.29 -17.88
C GLY B 227 14.03 27.97 -19.14
N THR B 228 14.00 26.72 -19.59
CA THR B 228 14.70 26.37 -20.82
C THR B 228 14.15 25.06 -21.39
N SER B 229 14.59 24.70 -22.59
CA SER B 229 14.05 23.56 -23.31
C SER B 229 14.91 22.31 -23.17
N HIS B 230 14.32 21.16 -23.48
CA HIS B 230 15.04 19.89 -23.45
C HIS B 230 14.19 18.80 -24.11
N MET B 231 14.84 17.75 -24.59
CA MET B 231 14.12 16.60 -25.13
C MET B 231 13.43 15.83 -24.00
N LYS B 232 12.33 15.17 -24.35
CA LYS B 232 11.45 14.55 -23.36
C LYS B 232 11.50 13.03 -23.39
N GLY B 233 11.20 12.41 -22.25
CA GLY B 233 11.12 10.96 -22.20
C GLY B 233 12.43 10.27 -21.90
N GLU B 234 12.45 8.95 -22.04
CA GLU B 234 13.62 8.16 -21.71
C GLU B 234 14.51 7.89 -22.90
N TYR B 235 15.83 8.03 -22.70
CA TYR B 235 16.82 7.69 -23.73
C TYR B 235 17.72 6.59 -23.21
N PRO B 236 17.92 5.53 -24.01
CA PRO B 236 18.77 4.42 -23.54
C PRO B 236 20.22 4.87 -23.39
N PHE B 237 20.93 4.30 -22.43
CA PHE B 237 22.36 4.57 -22.37
C PHE B 237 23.11 3.35 -21.89
N THR B 238 24.41 3.35 -22.11
CA THR B 238 25.24 2.28 -21.60
C THR B 238 26.36 2.91 -20.81
N ILE B 239 26.86 2.14 -19.86
CA ILE B 239 28.07 2.49 -19.16
C ILE B 239 29.20 1.66 -19.76
N THR B 240 30.18 2.35 -20.33
CA THR B 240 31.26 1.74 -21.09
C THR B 240 32.57 1.95 -20.38
N ASP B 241 33.66 1.46 -20.97
CA ASP B 241 35.02 1.69 -20.47
C ASP B 241 35.42 3.14 -20.55
N HIS B 242 34.59 3.95 -21.18
CA HIS B 242 34.93 5.35 -21.27
C HIS B 242 33.79 6.21 -20.73
N GLY B 243 32.92 5.57 -19.96
CA GLY B 243 31.93 6.29 -19.19
C GLY B 243 30.54 6.14 -19.79
N ILE B 244 29.70 7.14 -19.57
CA ILE B 244 28.33 7.07 -20.06
C ILE B 244 28.23 7.42 -21.54
N ASN B 245 27.48 6.63 -22.30
CA ASN B 245 27.12 6.95 -23.68
C ASN B 245 25.60 6.93 -23.85
N ILE B 246 25.01 8.07 -24.23
CA ILE B 246 23.54 8.13 -24.38
C ILE B 246 23.15 8.13 -25.87
N PHE B 247 22.15 7.32 -26.24
CA PHE B 247 21.76 7.10 -27.63
C PHE B 247 20.36 7.65 -27.96
N PRO B 248 20.02 7.80 -29.26
CA PRO B 248 18.67 8.20 -29.71
C PRO B 248 17.54 7.25 -29.26
N LEU B 249 16.33 7.79 -29.14
CA LEU B 249 15.18 7.05 -28.60
C LEU B 249 14.93 5.71 -29.29
N GLY B 250 14.42 4.75 -28.53
CA GLY B 250 14.18 3.41 -29.04
C GLY B 250 15.38 2.48 -28.85
N GLU C 14 46.19 0.63 -5.96
CA GLU C 14 47.23 1.05 -6.89
C GLU C 14 46.65 1.79 -8.09
N HIS C 15 47.42 1.86 -9.17
CA HIS C 15 47.01 2.63 -10.35
C HIS C 15 46.15 1.81 -11.30
N GLN C 16 45.77 0.61 -10.89
CA GLN C 16 44.94 -0.25 -11.72
C GLN C 16 43.48 -0.19 -11.28
N ALA C 17 42.59 -0.48 -12.21
CA ALA C 17 41.19 -0.71 -11.86
C ALA C 17 41.11 -1.89 -10.88
N ILE C 18 40.01 -2.00 -10.13
CA ILE C 18 39.95 -3.00 -9.07
C ILE C 18 40.08 -4.44 -9.63
N ALA C 19 40.85 -5.26 -8.93
CA ALA C 19 41.05 -6.67 -9.29
C ALA C 19 40.00 -7.56 -8.60
N LYS C 20 39.82 -8.77 -9.12
CA LYS C 20 38.79 -9.68 -8.61
C LYS C 20 39.34 -11.02 -8.14
N MET C 21 38.68 -11.63 -7.15
CA MET C 21 39.08 -12.98 -6.77
C MET C 21 38.04 -13.98 -7.23
N ARG C 22 38.52 -15.08 -7.79
CA ARG C 22 37.63 -16.09 -8.34
C ARG C 22 36.84 -16.80 -7.26
N THR C 23 35.53 -16.92 -7.47
CA THR C 23 34.69 -17.69 -6.55
C THR C 23 34.77 -19.18 -6.89
N MET C 24 35.00 -19.48 -8.17
CA MET C 24 34.99 -20.84 -8.70
C MET C 24 33.60 -21.45 -8.62
N ILE C 25 32.60 -20.61 -8.34
CA ILE C 25 31.21 -21.02 -8.43
C ILE C 25 30.87 -21.02 -9.91
N GLU C 26 30.55 -22.20 -10.44
CA GLU C 26 30.34 -22.38 -11.87
C GLU C 26 29.44 -21.30 -12.49
N GLY C 27 29.99 -20.58 -13.46
CA GLY C 27 29.22 -19.58 -14.18
C GLY C 27 29.31 -18.18 -13.56
N PHE C 28 29.60 -18.12 -12.26
CA PHE C 28 29.60 -16.83 -11.59
C PHE C 28 30.79 -15.97 -11.97
N ASP C 29 31.98 -16.57 -12.12
CA ASP C 29 33.14 -15.79 -12.48
C ASP C 29 33.01 -15.24 -13.91
N ASP C 30 32.19 -15.87 -14.74
CA ASP C 30 31.86 -15.34 -16.07
C ASP C 30 30.94 -14.11 -15.96
N ILE C 31 29.86 -14.27 -15.22
CA ILE C 31 28.90 -13.18 -14.98
C ILE C 31 29.58 -11.94 -14.37
N SER C 32 30.48 -12.17 -13.43
CA SER C 32 31.16 -11.07 -12.73
C SER C 32 32.44 -10.59 -13.42
N HIS C 33 32.72 -11.14 -14.61
CA HIS C 33 33.95 -10.89 -15.35
C HIS C 33 35.20 -11.01 -14.49
N GLY C 34 35.34 -12.12 -13.77
CA GLY C 34 36.56 -12.37 -13.03
C GLY C 34 36.38 -12.78 -11.57
N GLY C 35 35.20 -12.56 -10.99
CA GLY C 35 34.99 -12.89 -9.59
C GLY C 35 34.56 -11.70 -8.74
N LEU C 36 34.72 -11.82 -7.43
CA LEU C 36 34.31 -10.75 -6.52
C LEU C 36 35.42 -9.72 -6.39
N PRO C 37 35.08 -8.42 -6.44
CA PRO C 37 36.10 -7.38 -6.25
C PRO C 37 36.87 -7.54 -4.94
N ILE C 38 38.20 -7.54 -5.06
CA ILE C 38 39.08 -7.85 -3.95
C ILE C 38 39.07 -6.73 -2.90
N GLY C 39 39.01 -7.14 -1.63
CA GLY C 39 39.14 -6.21 -0.53
C GLY C 39 37.85 -5.48 -0.24
N ARG C 40 36.77 -5.91 -0.90
CA ARG C 40 35.48 -5.30 -0.73
C ARG C 40 34.41 -6.30 -0.35
N SER C 41 33.25 -5.78 0.05
CA SER C 41 32.09 -6.58 0.45
C SER C 41 31.03 -6.64 -0.65
N THR C 42 30.45 -7.83 -0.78
CA THR C 42 29.38 -8.06 -1.73
C THR C 42 28.13 -8.47 -0.97
N LEU C 43 27.07 -7.68 -1.12
CA LEU C 43 25.78 -8.01 -0.58
C LEU C 43 25.13 -9.10 -1.42
N VAL C 44 24.61 -10.13 -0.76
CA VAL C 44 23.88 -11.18 -1.47
C VAL C 44 22.49 -11.28 -0.83
N SER C 45 21.48 -10.78 -1.55
CA SER C 45 20.16 -10.67 -0.95
CA SER C 45 20.15 -10.67 -0.96
C SER C 45 19.18 -11.65 -1.59
N GLY C 46 18.23 -12.12 -0.79
CA GLY C 46 17.24 -13.03 -1.31
C GLY C 46 16.13 -13.36 -0.32
N THR C 47 14.98 -13.78 -0.85
CA THR C 47 13.90 -14.32 -0.05
C THR C 47 14.35 -15.63 0.63
N SER C 48 13.45 -16.26 1.38
CA SER C 48 13.87 -17.41 2.18
CA SER C 48 13.82 -17.42 2.18
C SER C 48 14.17 -18.64 1.31
N GLY C 49 15.27 -19.32 1.65
CA GLY C 49 15.65 -20.50 0.88
C GLY C 49 16.12 -20.25 -0.54
N THR C 50 16.75 -19.10 -0.79
CA THR C 50 17.19 -18.77 -2.14
C THR C 50 18.62 -19.23 -2.42
N GLY C 51 19.34 -19.65 -1.38
CA GLY C 51 20.70 -20.10 -1.56
C GLY C 51 21.74 -19.10 -1.08
N LYS C 52 21.33 -18.20 -0.20
CA LYS C 52 22.24 -17.21 0.35
C LYS C 52 23.39 -17.85 1.15
N THR C 53 23.04 -18.70 2.11
CA THR C 53 24.03 -19.37 2.96
C THR C 53 24.93 -20.28 2.10
N LEU C 54 24.31 -20.99 1.18
CA LEU C 54 25.02 -21.82 0.22
C LEU C 54 26.08 -21.01 -0.56
N PHE C 55 25.67 -19.88 -1.13
CA PHE C 55 26.61 -19.00 -1.84
C PHE C 55 27.76 -18.57 -0.93
N SER C 56 27.45 -18.16 0.29
CA SER C 56 28.51 -17.68 1.18
CA SER C 56 28.46 -17.72 1.26
C SER C 56 29.45 -18.80 1.65
N ILE C 57 28.94 -20.02 1.80
CA ILE C 57 29.76 -21.16 2.17
C ILE C 57 30.64 -21.61 1.01
N GLN C 58 30.07 -21.60 -0.19
CA GLN C 58 30.78 -22.10 -1.36
C GLN C 58 31.96 -21.20 -1.71
N PHE C 59 31.76 -19.90 -1.51
CA PHE C 59 32.81 -18.89 -1.63
C PHE C 59 34.01 -19.22 -0.71
N LEU C 60 33.75 -19.52 0.56
CA LEU C 60 34.85 -19.88 1.48
C LEU C 60 35.46 -21.22 1.15
N TYR C 61 34.59 -22.17 0.88
CA TYR C 61 35.02 -23.54 0.62
C TYR C 61 35.96 -23.60 -0.58
N ASN C 62 35.57 -22.96 -1.68
CA ASN C 62 36.41 -22.94 -2.88
C ASN C 62 37.71 -22.18 -2.64
N GLY C 63 37.66 -21.14 -1.79
CA GLY C 63 38.86 -20.40 -1.45
C GLY C 63 39.89 -21.31 -0.80
N ILE C 64 39.41 -22.12 0.14
CA ILE C 64 40.27 -23.05 0.85
C ILE C 64 40.80 -24.17 -0.06
N ILE C 65 39.89 -24.85 -0.75
CA ILE C 65 40.26 -26.01 -1.56
C ILE C 65 41.07 -25.65 -2.80
N GLU C 66 40.67 -24.60 -3.51
CA GLU C 66 41.29 -24.24 -4.79
C GLU C 66 42.53 -23.36 -4.64
N PHE C 67 42.55 -22.48 -3.65
CA PHE C 67 43.65 -21.53 -3.53
C PHE C 67 44.36 -21.56 -2.19
N ASP C 68 43.93 -22.46 -1.30
CA ASP C 68 44.49 -22.52 0.04
C ASP C 68 44.37 -21.14 0.71
N GLU C 69 43.24 -20.46 0.46
CA GLU C 69 42.96 -19.21 1.13
C GLU C 69 41.99 -19.47 2.30
N PRO C 70 42.46 -19.27 3.53
CA PRO C 70 41.58 -19.60 4.66
C PRO C 70 40.35 -18.69 4.72
N GLY C 71 39.33 -19.12 5.43
CA GLY C 71 38.07 -18.40 5.46
C GLY C 71 37.48 -18.27 6.85
N VAL C 72 36.74 -17.20 7.07
CA VAL C 72 36.00 -17.02 8.33
C VAL C 72 34.52 -16.89 7.99
N PHE C 73 33.70 -17.71 8.62
CA PHE C 73 32.25 -17.63 8.44
C PHE C 73 31.61 -17.11 9.73
N VAL C 74 30.87 -16.01 9.62
CA VAL C 74 30.24 -15.41 10.79
C VAL C 74 28.73 -15.69 10.73
N THR C 75 28.23 -16.45 11.69
CA THR C 75 26.81 -16.82 11.65
C THR C 75 26.02 -16.15 12.78
N PHE C 76 24.89 -15.54 12.42
CA PHE C 76 24.09 -14.81 13.39
C PHE C 76 22.85 -15.55 13.91
N GLU C 77 22.48 -16.67 13.30
CA GLU C 77 21.34 -17.46 13.78
C GLU C 77 21.58 -18.97 13.74
N GLU C 78 21.91 -19.52 12.58
CA GLU C 78 22.25 -20.94 12.50
C GLU C 78 23.45 -21.27 13.37
N THR C 79 23.37 -22.35 14.13
CA THR C 79 24.48 -22.79 14.93
C THR C 79 25.59 -23.30 14.02
N PRO C 80 26.84 -23.20 14.46
CA PRO C 80 27.95 -23.79 13.70
C PRO C 80 27.71 -25.26 13.34
N GLN C 81 27.09 -26.00 14.25
CA GLN C 81 26.91 -27.43 14.02
C GLN C 81 25.88 -27.70 12.92
N ASP C 82 24.88 -26.84 12.80
CA ASP C 82 23.92 -26.99 11.71
C ASP C 82 24.54 -26.52 10.38
N ILE C 83 25.34 -25.47 10.41
CA ILE C 83 26.03 -25.01 9.20
C ILE C 83 26.86 -26.16 8.62
N ILE C 84 27.63 -26.79 9.50
CA ILE C 84 28.47 -27.92 9.12
C ILE C 84 27.63 -29.11 8.64
N LYS C 85 26.58 -29.43 9.37
CA LYS C 85 25.71 -30.55 8.98
C LYS C 85 25.07 -30.31 7.61
N ASN C 86 24.51 -29.12 7.40
CA ASN C 86 23.82 -28.83 6.15
C ASN C 86 24.76 -28.81 4.96
N ALA C 87 26.01 -28.40 5.17
CA ALA C 87 26.98 -28.34 4.07
C ALA C 87 27.37 -29.72 3.51
N ARG C 88 27.12 -30.77 4.30
CA ARG C 88 27.35 -32.14 3.84
C ARG C 88 26.45 -32.46 2.65
N SER C 89 25.34 -31.73 2.54
CA SER C 89 24.44 -31.89 1.40
C SER C 89 25.15 -31.60 0.07
N PHE C 90 26.21 -30.78 0.12
CA PHE C 90 26.90 -30.38 -1.10
C PHE C 90 28.26 -31.07 -1.23
N GLY C 91 28.45 -32.10 -0.41
CA GLY C 91 29.66 -32.90 -0.46
C GLY C 91 30.86 -32.29 0.27
N TRP C 92 30.63 -31.28 1.10
CA TRP C 92 31.70 -30.58 1.79
C TRP C 92 31.81 -30.95 3.27
N ASP C 93 33.04 -31.27 3.68
CA ASP C 93 33.39 -31.62 5.05
C ASP C 93 34.02 -30.41 5.71
N LEU C 94 33.20 -29.55 6.29
CA LEU C 94 33.69 -28.31 6.90
C LEU C 94 34.39 -28.56 8.23
N ALA C 95 33.93 -29.57 8.96
CA ALA C 95 34.54 -29.93 10.23
C ALA C 95 36.03 -30.29 10.03
N LYS C 96 36.33 -30.94 8.91
CA LYS C 96 37.71 -31.26 8.55
C LYS C 96 38.52 -29.98 8.35
N LEU C 97 37.90 -28.99 7.71
CA LEU C 97 38.57 -27.72 7.42
C LEU C 97 38.75 -26.92 8.70
N VAL C 98 37.77 -27.01 9.59
CA VAL C 98 37.89 -26.37 10.88
C VAL C 98 39.03 -27.06 11.68
N ASP C 99 39.08 -28.39 11.61
CA ASP C 99 40.12 -29.14 12.33
C ASP C 99 41.53 -28.76 11.87
N GLU C 100 41.67 -28.56 10.55
CA GLU C 100 42.96 -28.21 9.99
C GLU C 100 43.28 -26.71 10.13
N GLY C 101 42.36 -25.97 10.73
CA GLY C 101 42.57 -24.54 10.89
C GLY C 101 42.48 -23.71 9.61
N LYS C 102 41.86 -24.27 8.58
CA LYS C 102 41.65 -23.56 7.32
C LYS C 102 40.34 -22.77 7.29
N LEU C 103 39.41 -23.17 8.14
CA LEU C 103 38.10 -22.50 8.22
C LEU C 103 37.80 -22.24 9.68
N PHE C 104 37.30 -21.05 9.99
CA PHE C 104 36.83 -20.78 11.36
C PHE C 104 35.38 -20.28 11.30
N ILE C 105 34.51 -20.93 12.06
CA ILE C 105 33.13 -20.49 12.11
C ILE C 105 32.94 -19.69 13.39
N LEU C 106 32.64 -18.41 13.24
CA LEU C 106 32.46 -17.55 14.39
C LEU C 106 30.98 -17.51 14.76
N ASP C 107 30.65 -17.98 15.95
CA ASP C 107 29.27 -18.09 16.38
C ASP C 107 28.79 -16.81 17.04
N ALA C 108 28.02 -16.00 16.31
CA ALA C 108 27.45 -14.79 16.91
C ALA C 108 25.96 -14.98 17.05
N SER C 109 25.54 -16.24 17.00
CA SER C 109 24.13 -16.55 17.10
C SER C 109 23.68 -16.25 18.51
N PRO C 110 22.35 -16.06 18.70
CA PRO C 110 21.64 -15.77 19.93
C PRO C 110 21.65 -16.85 20.99
N ASP C 111 22.02 -16.50 22.21
CA ASP C 111 21.61 -17.37 23.30
C ASP C 111 20.08 -17.39 23.37
N PRO C 112 19.48 -18.57 23.15
CA PRO C 112 18.03 -18.68 23.02
C PRO C 112 17.30 -18.02 24.22
N GLU C 113 17.87 -18.10 25.44
CA GLU C 113 17.37 -17.33 26.60
C GLU C 113 18.51 -16.87 27.51
N PHE C 121 22.64 -5.34 19.98
CA PHE C 121 23.82 -6.05 19.53
C PHE C 121 24.95 -5.07 19.19
N ASP C 122 26.13 -5.33 19.76
CA ASP C 122 27.31 -4.48 19.60
C ASP C 122 28.14 -4.91 18.39
N LEU C 123 27.95 -4.23 17.27
CA LEU C 123 28.69 -4.56 16.05
C LEU C 123 30.15 -4.12 16.14
N SER C 124 30.44 -3.10 16.95
CA SER C 124 31.81 -2.63 17.12
C SER C 124 32.67 -3.71 17.78
N ALA C 125 32.13 -4.29 18.84
CA ALA C 125 32.79 -5.39 19.54
C ALA C 125 32.90 -6.62 18.65
N LEU C 126 31.81 -6.95 17.97
CA LEU C 126 31.81 -8.08 17.05
C LEU C 126 32.89 -7.94 15.97
N ILE C 127 33.02 -6.73 15.45
CA ILE C 127 34.02 -6.44 14.42
C ILE C 127 35.43 -6.80 14.91
N GLU C 128 35.73 -6.44 16.16
CA GLU C 128 37.05 -6.75 16.71
C GLU C 128 37.28 -8.25 16.80
N ARG C 129 36.23 -8.99 17.14
CA ARG C 129 36.36 -10.45 17.22
C ARG C 129 36.54 -11.06 15.83
N ILE C 130 35.86 -10.51 14.84
CA ILE C 130 36.04 -10.96 13.44
C ILE C 130 37.50 -10.75 13.03
N ASN C 131 38.04 -9.59 13.40
CA ASN C 131 39.44 -9.27 13.14
C ASN C 131 40.40 -10.24 13.81
N TYR C 132 40.12 -10.64 15.06
CA TYR C 132 40.97 -11.64 15.73
C TYR C 132 41.05 -12.91 14.87
N ALA C 133 39.88 -13.41 14.47
CA ALA C 133 39.80 -14.64 13.69
C ALA C 133 40.51 -14.46 12.35
N ILE C 134 40.30 -13.32 11.71
CA ILE C 134 40.95 -13.06 10.43
C ILE C 134 42.47 -13.13 10.57
N GLN C 135 43.00 -12.48 11.60
CA GLN C 135 44.44 -12.49 11.83
C GLN C 135 44.92 -13.86 12.31
N LYS C 136 44.17 -14.50 13.19
CA LYS C 136 44.59 -15.80 13.72
C LYS C 136 44.65 -16.86 12.62
N TYR C 137 43.62 -16.93 11.78
CA TYR C 137 43.56 -18.00 10.79
C TYR C 137 44.11 -17.55 9.43
N ARG C 138 44.63 -16.32 9.38
CA ARG C 138 45.21 -15.72 8.18
C ARG C 138 44.24 -15.76 7.02
N ALA C 139 43.01 -15.32 7.29
CA ALA C 139 41.93 -15.42 6.32
C ALA C 139 41.93 -14.30 5.28
N ARG C 140 41.59 -14.67 4.06
CA ARG C 140 41.49 -13.76 2.93
C ARG C 140 40.02 -13.58 2.54
N ARG C 141 39.20 -14.57 2.92
CA ARG C 141 37.76 -14.55 2.59
C ARG C 141 36.89 -14.60 3.83
N VAL C 142 35.84 -13.79 3.82
CA VAL C 142 34.92 -13.70 4.94
C VAL C 142 33.49 -13.79 4.43
N SER C 143 32.67 -14.57 5.12
CA SER C 143 31.23 -14.52 4.87
C SER C 143 30.51 -14.24 6.17
N ILE C 144 29.49 -13.40 6.07
CA ILE C 144 28.72 -12.96 7.23
C ILE C 144 27.24 -13.24 6.91
N ASP C 145 26.60 -14.04 7.75
N ASP C 145 26.64 -14.18 7.64
CA ASP C 145 25.29 -14.59 7.45
CA ASP C 145 25.31 -14.64 7.27
C ASP C 145 24.39 -14.59 8.70
C ASP C 145 24.25 -13.87 8.03
N SER C 146 23.41 -13.70 8.78
N SER C 146 23.66 -12.89 7.35
CA SER C 146 23.09 -12.71 7.76
CA SER C 146 22.65 -12.01 7.91
C SER C 146 23.29 -11.28 8.28
C SER C 146 23.00 -11.49 9.30
N ASP C 155 15.53 -1.36 13.96
CA ASP C 155 14.82 -1.15 12.70
C ASP C 155 14.57 0.34 12.61
N ALA C 156 15.65 1.11 12.43
CA ALA C 156 15.53 2.47 11.95
C ALA C 156 16.49 2.57 10.78
N PRO C 157 15.97 2.79 9.56
CA PRO C 157 16.78 2.77 8.35
C PRO C 157 18.05 3.62 8.47
N SER C 158 17.95 4.76 9.11
CA SER C 158 19.13 5.58 9.35
C SER C 158 20.16 4.83 10.21
N VAL C 159 19.68 4.10 11.21
CA VAL C 159 20.58 3.34 12.09
C VAL C 159 21.18 2.14 11.35
N VAL C 160 20.34 1.44 10.60
CA VAL C 160 20.79 0.31 9.78
C VAL C 160 21.89 0.78 8.83
N ARG C 161 21.63 1.91 8.16
CA ARG C 161 22.57 2.45 7.19
C ARG C 161 23.92 2.77 7.82
N ARG C 162 23.90 3.46 8.95
CA ARG C 162 25.15 3.84 9.61
C ARG C 162 25.93 2.63 10.11
N GLU C 163 25.23 1.65 10.69
CA GLU C 163 25.91 0.47 11.24
C GLU C 163 26.49 -0.38 10.13
N LEU C 164 25.73 -0.55 9.06
CA LEU C 164 26.21 -1.32 7.92
C LEU C 164 27.41 -0.62 7.26
N PHE C 165 27.33 0.70 7.17
CA PHE C 165 28.43 1.49 6.62
C PHE C 165 29.71 1.26 7.41
N ARG C 166 29.60 1.28 8.74
CA ARG C 166 30.76 1.09 9.59
C ARG C 166 31.34 -0.31 9.47
N LEU C 167 30.47 -1.32 9.38
CA LEU C 167 30.94 -2.69 9.21
C LEU C 167 31.69 -2.88 7.88
N VAL C 168 31.12 -2.35 6.80
CA VAL C 168 31.73 -2.44 5.46
C VAL C 168 33.09 -1.73 5.47
N ALA C 169 33.16 -0.57 6.11
CA ALA C 169 34.41 0.18 6.14
C ALA C 169 35.48 -0.54 6.94
N ARG C 170 35.13 -1.05 8.11
CA ARG C 170 36.10 -1.76 8.91
C ARG C 170 36.62 -3.03 8.21
N LEU C 171 35.75 -3.72 7.48
CA LEU C 171 36.21 -4.91 6.74
C LEU C 171 37.19 -4.53 5.64
N LYS C 172 36.90 -3.43 4.96
CA LYS C 172 37.75 -2.94 3.90
C LYS C 172 39.14 -2.54 4.42
N GLN C 173 39.18 -1.95 5.62
CA GLN C 173 40.43 -1.63 6.29
C GLN C 173 41.26 -2.87 6.57
N ILE C 174 40.59 -3.89 7.11
CA ILE C 174 41.23 -5.18 7.38
C ILE C 174 41.76 -5.78 6.08
N GLY C 175 41.10 -5.46 4.96
CA GLY C 175 41.49 -5.97 3.65
C GLY C 175 40.78 -7.23 3.21
N ALA C 176 39.76 -7.63 3.97
CA ALA C 176 39.02 -8.86 3.66
C ALA C 176 38.18 -8.69 2.40
N THR C 177 37.94 -9.81 1.72
CA THR C 177 36.96 -9.90 0.64
C THR C 177 35.79 -10.67 1.25
N THR C 178 34.62 -10.03 1.28
CA THR C 178 33.53 -10.45 2.15
C THR C 178 32.21 -10.65 1.38
N VAL C 179 31.53 -11.75 1.67
CA VAL C 179 30.14 -11.89 1.25
C VAL C 179 29.27 -11.63 2.46
N MET C 180 28.29 -10.73 2.34
CA MET C 180 27.32 -10.59 3.43
C MET C 180 25.89 -10.75 2.93
N THR C 181 25.19 -11.66 3.56
CA THR C 181 23.86 -11.97 3.10
C THR C 181 22.86 -11.07 3.79
N THR C 182 21.74 -10.83 3.12
CA THR C 182 20.61 -10.15 3.74
C THR C 182 19.33 -10.74 3.21
N GLU C 183 18.24 -10.48 3.94
CA GLU C 183 16.93 -11.00 3.60
C GLU C 183 16.06 -9.98 2.87
N ARG C 184 15.21 -10.47 1.98
CA ARG C 184 14.21 -9.62 1.35
C ARG C 184 12.92 -10.41 1.32
N ILE C 185 11.79 -9.74 1.11
CA ILE C 185 10.51 -10.42 1.24
C ILE C 185 9.73 -10.53 -0.07
N GLU C 186 10.20 -9.86 -1.12
CA GLU C 186 9.55 -9.93 -2.43
C GLU C 186 10.54 -10.16 -3.56
N GLU C 187 10.18 -10.99 -4.53
CA GLU C 187 11.13 -11.32 -5.60
C GLU C 187 11.48 -10.09 -6.42
N TYR C 188 10.49 -9.23 -6.70
CA TYR C 188 10.73 -8.04 -7.52
C TYR C 188 10.42 -6.72 -6.80
N GLY C 189 10.60 -6.69 -5.48
CA GLY C 189 10.49 -5.47 -4.71
C GLY C 189 11.87 -4.95 -4.30
N PRO C 190 11.96 -4.35 -3.10
CA PRO C 190 13.20 -3.83 -2.53
C PRO C 190 14.36 -4.84 -2.55
N ILE C 191 15.56 -4.35 -2.79
CA ILE C 191 16.75 -5.20 -2.82
C ILE C 191 16.91 -5.94 -1.50
N ALA C 192 16.78 -5.20 -0.41
CA ALA C 192 16.89 -5.79 0.89
C ALA C 192 15.72 -5.36 1.73
N ARG C 193 15.91 -5.32 3.04
CA ARG C 193 14.81 -5.15 3.96
C ARG C 193 14.53 -3.68 4.31
N TYR C 194 15.57 -2.86 4.37
CA TYR C 194 15.41 -1.51 4.92
C TYR C 194 15.55 -0.39 3.91
N GLY C 195 15.70 -0.73 2.64
CA GLY C 195 15.84 0.26 1.59
C GLY C 195 17.14 1.06 1.64
N VAL C 196 18.14 0.56 2.36
CA VAL C 196 19.42 1.25 2.44
C VAL C 196 20.64 0.37 2.16
N GLU C 197 20.51 -0.93 2.40
CA GLU C 197 21.66 -1.85 2.33
C GLU C 197 22.36 -1.84 0.97
N GLU C 198 21.56 -1.76 -0.10
CA GLU C 198 22.12 -1.83 -1.45
C GLU C 198 22.83 -0.53 -1.84
N PHE C 199 22.65 0.52 -1.04
CA PHE C 199 23.29 1.80 -1.33
C PHE C 199 24.64 1.94 -0.62
N VAL C 200 24.78 1.36 0.58
CA VAL C 200 26.07 1.45 1.25
C VAL C 200 27.01 0.30 0.86
N SER C 201 26.48 -0.66 0.11
CA SER C 201 27.29 -1.79 -0.34
CA SER C 201 27.27 -1.79 -0.36
C SER C 201 28.00 -1.44 -1.66
N ASP C 202 29.25 -1.89 -1.80
CA ASP C 202 30.00 -1.68 -3.04
C ASP C 202 29.46 -2.57 -4.16
N ASN C 203 29.01 -3.77 -3.80
CA ASN C 203 28.61 -4.79 -4.76
C ASN C 203 27.31 -5.40 -4.31
N VAL C 204 26.42 -5.69 -5.26
CA VAL C 204 25.11 -6.26 -4.91
C VAL C 204 24.77 -7.41 -5.85
N VAL C 205 24.49 -8.54 -5.25
CA VAL C 205 23.98 -9.72 -5.95
C VAL C 205 22.59 -10.06 -5.41
N ILE C 206 21.65 -10.33 -6.31
CA ILE C 206 20.29 -10.71 -5.93
C ILE C 206 19.97 -12.14 -6.36
N LEU C 207 19.64 -12.98 -5.40
CA LEU C 207 19.15 -14.32 -5.70
C LEU C 207 17.63 -14.30 -5.65
N ARG C 208 17.00 -14.78 -6.71
CA ARG C 208 15.55 -14.82 -6.74
C ARG C 208 15.08 -16.26 -6.86
N ASN C 209 13.85 -16.49 -6.45
CA ASN C 209 13.23 -17.80 -6.48
C ASN C 209 11.78 -17.60 -6.94
N VAL C 210 11.60 -17.40 -8.23
CA VAL C 210 10.37 -16.85 -8.76
C VAL C 210 9.38 -17.96 -9.05
N LEU C 211 8.17 -17.73 -8.58
CA LEU C 211 7.08 -18.65 -8.78
C LEU C 211 6.19 -18.18 -9.92
N GLU C 212 6.21 -18.90 -11.03
CA GLU C 212 5.24 -18.66 -12.10
C GLU C 212 4.68 -19.97 -12.70
N GLY C 213 3.36 -20.04 -12.79
CA GLY C 213 2.71 -21.22 -13.33
C GLY C 213 2.94 -22.43 -12.44
N GLU C 214 3.01 -22.17 -11.15
CA GLU C 214 3.15 -23.20 -10.10
C GLU C 214 4.54 -23.80 -10.05
N ARG C 215 5.46 -23.33 -10.90
CA ARG C 215 6.84 -23.80 -10.82
C ARG C 215 7.78 -22.69 -10.33
N ARG C 216 8.89 -23.08 -9.70
CA ARG C 216 9.90 -22.12 -9.22
C ARG C 216 11.08 -22.11 -10.16
N ARG C 217 11.64 -20.94 -10.36
CA ARG C 217 12.83 -20.76 -11.16
C ARG C 217 13.83 -19.92 -10.39
N ARG C 218 15.02 -20.45 -10.15
CA ARG C 218 16.02 -19.72 -9.38
C ARG C 218 16.80 -18.83 -10.34
N THR C 219 17.04 -17.57 -9.99
CA THR C 219 17.94 -16.76 -10.83
C THR C 219 18.91 -15.97 -9.99
N LEU C 220 20.04 -15.64 -10.60
CA LEU C 220 21.06 -14.83 -9.94
C LEU C 220 21.29 -13.60 -10.80
N GLU C 221 21.38 -12.44 -10.14
CA GLU C 221 21.68 -11.19 -10.83
C GLU C 221 22.79 -10.45 -10.10
N ILE C 222 23.76 -9.95 -10.86
CA ILE C 222 24.70 -8.95 -10.33
C ILE C 222 24.15 -7.60 -10.69
N LEU C 223 23.64 -6.91 -9.69
CA LEU C 223 22.99 -5.62 -9.91
C LEU C 223 24.04 -4.55 -10.10
N LYS C 224 25.09 -4.59 -9.28
CA LYS C 224 26.14 -3.60 -9.40
C LYS C 224 27.44 -4.08 -8.82
N LEU C 225 28.53 -3.61 -9.39
CA LEU C 225 29.85 -3.77 -8.85
C LEU C 225 30.53 -2.42 -9.05
N ARG C 226 30.75 -1.67 -7.98
CA ARG C 226 31.35 -0.36 -8.13
C ARG C 226 32.71 -0.50 -8.76
N GLY C 227 32.99 0.34 -9.75
CA GLY C 227 34.34 0.43 -10.28
C GLY C 227 34.77 -0.68 -11.22
N THR C 228 33.83 -1.49 -11.71
CA THR C 228 34.19 -2.59 -12.59
C THR C 228 32.95 -3.07 -13.36
N SER C 229 33.19 -3.94 -14.34
CA SER C 229 32.13 -4.39 -15.23
C SER C 229 31.57 -5.75 -14.82
N HIS C 230 30.40 -6.07 -15.35
CA HIS C 230 29.73 -7.33 -15.06
C HIS C 230 28.56 -7.48 -16.04
N MET C 231 28.15 -8.72 -16.24
CA MET C 231 26.97 -9.01 -17.05
C MET C 231 25.71 -8.55 -16.33
N LYS C 232 24.69 -8.25 -17.11
CA LYS C 232 23.46 -7.62 -16.62
C LYS C 232 22.27 -8.55 -16.61
N GLY C 233 21.35 -8.34 -15.64
CA GLY C 233 20.10 -9.06 -15.61
C GLY C 233 20.18 -10.39 -14.88
N GLU C 234 19.20 -11.24 -15.13
CA GLU C 234 19.05 -12.48 -14.39
C GLU C 234 19.62 -13.65 -15.16
N TYR C 235 20.30 -14.55 -14.45
CA TYR C 235 20.81 -15.80 -15.02
C TYR C 235 20.29 -16.97 -14.21
N PRO C 236 19.70 -17.95 -14.90
CA PRO C 236 19.08 -19.05 -14.16
C PRO C 236 20.14 -19.93 -13.50
N PHE C 237 19.79 -20.53 -12.35
CA PHE C 237 20.71 -21.47 -11.71
C PHE C 237 19.94 -22.58 -11.00
N THR C 238 20.64 -23.65 -10.66
CA THR C 238 20.06 -24.65 -9.77
C THR C 238 21.01 -24.91 -8.62
N ILE C 239 20.46 -25.50 -7.57
CA ILE C 239 21.26 -25.99 -6.47
C ILE C 239 21.31 -27.50 -6.61
N THR C 240 22.52 -28.03 -6.59
CA THR C 240 22.77 -29.44 -6.83
C THR C 240 23.58 -30.04 -5.71
N ASP C 241 23.91 -31.33 -5.85
CA ASP C 241 24.76 -31.97 -4.86
C ASP C 241 26.18 -31.38 -4.87
N HIS C 242 26.49 -30.51 -5.83
CA HIS C 242 27.79 -29.85 -5.84
C HIS C 242 27.67 -28.33 -5.65
N GLY C 243 26.51 -27.90 -5.18
CA GLY C 243 26.30 -26.49 -4.85
C GLY C 243 25.57 -25.72 -5.93
N ILE C 244 25.90 -24.44 -6.02
CA ILE C 244 25.28 -23.57 -7.01
C ILE C 244 25.82 -23.86 -8.42
N ASN C 245 24.90 -24.01 -9.36
CA ASN C 245 25.22 -24.21 -10.77
C ASN C 245 24.52 -23.19 -11.64
N ILE C 246 25.25 -22.14 -12.04
CA ILE C 246 24.64 -21.11 -12.89
C ILE C 246 24.76 -21.49 -14.37
N PHE C 247 23.62 -21.60 -15.06
CA PHE C 247 23.61 -22.06 -16.45
C PHE C 247 24.30 -21.06 -17.35
N PRO C 248 24.94 -21.55 -18.43
CA PRO C 248 25.54 -20.65 -19.43
C PRO C 248 24.48 -19.75 -20.05
N LEU C 249 24.88 -18.55 -20.49
CA LEU C 249 24.00 -17.65 -21.24
C LEU C 249 22.79 -17.18 -20.42
N SER D 13 16.37 -42.37 -2.32
CA SER D 13 16.98 -41.11 -1.92
C SER D 13 17.82 -41.23 -0.64
N GLU D 14 18.93 -41.95 -0.71
CA GLU D 14 19.77 -42.15 0.48
C GLU D 14 20.91 -41.12 0.52
N HIS D 15 21.27 -40.60 -0.64
CA HIS D 15 22.35 -39.61 -0.71
C HIS D 15 21.80 -38.21 -0.45
N GLN D 16 21.44 -37.95 0.81
CA GLN D 16 21.08 -36.63 1.29
C GLN D 16 21.54 -36.50 2.75
N ALA D 17 21.92 -35.30 3.19
CA ALA D 17 22.59 -35.11 4.49
C ALA D 17 21.72 -35.25 5.75
N ILE D 18 20.40 -35.07 5.60
CA ILE D 18 19.49 -34.91 6.74
C ILE D 18 18.50 -36.06 6.88
N ALA D 19 18.53 -36.78 8.00
CA ALA D 19 17.60 -37.90 8.16
C ALA D 19 16.17 -37.36 8.27
N LYS D 20 15.21 -38.09 7.70
CA LYS D 20 13.82 -37.61 7.67
C LYS D 20 12.87 -38.66 8.23
N MET D 21 11.79 -38.23 8.86
CA MET D 21 10.75 -39.17 9.28
C MET D 21 9.51 -39.01 8.39
N ARG D 22 8.88 -40.12 8.07
CA ARG D 22 7.75 -40.10 7.14
C ARG D 22 6.46 -39.59 7.78
N THR D 23 5.81 -38.64 7.12
CA THR D 23 4.50 -38.16 7.57
C THR D 23 3.45 -39.23 7.30
N MET D 24 3.71 -40.04 6.27
CA MET D 24 2.77 -41.04 5.73
C MET D 24 1.51 -40.35 5.16
N ILE D 25 1.59 -39.03 5.02
CA ILE D 25 0.56 -38.28 4.33
C ILE D 25 0.82 -38.50 2.85
N GLU D 26 -0.19 -39.03 2.16
CA GLU D 26 -0.12 -39.37 0.74
C GLU D 26 0.53 -38.28 -0.09
N GLY D 27 1.67 -38.58 -0.73
CA GLY D 27 2.33 -37.62 -1.61
C GLY D 27 3.31 -36.67 -0.96
N PHE D 28 3.15 -36.39 0.34
CA PHE D 28 4.04 -35.43 0.99
C PHE D 28 5.48 -35.97 1.11
N ASP D 29 5.61 -37.22 1.47
CA ASP D 29 6.94 -37.82 1.62
C ASP D 29 7.69 -37.87 0.27
N ASP D 30 6.95 -37.91 -0.83
CA ASP D 30 7.58 -37.78 -2.15
C ASP D 30 8.09 -36.35 -2.39
N ILE D 31 7.24 -35.35 -2.13
CA ILE D 31 7.60 -33.96 -2.34
C ILE D 31 8.79 -33.57 -1.48
N SER D 32 8.84 -34.11 -0.25
CA SER D 32 9.89 -33.75 0.70
C SER D 32 11.11 -34.66 0.56
N HIS D 33 11.09 -35.55 -0.43
CA HIS D 33 12.15 -36.52 -0.66
C HIS D 33 12.46 -37.32 0.60
N GLY D 34 11.41 -37.76 1.28
CA GLY D 34 11.59 -38.71 2.36
C GLY D 34 10.83 -38.37 3.62
N GLY D 35 10.33 -37.15 3.74
CA GLY D 35 9.57 -36.78 4.93
C GLY D 35 10.11 -35.51 5.60
N LEU D 36 9.76 -35.31 6.86
CA LEU D 36 10.23 -34.12 7.59
C LEU D 36 11.57 -34.38 8.26
N PRO D 37 12.49 -33.40 8.16
CA PRO D 37 13.80 -33.51 8.81
C PRO D 37 13.68 -33.75 10.31
N ILE D 38 14.34 -34.80 10.79
CA ILE D 38 14.22 -35.26 12.16
C ILE D 38 14.88 -34.29 13.13
N GLY D 39 14.23 -34.02 14.27
CA GLY D 39 14.82 -33.17 15.28
C GLY D 39 14.86 -31.70 14.89
N ARG D 40 14.09 -31.36 13.86
CA ARG D 40 13.95 -29.98 13.44
C ARG D 40 12.48 -29.58 13.31
N SER D 41 12.24 -28.29 13.17
CA SER D 41 10.88 -27.80 13.03
C SER D 41 10.57 -27.43 11.59
N THR D 42 9.32 -27.66 11.21
CA THR D 42 8.83 -27.29 9.92
C THR D 42 7.64 -26.33 10.07
N LEU D 43 7.77 -25.15 9.47
CA LEU D 43 6.71 -24.17 9.42
C LEU D 43 5.68 -24.56 8.36
N VAL D 44 4.40 -24.55 8.73
CA VAL D 44 3.32 -24.84 7.78
C VAL D 44 2.35 -23.66 7.79
N SER D 45 2.43 -22.84 6.75
CA SER D 45 1.69 -21.57 6.76
C SER D 45 0.56 -21.64 5.74
N GLY D 46 -0.55 -20.97 6.03
CA GLY D 46 -1.60 -20.87 5.02
C GLY D 46 -2.72 -19.95 5.46
N THR D 47 -3.52 -19.51 4.50
CA THR D 47 -4.70 -18.69 4.81
C THR D 47 -5.76 -19.52 5.53
N SER D 48 -6.93 -18.93 5.79
CA SER D 48 -7.88 -19.63 6.62
C SER D 48 -8.46 -20.87 5.95
N GLY D 49 -8.52 -21.97 6.70
CA GLY D 49 -9.15 -23.18 6.20
C GLY D 49 -8.38 -23.86 5.07
N THR D 50 -7.06 -23.72 5.10
CA THR D 50 -6.20 -24.35 4.08
C THR D 50 -5.80 -25.78 4.42
N GLY D 51 -6.01 -26.16 5.68
CA GLY D 51 -5.64 -27.48 6.13
C GLY D 51 -4.44 -27.55 7.06
N LYS D 52 -4.10 -26.43 7.70
CA LYS D 52 -2.95 -26.41 8.62
C LYS D 52 -3.12 -27.39 9.79
N THR D 53 -4.28 -27.31 10.45
CA THR D 53 -4.54 -28.13 11.62
C THR D 53 -4.59 -29.60 11.22
N LEU D 54 -5.25 -29.86 10.09
CA LEU D 54 -5.35 -31.22 9.58
C LEU D 54 -3.96 -31.81 9.30
N PHE D 55 -3.08 -31.04 8.67
CA PHE D 55 -1.75 -31.52 8.38
C PHE D 55 -1.03 -31.86 9.70
N SER D 56 -1.19 -31.00 10.70
CA SER D 56 -0.55 -31.17 12.01
CA SER D 56 -0.50 -31.20 11.97
C SER D 56 -1.08 -32.38 12.74
N ILE D 57 -2.38 -32.60 12.65
CA ILE D 57 -2.99 -33.75 13.31
C ILE D 57 -2.58 -35.02 12.58
N GLN D 58 -2.62 -34.97 11.25
CA GLN D 58 -2.35 -36.17 10.46
C GLN D 58 -0.92 -36.65 10.71
N PHE D 59 0.01 -35.70 10.84
CA PHE D 59 1.41 -35.97 11.19
C PHE D 59 1.53 -36.81 12.46
N LEU D 60 0.79 -36.40 13.50
CA LEU D 60 0.78 -37.10 14.79
C LEU D 60 0.07 -38.44 14.74
N TYR D 61 -1.12 -38.43 14.15
CA TYR D 61 -1.92 -39.63 14.05
C TYR D 61 -1.16 -40.75 13.31
N ASN D 62 -0.58 -40.43 12.17
CA ASN D 62 0.19 -41.41 11.40
C ASN D 62 1.38 -41.93 12.17
N GLY D 63 2.05 -41.04 12.91
CA GLY D 63 3.19 -41.43 13.70
C GLY D 63 2.82 -42.50 14.72
N ILE D 64 1.64 -42.35 15.30
CA ILE D 64 1.15 -43.29 16.33
C ILE D 64 0.72 -44.58 15.68
N ILE D 65 -0.10 -44.47 14.64
CA ILE D 65 -0.69 -45.64 14.01
C ILE D 65 0.36 -46.46 13.24
N GLU D 66 1.24 -45.77 12.50
CA GLU D 66 2.18 -46.48 11.65
C GLU D 66 3.43 -46.94 12.42
N PHE D 67 3.93 -46.13 13.33
CA PHE D 67 5.22 -46.44 13.98
C PHE D 67 5.18 -46.52 15.51
N ASP D 68 4.01 -46.32 16.12
CA ASP D 68 3.90 -46.28 17.58
C ASP D 68 4.81 -45.21 18.19
N GLU D 69 4.96 -44.12 17.46
CA GLU D 69 5.67 -42.95 17.97
C GLU D 69 4.63 -42.02 18.59
N PRO D 70 4.73 -41.80 19.91
CA PRO D 70 3.77 -40.92 20.59
C PRO D 70 3.90 -39.47 20.13
N GLY D 71 2.81 -38.72 20.19
CA GLY D 71 2.79 -37.34 19.76
C GLY D 71 2.20 -36.38 20.80
N VAL D 72 2.65 -35.14 20.76
CA VAL D 72 2.10 -34.07 21.56
C VAL D 72 1.52 -33.01 20.61
N PHE D 73 0.26 -32.65 20.81
CA PHE D 73 -0.38 -31.58 20.06
C PHE D 73 -0.62 -30.39 20.97
N VAL D 74 -0.02 -29.26 20.61
CA VAL D 74 -0.16 -28.05 21.40
C VAL D 74 -1.16 -27.13 20.72
N THR D 75 -2.28 -26.86 21.37
CA THR D 75 -3.27 -25.97 20.78
C THR D 75 -3.39 -24.65 21.54
N PHE D 76 -3.43 -23.55 20.79
CA PHE D 76 -3.49 -22.21 21.36
C PHE D 76 -4.87 -21.57 21.25
N GLU D 77 -5.75 -22.17 20.46
CA GLU D 77 -7.09 -21.60 20.28
C GLU D 77 -8.18 -22.66 20.34
N GLU D 78 -8.23 -23.54 19.34
CA GLU D 78 -9.19 -24.65 19.37
C GLU D 78 -9.04 -25.47 20.64
N THR D 79 -10.16 -25.79 21.28
CA THR D 79 -10.13 -26.66 22.45
C THR D 79 -9.81 -28.11 22.05
N PRO D 80 -9.18 -28.87 22.95
CA PRO D 80 -9.01 -30.31 22.76
C PRO D 80 -10.30 -31.00 22.33
N GLN D 81 -11.42 -30.62 22.93
CA GLN D 81 -12.69 -31.24 22.61
C GLN D 81 -13.06 -31.02 21.13
N ASP D 82 -12.82 -29.81 20.62
CA ASP D 82 -13.17 -29.52 19.23
C ASP D 82 -12.18 -30.18 18.27
N ILE D 83 -10.91 -30.21 18.67
CA ILE D 83 -9.90 -30.92 17.89
CA ILE D 83 -9.91 -30.91 17.88
C ILE D 83 -10.31 -32.37 17.72
N ILE D 84 -10.71 -32.98 18.84
CA ILE D 84 -11.15 -34.37 18.80
C ILE D 84 -12.41 -34.56 17.94
N LYS D 85 -13.39 -33.67 18.09
CA LYS D 85 -14.64 -33.83 17.34
C LYS D 85 -14.39 -33.66 15.84
N ASN D 86 -13.58 -32.67 15.50
CA ASN D 86 -13.31 -32.38 14.09
C ASN D 86 -12.55 -33.52 13.40
N ALA D 87 -11.66 -34.19 14.12
CA ALA D 87 -10.87 -35.29 13.55
C ALA D 87 -11.73 -36.51 13.23
N ARG D 88 -12.88 -36.63 13.90
CA ARG D 88 -13.85 -37.67 13.55
C ARG D 88 -14.36 -37.52 12.11
N SER D 89 -14.24 -36.33 11.53
CA SER D 89 -14.54 -36.11 10.11
C SER D 89 -13.77 -37.07 9.19
N PHE D 90 -12.64 -37.57 9.70
CA PHE D 90 -11.74 -38.42 8.92
C PHE D 90 -11.68 -39.86 9.41
N GLY D 91 -12.52 -40.18 10.39
CA GLY D 91 -12.52 -41.52 10.97
C GLY D 91 -11.39 -41.72 11.96
N TRP D 92 -10.84 -40.64 12.48
CA TRP D 92 -9.79 -40.75 13.48
C TRP D 92 -10.37 -40.60 14.87
N ASP D 93 -10.08 -41.58 15.72
CA ASP D 93 -10.54 -41.57 17.10
C ASP D 93 -9.41 -41.12 18.02
N LEU D 94 -9.26 -39.81 18.17
CA LEU D 94 -8.15 -39.25 18.93
C LEU D 94 -8.35 -39.43 20.45
N ALA D 95 -9.60 -39.44 20.91
CA ALA D 95 -9.91 -39.75 22.32
C ALA D 95 -9.28 -41.06 22.78
N LYS D 96 -9.45 -42.09 21.98
CA LYS D 96 -8.86 -43.39 22.27
C LYS D 96 -7.33 -43.31 22.35
N LEU D 97 -6.71 -42.53 21.46
CA LEU D 97 -5.25 -42.41 21.51
C LEU D 97 -4.83 -41.64 22.76
N VAL D 98 -5.63 -40.66 23.17
CA VAL D 98 -5.37 -39.94 24.39
C VAL D 98 -5.53 -40.88 25.59
N ASP D 99 -6.61 -41.66 25.58
CA ASP D 99 -6.87 -42.63 26.64
C ASP D 99 -5.74 -43.64 26.78
N GLU D 100 -5.07 -43.95 25.67
CA GLU D 100 -4.03 -44.97 25.68
C GLU D 100 -2.67 -44.38 25.99
N GLY D 101 -2.61 -43.08 26.18
CA GLY D 101 -1.35 -42.41 26.49
C GLY D 101 -0.44 -42.22 25.29
N LYS D 102 -0.97 -42.45 24.09
CA LYS D 102 -0.18 -42.33 22.86
CA LYS D 102 -0.18 -42.33 22.86
C LYS D 102 -0.25 -40.92 22.27
N LEU D 103 -1.33 -40.20 22.58
CA LEU D 103 -1.46 -38.81 22.15
C LEU D 103 -1.71 -37.92 23.36
N PHE D 104 -1.00 -36.81 23.45
CA PHE D 104 -1.31 -35.82 24.46
C PHE D 104 -1.63 -34.50 23.81
N ILE D 105 -2.81 -33.98 24.13
CA ILE D 105 -3.20 -32.65 23.67
C ILE D 105 -2.97 -31.68 24.81
N LEU D 106 -2.02 -30.78 24.58
CA LEU D 106 -1.65 -29.78 25.55
C LEU D 106 -2.53 -28.56 25.29
N ASP D 107 -3.40 -28.25 26.24
CA ASP D 107 -4.32 -27.14 26.07
C ASP D 107 -3.71 -25.82 26.52
N ALA D 108 -3.24 -25.02 25.57
CA ALA D 108 -2.80 -23.65 25.87
C ALA D 108 -3.79 -22.62 25.34
N SER D 109 -5.03 -23.07 25.09
CA SER D 109 -6.05 -22.16 24.56
C SER D 109 -6.53 -21.22 25.67
N PRO D 110 -6.78 -19.95 25.34
CA PRO D 110 -7.08 -18.94 26.35
C PRO D 110 -8.39 -19.20 27.08
N ASP D 111 -8.43 -18.85 28.36
CA ASP D 111 -9.64 -18.93 29.17
C ASP D 111 -10.78 -18.16 28.49
N PRO D 112 -11.88 -18.84 28.19
CA PRO D 112 -13.13 -18.22 27.73
C PRO D 112 -13.71 -17.18 28.72
N GLU D 113 -13.34 -17.26 29.99
CA GLU D 113 -13.77 -16.31 31.03
C GLU D 113 -15.25 -15.99 31.01
N ASP D 122 6.08 -16.92 30.72
CA ASP D 122 5.10 -16.93 29.64
C ASP D 122 5.47 -17.98 28.61
N LEU D 123 6.26 -17.58 27.62
CA LEU D 123 6.81 -18.50 26.64
C LEU D 123 7.74 -19.49 27.35
N SER D 124 8.51 -18.97 28.30
CA SER D 124 9.36 -19.79 29.14
C SER D 124 8.57 -20.89 29.84
N ALA D 125 7.47 -20.51 30.46
CA ALA D 125 6.62 -21.48 31.14
C ALA D 125 6.00 -22.44 30.14
N LEU D 126 5.55 -21.91 29.00
CA LEU D 126 4.98 -22.76 27.97
C LEU D 126 5.97 -23.84 27.52
N ILE D 127 7.20 -23.42 27.23
CA ILE D 127 8.23 -24.33 26.75
C ILE D 127 8.48 -25.45 27.75
N GLU D 128 8.32 -25.15 29.04
CA GLU D 128 8.52 -26.15 30.08
C GLU D 128 7.39 -27.17 30.10
N ARG D 129 6.17 -26.69 29.88
CA ARG D 129 4.99 -27.56 29.77
C ARG D 129 5.17 -28.54 28.62
N ILE D 130 5.67 -28.03 27.50
CA ILE D 130 5.88 -28.84 26.30
C ILE D 130 6.92 -29.91 26.60
N ASN D 131 8.07 -29.47 27.11
CA ASN D 131 9.14 -30.39 27.47
C ASN D 131 8.69 -31.49 28.45
N TYR D 132 7.93 -31.11 29.46
CA TYR D 132 7.35 -32.06 30.41
C TYR D 132 6.48 -33.10 29.72
N ALA D 133 5.61 -32.65 28.83
CA ALA D 133 4.71 -33.55 28.12
C ALA D 133 5.50 -34.50 27.24
N ILE D 134 6.50 -33.96 26.56
CA ILE D 134 7.32 -34.77 25.67
C ILE D 134 8.05 -35.87 26.45
N GLN D 135 8.58 -35.53 27.62
CA GLN D 135 9.23 -36.54 28.45
C GLN D 135 8.21 -37.54 28.97
N LYS D 136 7.07 -37.03 29.45
CA LYS D 136 6.10 -37.89 30.12
C LYS D 136 5.52 -38.90 29.14
N TYR D 137 5.26 -38.46 27.91
CA TYR D 137 4.61 -39.32 26.93
C TYR D 137 5.59 -39.96 25.94
N ARG D 138 6.88 -39.72 26.13
CA ARG D 138 7.93 -40.30 25.30
C ARG D 138 7.74 -39.87 23.85
N ALA D 139 7.35 -38.62 23.64
CA ALA D 139 6.88 -38.17 22.31
C ALA D 139 8.01 -37.95 21.30
N ARG D 140 7.79 -38.42 20.08
CA ARG D 140 8.75 -38.23 18.98
C ARG D 140 8.29 -37.16 17.99
N ARG D 141 6.98 -36.95 17.91
CA ARG D 141 6.42 -35.93 17.03
C ARG D 141 5.66 -34.89 17.85
N VAL D 142 5.84 -33.63 17.47
CA VAL D 142 5.17 -32.53 18.13
C VAL D 142 4.46 -31.67 17.07
N SER D 143 3.26 -31.20 17.38
CA SER D 143 2.62 -30.22 16.50
C SER D 143 2.19 -29.04 17.35
N ILE D 144 2.50 -27.85 16.86
CA ILE D 144 2.13 -26.63 17.55
C ILE D 144 1.23 -25.81 16.63
N ASP D 145 -0.02 -25.65 17.04
N ASP D 145 -0.05 -25.73 16.96
CA ASP D 145 -1.06 -25.03 16.22
CA ASP D 145 -1.02 -25.08 16.10
C ASP D 145 -1.90 -24.04 17.03
C ASP D 145 -1.08 -23.58 16.38
N SER D 146 -1.68 -22.73 16.84
N SER D 146 -0.44 -22.80 15.50
CA SER D 146 -0.77 -22.21 15.84
CA SER D 146 -0.34 -21.35 15.62
C SER D 146 0.35 -21.37 16.47
C SER D 146 0.13 -20.91 16.99
N ASP D 155 4.19 -7.23 19.09
CA ASP D 155 3.81 -6.90 17.72
C ASP D 155 5.04 -6.65 16.86
N ALA D 156 6.18 -6.39 17.49
CA ALA D 156 7.41 -6.15 16.76
C ALA D 156 7.91 -7.43 16.11
N PRO D 157 8.15 -7.37 14.79
CA PRO D 157 8.74 -8.50 14.04
C PRO D 157 9.99 -9.04 14.71
N SER D 158 10.81 -8.15 15.28
CA SER D 158 12.05 -8.55 15.93
C SER D 158 11.80 -9.34 17.22
N VAL D 159 10.68 -9.05 17.87
CA VAL D 159 10.33 -9.76 19.09
C VAL D 159 9.80 -11.14 18.71
N VAL D 160 8.93 -11.17 17.69
CA VAL D 160 8.40 -12.42 17.17
C VAL D 160 9.56 -13.30 16.72
N ARG D 161 10.52 -12.71 16.02
CA ARG D 161 11.66 -13.44 15.50
C ARG D 161 12.49 -14.09 16.58
N ARG D 162 12.82 -13.34 17.63
CA ARG D 162 13.61 -13.92 18.71
C ARG D 162 12.88 -14.99 19.49
N GLU D 163 11.59 -14.75 19.73
CA GLU D 163 10.78 -15.70 20.49
C GLU D 163 10.59 -17.03 19.72
N LEU D 164 10.27 -16.93 18.43
CA LEU D 164 10.19 -18.12 17.58
CA LEU D 164 10.18 -18.11 17.59
C LEU D 164 11.54 -18.82 17.51
N PHE D 165 12.60 -18.03 17.32
CA PHE D 165 13.96 -18.58 17.30
C PHE D 165 14.22 -19.39 18.56
N ARG D 166 13.80 -18.85 19.69
CA ARG D 166 13.99 -19.51 20.97
C ARG D 166 13.21 -20.82 21.07
N LEU D 167 11.94 -20.78 20.68
CA LEU D 167 11.09 -21.97 20.64
C LEU D 167 11.70 -23.06 19.76
N VAL D 168 12.12 -22.68 18.55
CA VAL D 168 12.71 -23.64 17.62
C VAL D 168 13.95 -24.29 18.24
N ALA D 169 14.82 -23.48 18.82
CA ALA D 169 16.05 -23.98 19.44
C ALA D 169 15.81 -24.94 20.60
N ARG D 170 14.84 -24.62 21.46
CA ARG D 170 14.53 -25.50 22.58
C ARG D 170 13.97 -26.85 22.12
N LEU D 171 13.10 -26.84 21.11
CA LEU D 171 12.55 -28.09 20.59
C LEU D 171 13.66 -28.97 19.99
N LYS D 172 14.60 -28.30 19.32
CA LYS D 172 15.74 -28.99 18.73
C LYS D 172 16.60 -29.66 19.80
N GLN D 173 16.87 -28.93 20.88
CA GLN D 173 17.65 -29.48 21.99
C GLN D 173 16.98 -30.70 22.58
N ILE D 174 15.65 -30.64 22.69
CA ILE D 174 14.87 -31.75 23.21
C ILE D 174 14.90 -32.92 22.23
N GLY D 175 15.08 -32.62 20.95
CA GLY D 175 15.17 -33.66 19.92
C GLY D 175 13.86 -33.97 19.21
N ALA D 176 12.85 -33.14 19.46
CA ALA D 176 11.55 -33.36 18.86
C ALA D 176 11.55 -33.03 17.37
N THR D 177 10.70 -33.71 16.62
CA THR D 177 10.45 -33.33 15.25
C THR D 177 9.10 -32.63 15.26
N THR D 178 9.09 -31.37 14.82
CA THR D 178 7.99 -30.46 15.08
C THR D 178 7.37 -29.87 13.83
N VAL D 179 6.04 -29.90 13.77
CA VAL D 179 5.29 -29.11 12.80
C VAL D 179 4.74 -27.89 13.52
N MET D 180 5.06 -26.68 13.06
CA MET D 180 4.38 -25.51 13.63
C MET D 180 3.64 -24.71 12.57
N THR D 181 2.35 -24.52 12.81
CA THR D 181 1.52 -23.84 11.82
C THR D 181 1.51 -22.36 12.09
N THR D 182 1.35 -21.57 11.02
CA THR D 182 1.19 -20.13 11.15
CA THR D 182 1.16 -20.14 11.19
C THR D 182 0.18 -19.61 10.15
N GLU D 183 -0.35 -18.42 10.40
CA GLU D 183 -1.34 -17.84 9.52
C GLU D 183 -0.70 -16.92 8.50
N ARG D 184 -1.38 -16.73 7.38
CA ARG D 184 -1.02 -15.71 6.42
C ARG D 184 -2.34 -15.23 5.84
N ILE D 185 -2.36 -14.07 5.20
CA ILE D 185 -3.64 -13.51 4.75
C ILE D 185 -3.80 -13.44 3.23
N GLU D 186 -2.72 -13.65 2.48
CA GLU D 186 -2.80 -13.66 1.01
C GLU D 186 -2.17 -14.93 0.44
N GLU D 187 -2.72 -15.43 -0.66
CA GLU D 187 -2.21 -16.68 -1.23
C GLU D 187 -0.81 -16.49 -1.82
N TYR D 188 -0.56 -15.32 -2.43
CA TYR D 188 0.76 -15.06 -3.05
C TYR D 188 1.49 -13.86 -2.49
N GLY D 189 1.34 -13.62 -1.18
CA GLY D 189 2.07 -12.57 -0.52
C GLY D 189 3.06 -13.11 0.50
N PRO D 190 3.24 -12.39 1.61
CA PRO D 190 4.10 -12.84 2.71
C PRO D 190 3.86 -14.32 3.09
N ILE D 191 4.93 -15.01 3.43
CA ILE D 191 4.83 -16.39 3.86
C ILE D 191 4.01 -16.54 5.14
N ALA D 192 4.29 -15.71 6.13
CA ALA D 192 3.45 -15.70 7.33
C ALA D 192 3.11 -14.24 7.69
N ARG D 193 2.66 -14.01 8.91
CA ARG D 193 2.17 -12.66 9.28
C ARG D 193 3.24 -11.58 9.50
N TYR D 194 4.43 -11.93 10.01
CA TYR D 194 5.40 -10.93 10.48
C TYR D 194 6.65 -10.78 9.64
N GLY D 195 6.73 -11.53 8.55
CA GLY D 195 7.85 -11.42 7.64
C GLY D 195 9.15 -11.97 8.18
N VAL D 196 9.09 -12.72 9.28
CA VAL D 196 10.33 -13.27 9.82
C VAL D 196 10.29 -14.78 10.01
N GLU D 197 9.08 -15.33 10.04
CA GLU D 197 8.89 -16.72 10.45
C GLU D 197 9.61 -17.69 9.52
N GLU D 198 9.56 -17.42 8.22
CA GLU D 198 10.19 -18.30 7.24
C GLU D 198 11.71 -18.29 7.34
N PHE D 199 12.27 -17.23 7.90
CA PHE D 199 13.73 -17.10 7.95
C PHE D 199 14.34 -17.81 9.15
N VAL D 200 13.62 -17.86 10.27
CA VAL D 200 14.16 -18.57 11.42
C VAL D 200 13.78 -20.05 11.46
N SER D 201 12.91 -20.48 10.53
CA SER D 201 12.56 -21.89 10.46
C SER D 201 13.55 -22.65 9.58
N ASP D 202 13.82 -23.92 9.90
CA ASP D 202 14.69 -24.76 9.05
C ASP D 202 13.97 -25.18 7.77
N ASN D 203 12.67 -25.40 7.90
CA ASN D 203 11.84 -25.96 6.85
C ASN D 203 10.56 -25.15 6.71
N VAL D 204 10.11 -24.91 5.47
CA VAL D 204 8.91 -24.10 5.24
C VAL D 204 8.00 -24.78 4.23
N VAL D 205 6.76 -25.00 4.64
CA VAL D 205 5.70 -25.52 3.78
C VAL D 205 4.59 -24.45 3.68
N ILE D 206 4.07 -24.26 2.47
CA ILE D 206 2.99 -23.29 2.24
C ILE D 206 1.78 -24.00 1.68
N LEU D 207 0.67 -23.89 2.40
CA LEU D 207 -0.59 -24.40 1.91
C LEU D 207 -1.36 -23.24 1.29
N ARG D 208 -1.79 -23.41 0.04
CA ARG D 208 -2.59 -22.38 -0.61
C ARG D 208 -3.97 -22.90 -0.98
N ASN D 209 -4.91 -21.96 -1.12
CA ASN D 209 -6.29 -22.25 -1.42
C ASN D 209 -6.72 -21.17 -2.43
N VAL D 210 -6.26 -21.31 -3.67
CA VAL D 210 -6.30 -20.22 -4.64
C VAL D 210 -7.66 -20.10 -5.32
N LEU D 211 -8.22 -18.90 -5.31
CA LEU D 211 -9.48 -18.61 -5.98
C LEU D 211 -9.19 -18.01 -7.36
N GLU D 212 -9.66 -18.65 -8.41
CA GLU D 212 -9.42 -18.17 -9.78
C GLU D 212 -10.60 -18.57 -10.66
N GLY D 213 -11.21 -17.59 -11.32
CA GLY D 213 -12.41 -17.83 -12.10
C GLY D 213 -13.51 -18.48 -11.27
N GLU D 214 -13.64 -18.04 -10.02
CA GLU D 214 -14.70 -18.46 -9.08
C GLU D 214 -14.56 -19.88 -8.57
N ARG D 215 -13.45 -20.53 -8.89
CA ARG D 215 -13.15 -21.86 -8.33
C ARG D 215 -11.93 -21.83 -7.42
N ARG D 216 -11.95 -22.64 -6.36
CA ARG D 216 -10.82 -22.85 -5.45
C ARG D 216 -10.02 -24.11 -5.81
N ARG D 217 -8.70 -24.03 -5.75
CA ARG D 217 -7.88 -25.23 -5.87
C ARG D 217 -6.80 -25.19 -4.80
N ARG D 218 -6.62 -26.31 -4.09
CA ARG D 218 -5.67 -26.34 -2.99
C ARG D 218 -4.31 -26.77 -3.51
N THR D 219 -3.24 -26.16 -3.01
CA THR D 219 -1.91 -26.65 -3.34
C THR D 219 -1.00 -26.62 -2.13
N LEU D 220 0.04 -27.44 -2.20
CA LEU D 220 1.07 -27.46 -1.19
C LEU D 220 2.39 -27.18 -1.86
N GLU D 221 3.21 -26.36 -1.21
CA GLU D 221 4.57 -26.11 -1.69
C GLU D 221 5.55 -26.32 -0.56
N ILE D 222 6.65 -27.00 -0.83
CA ILE D 222 7.79 -26.94 0.08
C ILE D 222 8.74 -25.88 -0.45
N LEU D 223 8.81 -24.75 0.25
CA LEU D 223 9.61 -23.63 -0.19
C LEU D 223 11.09 -23.90 0.08
N LYS D 224 11.38 -24.46 1.24
CA LYS D 224 12.76 -24.76 1.59
C LYS D 224 12.86 -25.86 2.63
N LEU D 225 13.94 -26.61 2.53
CA LEU D 225 14.35 -27.58 3.54
C LEU D 225 15.85 -27.44 3.64
N ARG D 226 16.34 -26.92 4.76
CA ARG D 226 17.77 -26.71 4.90
C ARG D 226 18.52 -28.02 4.87
N GLY D 227 19.58 -28.05 4.07
CA GLY D 227 20.50 -29.18 4.05
C GLY D 227 20.04 -30.38 3.24
N THR D 228 18.95 -30.22 2.51
CA THR D 228 18.47 -31.35 1.73
CA THR D 228 18.40 -31.34 1.75
C THR D 228 17.66 -30.88 0.52
N SER D 229 17.43 -31.80 -0.42
CA SER D 229 16.67 -31.49 -1.62
CA SER D 229 16.68 -31.48 -1.61
C SER D 229 15.19 -31.74 -1.39
N HIS D 230 14.37 -31.29 -2.33
CA HIS D 230 12.93 -31.47 -2.29
C HIS D 230 12.36 -31.05 -3.64
N MET D 231 11.17 -31.53 -3.97
CA MET D 231 10.49 -31.06 -5.17
C MET D 231 10.08 -29.60 -4.97
N LYS D 232 10.04 -28.86 -6.07
CA LYS D 232 9.80 -27.42 -6.02
C LYS D 232 8.47 -27.03 -6.62
N GLY D 233 7.95 -25.88 -6.18
CA GLY D 233 6.74 -25.33 -6.76
C GLY D 233 5.52 -25.87 -6.07
N GLU D 234 4.36 -25.62 -6.66
CA GLU D 234 3.08 -26.03 -6.04
C GLU D 234 2.61 -27.39 -6.54
N TYR D 235 2.06 -28.19 -5.64
CA TYR D 235 1.48 -29.49 -6.02
C TYR D 235 0.04 -29.53 -5.54
N PRO D 236 -0.86 -30.06 -6.38
CA PRO D 236 -2.28 -30.05 -5.99
C PRO D 236 -2.52 -31.01 -4.83
N PHE D 237 -3.50 -30.67 -3.99
CA PHE D 237 -4.00 -31.66 -3.03
C PHE D 237 -5.48 -31.47 -2.76
N THR D 238 -6.08 -32.50 -2.18
CA THR D 238 -7.46 -32.38 -1.76
C THR D 238 -7.54 -32.74 -0.30
N ILE D 239 -8.63 -32.30 0.31
CA ILE D 239 -9.00 -32.76 1.63
C ILE D 239 -10.27 -33.59 1.47
N THR D 240 -10.23 -34.83 1.94
CA THR D 240 -11.37 -35.74 1.82
C THR D 240 -11.64 -36.42 3.16
N ASP D 241 -12.55 -37.40 3.14
CA ASP D 241 -12.82 -38.23 4.32
C ASP D 241 -11.59 -38.95 4.83
N HIS D 242 -10.53 -39.02 4.01
CA HIS D 242 -9.32 -39.67 4.45
C HIS D 242 -8.22 -38.66 4.80
N GLY D 243 -8.57 -37.39 4.94
CA GLY D 243 -7.57 -36.40 5.29
C GLY D 243 -6.95 -35.75 4.06
N ILE D 244 -5.68 -35.37 4.16
CA ILE D 244 -4.99 -34.74 3.04
C ILE D 244 -4.51 -35.80 2.04
N ASN D 245 -4.78 -35.58 0.76
CA ASN D 245 -4.19 -36.37 -0.31
C ASN D 245 -3.46 -35.46 -1.27
N ILE D 246 -2.14 -35.61 -1.35
CA ILE D 246 -1.32 -34.76 -2.21
C ILE D 246 -0.91 -35.56 -3.44
N PHE D 247 -0.82 -34.89 -4.59
CA PHE D 247 -0.46 -35.56 -5.85
C PHE D 247 0.80 -34.95 -6.46
N PRO D 248 1.94 -35.62 -6.27
CA PRO D 248 3.21 -35.23 -6.88
C PRO D 248 3.16 -35.49 -8.37
N LEU D 249 3.81 -34.66 -9.16
CA LEU D 249 3.85 -34.87 -10.60
C LEU D 249 5.24 -34.56 -11.15
N GLY D 250 6.20 -35.44 -10.87
CA GLY D 250 7.57 -35.24 -11.31
C GLY D 250 8.47 -36.39 -10.91
N ALA E 17 -18.83 -37.39 13.47
CA ALA E 17 -18.62 -36.15 12.73
C ALA E 17 -19.77 -35.17 13.01
N ILE E 18 -19.48 -33.88 12.88
CA ILE E 18 -20.43 -32.84 13.26
C ILE E 18 -21.72 -32.86 12.43
N ALA E 19 -22.86 -32.70 13.10
CA ALA E 19 -24.15 -32.69 12.43
C ALA E 19 -24.49 -31.27 11.97
N LYS E 20 -25.41 -31.14 11.02
CA LYS E 20 -25.79 -29.84 10.46
C LYS E 20 -27.28 -29.60 10.55
N MET E 21 -27.69 -28.35 10.64
CA MET E 21 -29.13 -28.04 10.56
C MET E 21 -29.43 -27.29 9.26
N ARG E 22 -30.52 -27.69 8.62
CA ARG E 22 -30.91 -27.12 7.32
C ARG E 22 -31.26 -25.65 7.46
N THR E 23 -30.73 -24.83 6.55
CA THR E 23 -31.13 -23.43 6.50
C THR E 23 -32.40 -23.29 5.67
N MET E 24 -32.64 -24.29 4.82
CA MET E 24 -33.72 -24.23 3.82
C MET E 24 -33.61 -23.02 2.90
N ILE E 25 -32.48 -22.32 2.93
CA ILE E 25 -32.20 -21.28 1.96
C ILE E 25 -31.85 -21.98 0.67
N GLU E 26 -32.63 -21.71 -0.38
CA GLU E 26 -32.49 -22.45 -1.64
C GLU E 26 -31.05 -22.52 -2.13
N GLY E 27 -30.55 -23.74 -2.26
CA GLY E 27 -29.22 -23.95 -2.81
C GLY E 27 -28.13 -24.00 -1.75
N PHE E 28 -28.35 -23.33 -0.62
CA PHE E 28 -27.31 -23.28 0.40
C PHE E 28 -27.05 -24.63 1.06
N ASP E 29 -28.11 -25.39 1.35
CA ASP E 29 -27.94 -26.67 2.01
C ASP E 29 -27.19 -27.64 1.08
N ASP E 30 -27.26 -27.42 -0.23
CA ASP E 30 -26.42 -28.19 -1.14
C ASP E 30 -24.94 -27.79 -1.03
N ILE E 31 -24.68 -26.49 -1.07
CA ILE E 31 -23.33 -25.95 -0.99
CA ILE E 31 -23.32 -25.98 -1.02
C ILE E 31 -22.63 -26.40 0.29
N SER E 32 -23.39 -26.43 1.38
CA SER E 32 -22.85 -26.73 2.70
C SER E 32 -22.97 -28.20 3.07
N HIS E 33 -23.44 -29.01 2.13
CA HIS E 33 -23.66 -30.43 2.34
C HIS E 33 -24.50 -30.72 3.58
N GLY E 34 -25.62 -30.02 3.74
CA GLY E 34 -26.55 -30.36 4.80
C GLY E 34 -26.99 -29.19 5.66
N GLY E 35 -26.30 -28.06 5.52
CA GLY E 35 -26.67 -26.88 6.28
C GLY E 35 -25.54 -26.42 7.19
N LEU E 36 -25.88 -25.65 8.22
CA LEU E 36 -24.87 -25.10 9.12
C LEU E 36 -24.54 -26.06 10.25
N PRO E 37 -23.24 -26.18 10.58
CA PRO E 37 -22.83 -27.06 11.69
C PRO E 37 -23.53 -26.71 12.99
N ILE E 38 -24.17 -27.70 13.60
CA ILE E 38 -24.99 -27.49 14.79
C ILE E 38 -24.17 -27.14 16.03
N GLY E 39 -24.62 -26.15 16.78
CA GLY E 39 -24.01 -25.82 18.05
C GLY E 39 -22.78 -24.95 17.83
N ARG E 40 -22.59 -24.51 16.59
CA ARG E 40 -21.45 -23.63 16.27
C ARG E 40 -21.88 -22.34 15.60
N SER E 41 -20.93 -21.41 15.50
CA SER E 41 -21.15 -20.12 14.84
C SER E 41 -20.63 -20.16 13.41
N THR E 42 -21.38 -19.53 12.51
CA THR E 42 -20.92 -19.35 11.15
C THR E 42 -20.77 -17.86 10.87
N LEU E 43 -19.56 -17.46 10.50
CA LEU E 43 -19.27 -16.08 10.16
C LEU E 43 -19.74 -15.81 8.73
N VAL E 44 -20.52 -14.73 8.55
CA VAL E 44 -20.99 -14.36 7.22
C VAL E 44 -20.54 -12.93 6.90
N SER E 45 -19.54 -12.81 6.03
CA SER E 45 -18.86 -11.55 5.83
C SER E 45 -19.17 -11.01 4.42
N GLY E 46 -19.20 -9.69 4.29
CA GLY E 46 -19.52 -9.10 3.00
C GLY E 46 -19.48 -7.59 3.04
N THR E 47 -19.23 -6.98 1.89
CA THR E 47 -19.25 -5.53 1.73
C THR E 47 -20.68 -5.03 1.90
N SER E 48 -20.91 -3.72 1.79
CA SER E 48 -22.23 -3.18 2.08
CA SER E 48 -22.24 -3.22 2.10
C SER E 48 -23.28 -3.63 1.06
N GLY E 49 -24.46 -3.97 1.56
CA GLY E 49 -25.57 -4.36 0.71
C GLY E 49 -25.42 -5.72 0.04
N THR E 50 -24.64 -6.62 0.65
CA THR E 50 -24.39 -7.92 0.03
C THR E 50 -25.43 -8.97 0.38
N GLY E 51 -26.25 -8.69 1.39
CA GLY E 51 -27.27 -9.65 1.80
C GLY E 51 -27.01 -10.31 3.13
N LYS E 52 -26.18 -9.69 3.97
CA LYS E 52 -25.78 -10.32 5.24
C LYS E 52 -26.95 -10.38 6.21
N THR E 53 -27.63 -9.26 6.38
CA THR E 53 -28.81 -9.21 7.25
C THR E 53 -29.87 -10.14 6.72
N LEU E 54 -30.04 -10.13 5.39
CA LEU E 54 -31.06 -11.00 4.80
C LEU E 54 -30.79 -12.48 5.09
N PHE E 55 -29.54 -12.88 4.94
CA PHE E 55 -29.15 -14.26 5.18
C PHE E 55 -29.45 -14.62 6.63
N SER E 56 -29.10 -13.73 7.55
CA SER E 56 -29.32 -13.94 8.99
CA SER E 56 -29.31 -14.03 8.96
C SER E 56 -30.79 -14.03 9.35
N ILE E 57 -31.62 -13.29 8.62
CA ILE E 57 -33.06 -13.28 8.89
C ILE E 57 -33.69 -14.54 8.30
N GLN E 58 -33.29 -14.85 7.07
CA GLN E 58 -33.84 -16.00 6.36
C GLN E 58 -33.52 -17.28 7.13
N PHE E 59 -32.37 -17.29 7.77
CA PHE E 59 -31.97 -18.41 8.62
C PHE E 59 -32.98 -18.67 9.76
N LEU E 60 -33.34 -17.61 10.48
CA LEU E 60 -34.32 -17.73 11.56
C LEU E 60 -35.74 -17.96 11.04
N TYR E 61 -36.12 -17.23 9.99
CA TYR E 61 -37.45 -17.35 9.43
C TYR E 61 -37.75 -18.79 8.99
N ASN E 62 -36.82 -19.37 8.24
CA ASN E 62 -37.00 -20.75 7.80
C ASN E 62 -37.00 -21.71 8.99
N GLY E 63 -36.22 -21.40 10.04
CA GLY E 63 -36.21 -22.23 11.24
C GLY E 63 -37.59 -22.31 11.86
N ILE E 64 -38.22 -21.14 11.97
CA ILE E 64 -39.58 -21.05 12.51
C ILE E 64 -40.61 -21.71 11.59
N ILE E 65 -40.63 -21.32 10.33
CA ILE E 65 -41.67 -21.80 9.43
C ILE E 65 -41.50 -23.29 9.15
N GLU E 66 -40.29 -23.72 8.85
CA GLU E 66 -40.10 -25.11 8.40
C GLU E 66 -40.00 -26.12 9.54
N PHE E 67 -39.44 -25.72 10.68
CA PHE E 67 -39.10 -26.67 11.73
C PHE E 67 -39.69 -26.32 13.09
N ASP E 68 -40.50 -25.27 13.14
CA ASP E 68 -41.02 -24.74 14.39
C ASP E 68 -39.89 -24.53 15.39
N GLU E 69 -38.72 -24.16 14.88
CA GLU E 69 -37.58 -23.85 15.74
C GLU E 69 -37.53 -22.35 15.97
N PRO E 70 -37.78 -21.90 17.21
CA PRO E 70 -37.75 -20.46 17.47
C PRO E 70 -36.36 -19.86 17.33
N GLY E 71 -36.31 -18.55 17.14
CA GLY E 71 -35.06 -17.88 16.85
C GLY E 71 -34.92 -16.55 17.57
N VAL E 72 -33.66 -16.18 17.78
CA VAL E 72 -33.35 -14.91 18.41
C VAL E 72 -32.48 -14.10 17.46
N PHE E 73 -32.90 -12.86 17.18
CA PHE E 73 -32.13 -11.99 16.31
C PHE E 73 -31.56 -10.87 17.15
N VAL E 74 -30.25 -10.79 17.19
CA VAL E 74 -29.56 -9.76 17.94
C VAL E 74 -29.11 -8.64 17.01
N THR E 75 -29.70 -7.45 17.17
CA THR E 75 -29.34 -6.34 16.31
C THR E 75 -28.54 -5.27 17.05
N PHE E 76 -27.49 -4.78 16.41
CA PHE E 76 -26.63 -3.76 16.98
C PHE E 76 -26.76 -2.39 16.31
N GLU E 77 -27.47 -2.35 15.19
CA GLU E 77 -27.64 -1.09 14.46
C GLU E 77 -29.10 -0.80 14.15
N GLU E 78 -29.69 -1.62 13.28
CA GLU E 78 -31.08 -1.46 12.89
C GLU E 78 -32.04 -1.70 14.06
N THR E 79 -33.01 -0.81 14.20
CA THR E 79 -34.09 -1.00 15.15
C THR E 79 -34.89 -2.24 14.79
N PRO E 80 -35.53 -2.86 15.79
CA PRO E 80 -36.40 -4.01 15.49
C PRO E 80 -37.48 -3.63 14.47
N GLN E 81 -38.02 -2.42 14.60
CA GLN E 81 -39.06 -1.95 13.69
C GLN E 81 -38.54 -1.91 12.26
N ASP E 82 -37.28 -1.52 12.08
CA ASP E 82 -36.71 -1.46 10.74
C ASP E 82 -36.41 -2.86 10.21
N ILE E 83 -35.96 -3.76 11.07
CA ILE E 83 -35.75 -5.15 10.69
CA ILE E 83 -35.76 -5.16 10.70
C ILE E 83 -37.08 -5.74 10.19
N ILE E 84 -38.15 -5.46 10.94
CA ILE E 84 -39.47 -5.95 10.59
C ILE E 84 -39.93 -5.36 9.25
N LYS E 85 -39.83 -4.04 9.13
CA LYS E 85 -40.25 -3.35 7.90
C LYS E 85 -39.47 -3.83 6.67
N ASN E 86 -38.16 -3.99 6.83
CA ASN E 86 -37.31 -4.36 5.71
C ASN E 86 -37.57 -5.79 5.23
N ALA E 87 -38.12 -6.63 6.12
CA ALA E 87 -38.43 -8.01 5.74
C ALA E 87 -39.75 -8.13 4.99
N ARG E 88 -40.59 -7.10 5.01
CA ARG E 88 -41.86 -7.21 4.29
C ARG E 88 -41.67 -7.27 2.77
N SER E 89 -40.55 -6.77 2.26
N SER E 89 -40.53 -6.76 2.31
CA SER E 89 -40.32 -6.86 0.82
CA SER E 89 -40.14 -6.85 0.90
C SER E 89 -40.26 -8.33 0.36
C SER E 89 -40.16 -8.29 0.38
N PHE E 90 -40.09 -9.25 1.30
CA PHE E 90 -40.00 -10.66 0.95
C PHE E 90 -41.26 -11.48 1.28
N GLY E 91 -42.31 -10.80 1.75
CA GLY E 91 -43.50 -11.49 2.18
C GLY E 91 -43.35 -12.25 3.49
N TRP E 92 -42.35 -11.88 4.28
CA TRP E 92 -42.17 -12.46 5.64
C TRP E 92 -42.80 -11.55 6.66
N ASP E 93 -43.75 -12.11 7.40
CA ASP E 93 -44.48 -11.35 8.38
C ASP E 93 -43.78 -11.49 9.72
N LEU E 94 -42.72 -10.72 9.94
CA LEU E 94 -41.91 -10.91 11.17
C LEU E 94 -42.63 -10.37 12.38
N ALA E 95 -43.48 -9.36 12.18
CA ALA E 95 -44.28 -8.87 13.29
C ALA E 95 -45.16 -9.98 13.83
N LYS E 96 -45.74 -10.77 12.93
CA LYS E 96 -46.60 -11.85 13.41
C LYS E 96 -45.76 -12.87 14.20
N LEU E 97 -44.55 -13.17 13.72
CA LEU E 97 -43.72 -14.16 14.39
C LEU E 97 -43.30 -13.68 15.77
N VAL E 98 -43.05 -12.39 15.90
CA VAL E 98 -42.74 -11.78 17.20
C VAL E 98 -43.98 -11.81 18.09
N ASP E 99 -45.14 -11.46 17.53
CA ASP E 99 -46.38 -11.54 18.30
C ASP E 99 -46.67 -12.97 18.79
N GLU E 100 -46.31 -13.97 18.01
CA GLU E 100 -46.56 -15.36 18.39
C GLU E 100 -45.54 -15.89 19.41
N GLY E 101 -44.45 -15.15 19.63
CA GLY E 101 -43.41 -15.61 20.54
C GLY E 101 -42.41 -16.57 19.89
N LYS E 102 -42.45 -16.68 18.57
CA LYS E 102 -41.54 -17.58 17.85
C LYS E 102 -40.23 -16.92 17.46
N LEU E 103 -40.28 -15.61 17.25
CA LEU E 103 -39.09 -14.82 16.98
C LEU E 103 -38.90 -13.77 18.06
N PHE E 104 -37.70 -13.66 18.60
CA PHE E 104 -37.40 -12.55 19.50
C PHE E 104 -36.30 -11.71 18.91
N ILE E 105 -36.59 -10.42 18.74
CA ILE E 105 -35.56 -9.49 18.28
C ILE E 105 -34.98 -8.78 19.49
N LEU E 106 -33.74 -9.11 19.80
CA LEU E 106 -33.03 -8.55 20.94
C LEU E 106 -32.35 -7.26 20.51
N ASP E 107 -32.77 -6.14 21.07
CA ASP E 107 -32.20 -4.86 20.67
C ASP E 107 -30.96 -4.52 21.49
N ALA E 108 -29.80 -4.54 20.85
CA ALA E 108 -28.55 -4.18 21.51
C ALA E 108 -27.94 -2.93 20.89
N SER E 109 -28.78 -2.18 20.18
CA SER E 109 -28.35 -0.92 19.57
C SER E 109 -28.00 0.11 20.63
N PRO E 110 -27.00 0.96 20.36
CA PRO E 110 -26.73 2.10 21.23
C PRO E 110 -27.69 3.26 20.97
N ASP E 111 -28.49 3.61 21.96
CA ASP E 111 -29.44 4.72 21.82
C ASP E 111 -28.66 6.00 21.60
N PRO E 112 -29.10 6.81 20.62
CA PRO E 112 -28.37 8.05 20.25
C PRO E 112 -28.16 9.00 21.44
N GLU E 113 -28.79 8.71 22.57
CA GLU E 113 -28.59 9.51 23.79
C GLU E 113 -27.94 8.65 24.86
N GLY E 114 -27.21 9.29 25.77
CA GLY E 114 -26.46 8.55 26.78
C GLY E 114 -25.27 7.83 26.17
N PHE E 121 -17.13 -1.60 25.57
CA PHE E 121 -18.28 -2.48 25.43
C PHE E 121 -18.13 -3.73 26.31
N ASP E 122 -19.22 -4.16 26.92
CA ASP E 122 -19.21 -5.31 27.82
C ASP E 122 -19.81 -6.56 27.19
N LEU E 123 -18.98 -7.55 26.90
CA LEU E 123 -19.42 -8.78 26.22
C LEU E 123 -20.25 -9.68 27.11
N SER E 124 -19.90 -9.72 28.40
CA SER E 124 -20.48 -10.70 29.31
C SER E 124 -21.97 -10.46 29.58
N ALA E 125 -22.37 -9.19 29.51
CA ALA E 125 -23.77 -8.83 29.70
C ALA E 125 -24.60 -9.30 28.50
N LEU E 126 -24.10 -9.01 27.31
CA LEU E 126 -24.75 -9.43 26.08
C LEU E 126 -25.05 -10.93 26.11
N ILE E 127 -24.03 -11.71 26.47
CA ILE E 127 -24.15 -13.16 26.50
C ILE E 127 -25.27 -13.62 27.44
N GLU E 128 -25.34 -13.05 28.64
CA GLU E 128 -26.40 -13.40 29.56
C GLU E 128 -27.78 -13.06 28.99
N ARG E 129 -27.89 -11.88 28.35
CA ARG E 129 -29.16 -11.50 27.74
C ARG E 129 -29.54 -12.44 26.60
N ILE E 130 -28.56 -12.81 25.79
CA ILE E 130 -28.78 -13.75 24.71
C ILE E 130 -29.24 -15.07 25.30
N ASN E 131 -28.50 -15.52 26.32
CA ASN E 131 -28.80 -16.78 26.99
C ASN E 131 -30.22 -16.87 27.57
N TYR E 132 -30.66 -15.82 28.24
CA TYR E 132 -32.00 -15.90 28.84
C TYR E 132 -33.08 -15.86 27.75
N ALA E 133 -32.82 -15.09 26.70
CA ALA E 133 -33.71 -15.06 25.56
C ALA E 133 -33.82 -16.45 24.95
N ILE E 134 -32.68 -17.11 24.82
CA ILE E 134 -32.64 -18.45 24.26
C ILE E 134 -33.50 -19.40 25.08
N GLN E 135 -33.37 -19.34 26.40
CA GLN E 135 -34.16 -20.22 27.25
C GLN E 135 -35.63 -19.79 27.28
N LYS E 136 -35.86 -18.48 27.30
CA LYS E 136 -37.22 -17.95 27.39
C LYS E 136 -38.05 -18.34 26.17
N TYR E 137 -37.44 -18.22 25.00
CA TYR E 137 -38.15 -18.54 23.77
C TYR E 137 -37.87 -19.95 23.29
N ARG E 138 -37.06 -20.70 24.05
CA ARG E 138 -36.67 -22.07 23.68
C ARG E 138 -36.07 -22.10 22.28
N ALA E 139 -35.21 -21.13 21.99
CA ALA E 139 -34.71 -20.93 20.63
C ALA E 139 -33.57 -21.87 20.31
N ARG E 140 -33.52 -22.36 19.07
CA ARG E 140 -32.41 -23.19 18.62
C ARG E 140 -31.47 -22.43 17.71
N ARG E 141 -31.97 -21.34 17.14
CA ARG E 141 -31.22 -20.58 16.15
C ARG E 141 -31.04 -19.14 16.61
N VAL E 142 -29.82 -18.63 16.42
CA VAL E 142 -29.49 -17.25 16.78
C VAL E 142 -28.82 -16.55 15.61
N SER E 143 -29.14 -15.27 15.41
CA SER E 143 -28.37 -14.45 14.47
C SER E 143 -27.84 -13.21 15.20
N ILE E 144 -26.57 -12.87 14.96
CA ILE E 144 -26.00 -11.67 15.54
C ILE E 144 -25.54 -10.76 14.41
N ASP E 145 -26.14 -9.57 14.34
N ASP E 145 -26.24 -9.65 14.23
CA ASP E 145 -25.94 -8.69 13.20
CA ASP E 145 -26.00 -8.84 13.04
C ASP E 145 -25.80 -7.22 13.61
C ASP E 145 -24.89 -7.83 13.31
N SER E 146 -24.58 -6.68 13.56
N SER E 146 -23.71 -8.14 12.79
CA SER E 146 -23.38 -7.46 13.24
CA SER E 146 -22.53 -7.29 12.93
C SER E 146 -22.39 -7.41 14.40
C SER E 146 -22.22 -6.98 14.40
N ASP E 155 -9.98 -1.34 18.83
CA ASP E 155 -9.78 -1.37 17.38
C ASP E 155 -8.48 -2.08 17.03
N ALA E 156 -7.83 -2.66 18.03
CA ALA E 156 -6.67 -3.50 17.79
C ALA E 156 -7.13 -4.87 17.33
N PRO E 157 -6.52 -5.39 16.25
CA PRO E 157 -6.88 -6.71 15.71
C PRO E 157 -6.69 -7.81 16.75
N SER E 158 -5.67 -7.64 17.58
CA SER E 158 -5.39 -8.58 18.66
C SER E 158 -6.49 -8.55 19.72
N VAL E 159 -7.08 -7.38 19.94
CA VAL E 159 -8.19 -7.28 20.88
C VAL E 159 -9.45 -7.90 20.27
N VAL E 160 -9.73 -7.52 19.03
CA VAL E 160 -10.86 -8.04 18.28
C VAL E 160 -10.81 -9.57 18.25
N ARG E 161 -9.63 -10.10 17.91
CA ARG E 161 -9.44 -11.54 17.86
C ARG E 161 -9.85 -12.18 19.19
N ARG E 162 -9.31 -11.70 20.30
CA ARG E 162 -9.62 -12.26 21.62
C ARG E 162 -11.09 -12.11 21.99
N GLU E 163 -11.67 -10.96 21.69
CA GLU E 163 -13.07 -10.72 22.02
C GLU E 163 -14.00 -11.63 21.23
N LEU E 164 -13.72 -11.77 19.93
CA LEU E 164 -14.52 -12.65 19.08
C LEU E 164 -14.39 -14.09 19.54
N PHE E 165 -13.16 -14.49 19.88
CA PHE E 165 -12.92 -15.85 20.36
C PHE E 165 -13.78 -16.16 21.57
N ARG E 166 -13.89 -15.18 22.47
CA ARG E 166 -14.71 -15.37 23.67
C ARG E 166 -16.21 -15.45 23.37
N LEU E 167 -16.69 -14.62 22.45
CA LEU E 167 -18.11 -14.66 22.08
C LEU E 167 -18.46 -16.03 21.48
N VAL E 168 -17.62 -16.49 20.55
CA VAL E 168 -17.82 -17.79 19.91
C VAL E 168 -17.85 -18.92 20.95
N ALA E 169 -16.89 -18.91 21.89
CA ALA E 169 -16.85 -19.92 22.95
C ALA E 169 -18.09 -19.90 23.84
N ARG E 170 -18.53 -18.71 24.20
CA ARG E 170 -19.68 -18.61 25.10
C ARG E 170 -20.96 -19.06 24.39
N LEU E 171 -21.07 -18.74 23.11
CA LEU E 171 -22.24 -19.19 22.36
C LEU E 171 -22.25 -20.71 22.22
N LYS E 172 -21.07 -21.28 22.02
CA LYS E 172 -20.90 -22.72 21.91
C LYS E 172 -21.33 -23.40 23.23
N GLN E 173 -20.96 -22.78 24.34
CA GLN E 173 -21.33 -23.29 25.65
C GLN E 173 -22.85 -23.35 25.83
N ILE E 174 -23.57 -22.38 25.28
CA ILE E 174 -25.03 -22.37 25.35
C ILE E 174 -25.67 -23.43 24.45
N GLY E 175 -24.98 -23.83 23.39
CA GLY E 175 -25.53 -24.80 22.46
C GLY E 175 -26.30 -24.17 21.30
N ALA E 176 -26.17 -22.86 21.15
CA ALA E 176 -26.83 -22.16 20.06
C ALA E 176 -26.15 -22.41 18.71
N THR E 177 -26.95 -22.60 17.67
CA THR E 177 -26.43 -22.56 16.30
C THR E 177 -26.57 -21.14 15.80
N THR E 178 -25.44 -20.49 15.51
CA THR E 178 -25.44 -19.04 15.32
C THR E 178 -24.88 -18.57 13.96
N VAL E 179 -25.59 -17.62 13.35
CA VAL E 179 -25.03 -16.87 12.24
C VAL E 179 -24.57 -15.51 12.77
N MET E 180 -23.32 -15.15 12.52
CA MET E 180 -22.86 -13.80 12.89
C MET E 180 -22.25 -13.09 11.68
N THR E 181 -22.79 -11.92 11.38
CA THR E 181 -22.37 -11.17 10.21
C THR E 181 -21.21 -10.26 10.55
N THR E 182 -20.35 -10.02 9.57
CA THR E 182 -19.30 -9.01 9.69
C THR E 182 -19.09 -8.29 8.40
N GLU E 183 -18.40 -7.18 8.51
CA GLU E 183 -18.14 -6.32 7.37
C GLU E 183 -16.77 -6.57 6.75
N ARG E 184 -16.69 -6.30 5.45
CA ARG E 184 -15.42 -6.28 4.74
C ARG E 184 -15.51 -5.16 3.74
N ILE E 185 -14.39 -4.72 3.18
CA ILE E 185 -14.45 -3.52 2.33
C ILE E 185 -13.99 -3.77 0.91
N GLU E 186 -13.49 -4.97 0.61
CA GLU E 186 -13.06 -5.31 -0.73
C GLU E 186 -13.66 -6.64 -1.14
N GLU E 187 -14.01 -6.81 -2.40
CA GLU E 187 -14.66 -8.04 -2.81
C GLU E 187 -13.67 -9.20 -2.77
N TYR E 188 -12.43 -8.95 -3.17
CA TYR E 188 -11.41 -10.00 -3.20
C TYR E 188 -10.19 -9.72 -2.30
N GLY E 189 -10.41 -9.01 -1.21
CA GLY E 189 -9.38 -8.78 -0.22
C GLY E 189 -9.62 -9.63 1.01
N PRO E 190 -9.28 -9.11 2.19
CA PRO E 190 -9.42 -9.78 3.49
C PRO E 190 -10.84 -10.33 3.70
N ILE E 191 -10.95 -11.45 4.39
CA ILE E 191 -12.26 -12.03 4.68
C ILE E 191 -13.13 -11.02 5.42
N ALA E 192 -12.58 -10.44 6.48
CA ALA E 192 -13.36 -9.50 7.25
C ALA E 192 -12.60 -8.19 7.37
N ARG E 193 -12.85 -7.43 8.42
CA ARG E 193 -12.24 -6.10 8.53
C ARG E 193 -10.86 -6.11 9.19
N TYR E 194 -10.69 -6.89 10.26
CA TYR E 194 -9.44 -6.82 11.02
C TYR E 194 -8.42 -7.92 10.71
N GLY E 195 -8.70 -8.74 9.70
CA GLY E 195 -7.77 -9.77 9.26
C GLY E 195 -7.57 -10.91 10.25
N VAL E 196 -8.47 -11.03 11.22
CA VAL E 196 -8.36 -12.08 12.22
C VAL E 196 -9.64 -12.89 12.42
N GLU E 197 -10.76 -12.35 11.96
CA GLU E 197 -12.08 -12.90 12.28
C GLU E 197 -12.27 -14.31 11.76
N GLU E 198 -11.76 -14.57 10.57
CA GLU E 198 -11.95 -15.87 9.97
C GLU E 198 -11.14 -16.94 10.71
N PHE E 199 -10.05 -16.54 11.34
CA PHE E 199 -9.16 -17.49 12.01
C PHE E 199 -9.70 -18.01 13.35
N VAL E 200 -10.52 -17.23 14.04
CA VAL E 200 -11.13 -17.71 15.29
C VAL E 200 -12.56 -18.21 15.07
N SER E 201 -13.05 -18.14 13.83
CA SER E 201 -14.36 -18.69 13.51
C SER E 201 -14.24 -20.14 13.09
N ASP E 202 -15.19 -20.99 13.48
CA ASP E 202 -15.25 -22.38 13.00
C ASP E 202 -15.68 -22.48 11.54
N ASN E 203 -16.52 -21.54 11.12
CA ASN E 203 -17.17 -21.60 9.81
C ASN E 203 -17.20 -20.24 9.15
N VAL E 204 -16.93 -20.18 7.84
CA VAL E 204 -16.87 -18.89 7.16
C VAL E 204 -17.54 -18.91 5.81
N VAL E 205 -18.51 -17.99 5.68
CA VAL E 205 -19.22 -17.71 4.45
C VAL E 205 -18.90 -16.29 3.98
N ILE E 206 -18.60 -16.15 2.70
CA ILE E 206 -18.35 -14.82 2.13
C ILE E 206 -19.38 -14.48 1.05
N LEU E 207 -20.05 -13.34 1.22
CA LEU E 207 -20.97 -12.80 0.21
C LEU E 207 -20.26 -11.73 -0.57
N ARG E 208 -20.23 -11.85 -1.90
CA ARG E 208 -19.60 -10.84 -2.72
C ARG E 208 -20.64 -10.18 -3.62
N ASN E 209 -20.29 -9.00 -4.10
CA ASN E 209 -21.13 -8.19 -4.96
C ASN E 209 -20.21 -7.55 -5.96
N VAL E 210 -19.98 -8.24 -7.07
CA VAL E 210 -18.84 -7.92 -7.93
C VAL E 210 -19.25 -7.16 -9.18
N LEU E 211 -18.47 -6.13 -9.55
CA LEU E 211 -18.72 -5.44 -10.82
C LEU E 211 -18.25 -6.29 -11.99
N GLU E 212 -19.17 -6.53 -12.92
CA GLU E 212 -18.89 -7.21 -14.19
C GLU E 212 -19.27 -6.25 -15.30
N GLY E 213 -18.29 -5.58 -15.90
CA GLY E 213 -18.58 -4.44 -16.76
C GLY E 213 -19.15 -3.35 -15.87
N GLU E 214 -20.32 -2.86 -16.20
CA GLU E 214 -21.01 -1.90 -15.33
C GLU E 214 -22.16 -2.55 -14.54
N ARG E 215 -22.30 -3.86 -14.67
CA ARG E 215 -23.31 -4.63 -13.94
C ARG E 215 -22.74 -5.28 -12.68
N ARG E 216 -23.63 -5.71 -11.78
CA ARG E 216 -23.20 -6.37 -10.54
C ARG E 216 -23.58 -7.85 -10.58
N ARG E 217 -22.74 -8.67 -9.95
CA ARG E 217 -22.97 -10.12 -9.87
C ARG E 217 -22.75 -10.53 -8.43
N ARG E 218 -23.79 -11.06 -7.79
CA ARG E 218 -23.67 -11.49 -6.40
C ARG E 218 -23.21 -12.94 -6.34
N THR E 219 -22.30 -13.26 -5.41
CA THR E 219 -21.92 -14.67 -5.25
C THR E 219 -21.79 -15.01 -3.78
N LEU E 220 -21.94 -16.30 -3.49
CA LEU E 220 -21.80 -16.82 -2.13
C LEU E 220 -20.69 -17.86 -2.16
N GLU E 221 -19.82 -17.82 -1.16
CA GLU E 221 -18.79 -18.85 -1.04
C GLU E 221 -18.74 -19.36 0.38
N ILE E 222 -18.72 -20.68 0.53
CA ILE E 222 -18.35 -21.28 1.81
C ILE E 222 -16.85 -21.55 1.80
N LEU E 223 -16.11 -20.74 2.55
CA LEU E 223 -14.64 -20.81 2.54
C LEU E 223 -14.15 -21.98 3.37
N LYS E 224 -14.82 -22.22 4.50
CA LYS E 224 -14.38 -23.27 5.39
C LYS E 224 -15.47 -23.63 6.38
N LEU E 225 -15.52 -24.92 6.72
CA LEU E 225 -16.35 -25.44 7.80
C LEU E 225 -15.45 -26.43 8.52
N ARG E 226 -15.05 -26.12 9.73
CA ARG E 226 -14.15 -27.02 10.45
C ARG E 226 -14.81 -28.37 10.68
N GLY E 227 -14.03 -29.42 10.51
CA GLY E 227 -14.50 -30.76 10.81
C GLY E 227 -15.63 -31.30 9.91
N THR E 228 -15.82 -30.72 8.73
CA THR E 228 -16.83 -31.24 7.80
C THR E 228 -16.62 -30.75 6.37
N SER E 229 -17.42 -31.27 5.45
CA SER E 229 -17.23 -30.98 4.02
C SER E 229 -18.19 -29.91 3.50
N HIS E 230 -17.84 -29.34 2.35
CA HIS E 230 -18.67 -28.33 1.69
C HIS E 230 -18.18 -28.15 0.26
N MET E 231 -19.04 -27.62 -0.59
CA MET E 231 -18.63 -27.26 -1.95
C MET E 231 -17.73 -26.03 -1.89
N LYS E 232 -16.89 -25.90 -2.91
CA LYS E 232 -15.84 -24.90 -2.94
C LYS E 232 -16.08 -23.81 -3.99
N GLY E 233 -15.54 -22.62 -3.72
CA GLY E 233 -15.58 -21.56 -4.71
C GLY E 233 -16.84 -20.75 -4.59
N GLU E 234 -17.10 -19.92 -5.59
CA GLU E 234 -18.23 -19.00 -5.58
C GLU E 234 -19.42 -19.54 -6.34
N TYR E 235 -20.63 -19.30 -5.83
CA TYR E 235 -21.88 -19.65 -6.52
C TYR E 235 -22.76 -18.41 -6.63
N PRO E 236 -23.27 -18.12 -7.82
CA PRO E 236 -24.06 -16.90 -8.02
C PRO E 236 -25.37 -16.98 -7.28
N PHE E 237 -25.85 -15.85 -6.79
CA PHE E 237 -27.21 -15.81 -6.29
C PHE E 237 -27.87 -14.50 -6.64
N THR E 238 -29.18 -14.46 -6.45
CA THR E 238 -29.90 -13.19 -6.58
C THR E 238 -30.67 -12.98 -5.31
N ILE E 239 -31.03 -11.72 -5.08
CA ILE E 239 -31.98 -11.40 -4.04
C ILE E 239 -33.27 -11.01 -4.76
N THR E 240 -34.34 -11.68 -4.41
CA THR E 240 -35.64 -11.50 -5.03
C THR E 240 -36.71 -11.27 -3.96
N ASP E 241 -37.97 -11.25 -4.39
CA ASP E 241 -39.13 -11.17 -3.49
C ASP E 241 -39.26 -12.35 -2.54
N HIS E 242 -38.47 -13.40 -2.75
CA HIS E 242 -38.51 -14.53 -1.83
C HIS E 242 -37.16 -14.71 -1.13
N GLY E 243 -36.41 -13.62 -1.06
CA GLY E 243 -35.13 -13.61 -0.36
C GLY E 243 -33.98 -14.09 -1.23
N ILE E 244 -32.99 -14.72 -0.59
CA ILE E 244 -31.82 -15.22 -1.29
C ILE E 244 -32.13 -16.46 -2.10
N ASN E 245 -31.69 -16.44 -3.35
CA ASN E 245 -31.84 -17.58 -4.23
C ASN E 245 -30.49 -17.96 -4.84
N ILE E 246 -29.90 -19.08 -4.42
CA ILE E 246 -28.59 -19.53 -4.91
C ILE E 246 -28.68 -20.68 -5.94
N PHE E 247 -27.79 -20.63 -6.93
CA PHE E 247 -27.70 -21.67 -7.96
C PHE E 247 -26.37 -22.41 -7.94
N PRO E 248 -26.34 -23.62 -7.36
CA PRO E 248 -25.12 -24.45 -7.37
C PRO E 248 -24.67 -24.91 -8.75
N ALA F 17 -43.25 -1.94 -1.30
CA ALA F 17 -44.00 -2.11 -0.05
C ALA F 17 -43.65 -1.03 0.97
N ILE F 18 -42.44 -0.47 0.86
CA ILE F 18 -42.11 0.70 1.66
C ILE F 18 -42.30 1.95 0.81
N ALA F 19 -42.77 3.02 1.44
CA ALA F 19 -43.11 4.23 0.71
C ALA F 19 -41.84 4.99 0.32
N LYS F 20 -41.80 5.43 -0.94
CA LYS F 20 -40.68 6.18 -1.48
C LYS F 20 -41.12 7.58 -1.87
N MET F 21 -40.20 8.54 -1.75
CA MET F 21 -40.50 9.88 -2.27
C MET F 21 -39.73 10.14 -3.55
N ARG F 22 -40.40 10.76 -4.52
CA ARG F 22 -39.78 11.01 -5.81
C ARG F 22 -38.72 12.12 -5.75
N THR F 23 -37.54 11.83 -6.29
CA THR F 23 -36.52 12.86 -6.37
C THR F 23 -36.81 13.78 -7.55
N MET F 24 -37.49 13.22 -8.56
CA MET F 24 -37.75 13.89 -9.83
C MET F 24 -36.44 14.26 -10.55
N ILE F 25 -35.34 13.66 -10.11
CA ILE F 25 -34.07 13.76 -10.83
C ILE F 25 -34.12 12.76 -11.97
N GLU F 26 -34.07 13.26 -13.20
CA GLU F 26 -34.30 12.44 -14.39
C GLU F 26 -33.55 11.12 -14.37
N GLY F 27 -34.31 10.02 -14.39
CA GLY F 27 -33.75 8.68 -14.43
C GLY F 27 -33.57 8.08 -13.04
N PHE F 28 -33.45 8.91 -12.01
CA PHE F 28 -33.11 8.35 -10.71
C PHE F 28 -34.25 7.56 -10.08
N ASP F 29 -35.48 8.04 -10.22
CA ASP F 29 -36.60 7.32 -9.61
C ASP F 29 -36.81 5.96 -10.31
N ASP F 30 -36.44 5.85 -11.58
CA ASP F 30 -36.44 4.54 -12.22
C ASP F 30 -35.38 3.58 -11.64
N ILE F 31 -34.17 4.09 -11.41
CA ILE F 31 -33.11 3.25 -10.84
C ILE F 31 -33.45 2.84 -9.40
N SER F 32 -34.08 3.74 -8.64
CA SER F 32 -34.43 3.45 -7.25
CA SER F 32 -34.44 3.47 -7.25
C SER F 32 -35.80 2.78 -7.10
N HIS F 33 -36.39 2.40 -8.23
CA HIS F 33 -37.72 1.76 -8.24
C HIS F 33 -38.77 2.59 -7.47
N GLY F 34 -38.77 3.90 -7.70
CA GLY F 34 -39.83 4.77 -7.22
C GLY F 34 -39.38 5.97 -6.40
N GLY F 35 -38.08 6.06 -6.14
CA GLY F 35 -37.53 7.16 -5.36
C GLY F 35 -36.84 6.70 -4.08
N LEU F 36 -36.61 7.65 -3.18
CA LEU F 36 -35.88 7.35 -1.94
C LEU F 36 -36.87 6.98 -0.84
N PRO F 37 -36.58 5.89 -0.11
CA PRO F 37 -37.43 5.44 1.00
C PRO F 37 -37.66 6.56 2.02
N ILE F 38 -38.93 6.83 2.29
CA ILE F 38 -39.31 7.95 3.14
C ILE F 38 -38.87 7.69 4.57
N GLY F 39 -38.34 8.73 5.20
CA GLY F 39 -37.95 8.65 6.59
C GLY F 39 -36.58 8.06 6.81
N ARG F 40 -35.81 7.84 5.73
CA ARG F 40 -34.50 7.24 5.87
C ARG F 40 -33.41 8.09 5.24
N SER F 41 -32.17 7.74 5.52
CA SER F 41 -31.06 8.51 5.01
C SER F 41 -30.36 7.79 3.88
N THR F 42 -29.95 8.57 2.89
CA THR F 42 -29.29 8.05 1.72
C THR F 42 -27.90 8.67 1.62
N LEU F 43 -26.88 7.83 1.67
CA LEU F 43 -25.51 8.29 1.43
C LEU F 43 -25.28 8.54 -0.05
N VAL F 44 -24.72 9.70 -0.39
CA VAL F 44 -24.36 9.99 -1.80
C VAL F 44 -22.87 10.33 -1.81
N SER F 45 -22.04 9.39 -2.24
CA SER F 45 -20.59 9.55 -2.16
CA SER F 45 -20.59 9.55 -2.17
C SER F 45 -19.95 9.70 -3.53
N GLY F 46 -18.89 10.47 -3.61
CA GLY F 46 -18.20 10.65 -4.87
C GLY F 46 -16.90 11.40 -4.68
N THR F 47 -16.00 11.24 -5.65
CA THR F 47 -14.79 12.07 -5.74
C THR F 47 -15.13 13.53 -6.02
N SER F 48 -14.12 14.37 -6.19
CA SER F 48 -14.37 15.80 -6.35
CA SER F 48 -14.40 15.80 -6.33
C SER F 48 -15.11 16.12 -7.65
N GLY F 49 -16.11 16.99 -7.56
CA GLY F 49 -16.83 17.43 -8.75
C GLY F 49 -17.65 16.35 -9.45
N THR F 50 -18.14 15.38 -8.69
CA THR F 50 -18.94 14.31 -9.27
C THR F 50 -20.42 14.64 -9.35
N GLY F 51 -20.85 15.71 -8.69
CA GLY F 51 -22.25 16.11 -8.66
C GLY F 51 -23.00 15.86 -7.37
N LYS F 52 -22.28 15.67 -6.26
CA LYS F 52 -22.89 15.45 -4.95
C LYS F 52 -23.79 16.61 -4.51
N THR F 53 -23.26 17.82 -4.54
CA THR F 53 -24.02 19.00 -4.12
C THR F 53 -25.22 19.21 -5.04
N LEU F 54 -25.01 18.99 -6.33
CA LEU F 54 -26.08 19.15 -7.30
C LEU F 54 -27.23 18.19 -7.02
N PHE F 55 -26.89 16.93 -6.75
CA PHE F 55 -27.89 15.91 -6.41
C PHE F 55 -28.68 16.36 -5.17
N SER F 56 -27.97 16.78 -4.13
CA SER F 56 -28.63 17.17 -2.89
CA SER F 56 -28.56 17.27 -2.88
C SER F 56 -29.50 18.43 -3.07
N ILE F 57 -29.06 19.37 -3.90
CA ILE F 57 -29.84 20.56 -4.15
C ILE F 57 -31.08 20.21 -4.97
N GLN F 58 -30.90 19.41 -6.01
CA GLN F 58 -32.01 19.03 -6.88
C GLN F 58 -33.09 18.28 -6.08
N PHE F 59 -32.65 17.43 -5.16
CA PHE F 59 -33.55 16.69 -4.29
C PHE F 59 -34.50 17.64 -3.54
N LEU F 60 -33.96 18.69 -2.95
CA LEU F 60 -34.81 19.67 -2.23
C LEU F 60 -35.63 20.57 -3.15
N TYR F 61 -35.00 21.05 -4.22
CA TYR F 61 -35.67 21.95 -5.15
C TYR F 61 -36.90 21.30 -5.79
N ASN F 62 -36.74 20.08 -6.29
CA ASN F 62 -37.86 19.37 -6.88
C ASN F 62 -38.98 19.12 -5.88
N GLY F 63 -38.60 18.80 -4.65
CA GLY F 63 -39.58 18.62 -3.59
C GLY F 63 -40.44 19.86 -3.41
N ILE F 64 -39.78 21.01 -3.32
CA ILE F 64 -40.51 22.27 -3.15
C ILE F 64 -41.36 22.62 -4.36
N ILE F 65 -40.74 22.64 -5.54
CA ILE F 65 -41.43 23.12 -6.75
C ILE F 65 -42.55 22.18 -7.20
N GLU F 66 -42.32 20.88 -7.14
CA GLU F 66 -43.28 19.93 -7.69
C GLU F 66 -44.28 19.43 -6.65
N PHE F 67 -43.87 19.33 -5.39
CA PHE F 67 -44.70 18.69 -4.37
C PHE F 67 -45.01 19.58 -3.16
N ASP F 68 -44.53 20.82 -3.19
CA ASP F 68 -44.67 21.74 -2.06
CA ASP F 68 -44.69 21.73 -2.05
C ASP F 68 -44.15 21.11 -0.76
N GLU F 69 -43.09 20.32 -0.87
CA GLU F 69 -42.45 19.75 0.32
C GLU F 69 -41.24 20.63 0.66
N PRO F 70 -41.31 21.34 1.80
CA PRO F 70 -40.19 22.20 2.20
C PRO F 70 -38.92 21.43 2.49
N GLY F 71 -37.80 22.11 2.36
CA GLY F 71 -36.52 21.47 2.58
C GLY F 71 -35.53 22.29 3.37
N VAL F 72 -34.60 21.57 3.98
CA VAL F 72 -33.49 22.14 4.73
C VAL F 72 -32.16 21.67 4.13
N PHE F 73 -31.36 22.62 3.68
CA PHE F 73 -30.03 22.31 3.18
C PHE F 73 -29.03 22.70 4.26
N VAL F 74 -28.22 21.73 4.67
CA VAL F 74 -27.15 21.93 5.64
C VAL F 74 -25.78 21.96 4.95
N THR F 75 -25.08 23.09 5.02
CA THR F 75 -23.76 23.18 4.42
C THR F 75 -22.65 23.37 5.45
N PHE F 76 -21.55 22.65 5.25
CA PHE F 76 -20.41 22.68 6.17
C PHE F 76 -19.20 23.44 5.64
N GLU F 77 -19.17 23.74 4.36
CA GLU F 77 -18.03 24.46 3.79
C GLU F 77 -18.45 25.56 2.81
N GLU F 78 -19.12 25.17 1.71
CA GLU F 78 -19.67 26.17 0.81
C GLU F 78 -20.62 27.10 1.55
N THR F 79 -20.47 28.40 1.36
CA THR F 79 -21.37 29.36 1.97
C THR F 79 -22.75 29.30 1.31
N PRO F 80 -23.79 29.76 2.04
CA PRO F 80 -25.14 29.86 1.46
C PRO F 80 -25.16 30.68 0.18
N GLN F 81 -24.36 31.74 0.14
CA GLN F 81 -24.36 32.62 -1.02
C GLN F 81 -23.79 31.93 -2.28
N ASP F 82 -22.77 31.10 -2.12
CA ASP F 82 -22.22 30.41 -3.27
C ASP F 82 -23.17 29.28 -3.71
N ILE F 83 -23.77 28.62 -2.74
CA ILE F 83 -24.78 27.60 -3.02
C ILE F 83 -25.86 28.18 -3.90
N ILE F 84 -26.31 29.37 -3.53
CA ILE F 84 -27.38 30.03 -4.25
C ILE F 84 -26.90 30.47 -5.63
N LYS F 85 -25.72 31.08 -5.66
CA LYS F 85 -25.13 31.57 -6.91
CA LYS F 85 -25.16 31.57 -6.92
C LYS F 85 -24.92 30.41 -7.89
N ASN F 86 -24.31 29.33 -7.40
CA ASN F 86 -24.11 28.16 -8.26
C ASN F 86 -25.40 27.51 -8.77
N ALA F 87 -26.46 27.49 -7.97
CA ALA F 87 -27.72 26.89 -8.42
C ALA F 87 -28.39 27.75 -9.48
N ARG F 88 -28.07 29.03 -9.46
CA ARG F 88 -28.63 30.02 -10.36
C ARG F 88 -28.35 29.66 -11.81
N SER F 89 -27.26 28.94 -12.04
CA SER F 89 -26.87 28.56 -13.40
C SER F 89 -27.72 27.43 -13.95
N PHE F 90 -28.57 26.84 -13.11
CA PHE F 90 -29.49 25.81 -13.56
C PHE F 90 -30.88 26.41 -13.71
N GLY F 91 -30.96 27.73 -13.53
CA GLY F 91 -32.21 28.44 -13.59
C GLY F 91 -33.02 28.26 -12.33
N TRP F 92 -32.37 27.82 -11.26
CA TRP F 92 -33.06 27.61 -9.99
C TRP F 92 -32.84 28.78 -9.05
N ASP F 93 -33.94 29.45 -8.69
CA ASP F 93 -33.87 30.61 -7.81
C ASP F 93 -34.08 30.19 -6.37
N LEU F 94 -33.00 29.86 -5.69
CA LEU F 94 -33.10 29.39 -4.31
C LEU F 94 -33.41 30.55 -3.35
N ALA F 95 -32.90 31.74 -3.64
CA ALA F 95 -33.17 32.91 -2.79
C ALA F 95 -34.67 33.17 -2.66
N LYS F 96 -35.40 32.96 -3.75
CA LYS F 96 -36.84 33.12 -3.77
C LYS F 96 -37.52 32.08 -2.86
N LEU F 97 -37.03 30.85 -2.88
CA LEU F 97 -37.60 29.79 -2.05
C LEU F 97 -37.30 30.05 -0.58
N VAL F 98 -36.12 30.62 -0.32
CA VAL F 98 -35.75 31.00 1.04
C VAL F 98 -36.64 32.15 1.50
N ASP F 99 -36.90 33.10 0.61
CA ASP F 99 -37.77 34.24 0.94
C ASP F 99 -39.18 33.77 1.25
N GLU F 100 -39.67 32.77 0.52
CA GLU F 100 -41.03 32.28 0.73
C GLU F 100 -41.10 31.33 1.91
N GLY F 101 -39.97 31.08 2.55
CA GLY F 101 -39.91 30.17 3.68
C GLY F 101 -40.09 28.70 3.29
N LYS F 102 -39.84 28.37 2.02
CA LYS F 102 -39.99 27.00 1.55
C LYS F 102 -38.68 26.24 1.64
N LEU F 103 -37.59 26.99 1.69
CA LEU F 103 -36.24 26.46 1.82
C LEU F 103 -35.49 27.13 2.96
N PHE F 104 -34.81 26.33 3.78
CA PHE F 104 -33.90 26.93 4.75
C PHE F 104 -32.51 26.40 4.53
N ILE F 105 -31.57 27.31 4.30
CA ILE F 105 -30.18 26.89 4.24
C ILE F 105 -29.54 27.11 5.59
N LEU F 106 -29.10 26.02 6.20
CA LEU F 106 -28.49 26.08 7.51
C LEU F 106 -26.98 26.14 7.34
N ASP F 107 -26.39 27.27 7.74
CA ASP F 107 -24.97 27.49 7.57
C ASP F 107 -24.20 26.92 8.75
N ALA F 108 -23.53 25.80 8.53
CA ALA F 108 -22.66 25.25 9.55
C ALA F 108 -21.20 25.43 9.14
N SER F 109 -20.97 26.33 8.18
CA SER F 109 -19.64 26.47 7.58
C SER F 109 -18.74 27.42 8.38
N PRO F 110 -17.42 27.12 8.42
CA PRO F 110 -16.43 27.74 9.31
C PRO F 110 -16.24 29.25 9.12
N ASP F 111 -15.44 29.83 10.00
CA ASP F 111 -15.04 31.25 9.95
C ASP F 111 -14.77 31.75 8.54
N PHE F 121 -20.46 17.61 22.33
CA PHE F 121 -20.82 17.22 20.98
C PHE F 121 -21.29 18.37 20.11
N ASP F 122 -20.38 18.86 19.27
CA ASP F 122 -20.73 19.77 18.19
C ASP F 122 -21.82 19.14 17.33
N LEU F 123 -21.82 17.80 17.30
CA LEU F 123 -22.83 17.03 16.60
C LEU F 123 -24.21 17.20 17.19
N SER F 124 -24.32 17.10 18.52
CA SER F 124 -25.59 17.26 19.19
C SER F 124 -26.13 18.66 18.95
N ALA F 125 -25.23 19.64 18.92
CA ALA F 125 -25.64 21.02 18.64
C ALA F 125 -26.17 21.11 17.22
N LEU F 126 -25.48 20.46 16.30
CA LEU F 126 -25.92 20.41 14.91
C LEU F 126 -27.29 19.75 14.79
N ILE F 127 -27.43 18.57 15.37
CA ILE F 127 -28.71 17.83 15.35
C ILE F 127 -29.87 18.68 15.85
N GLU F 128 -29.66 19.42 16.93
CA GLU F 128 -30.71 20.26 17.48
C GLU F 128 -31.06 21.40 16.54
N ARG F 129 -30.04 21.95 15.90
CA ARG F 129 -30.27 23.05 14.96
C ARG F 129 -31.05 22.51 13.77
N ILE F 130 -30.68 21.32 13.33
CA ILE F 130 -31.36 20.70 12.20
C ILE F 130 -32.82 20.43 12.56
N ASN F 131 -33.05 19.83 13.72
CA ASN F 131 -34.40 19.55 14.19
C ASN F 131 -35.25 20.81 14.21
N TYR F 132 -34.69 21.89 14.73
CA TYR F 132 -35.43 23.13 14.88
C TYR F 132 -35.87 23.66 13.52
N ALA F 133 -34.95 23.63 12.54
CA ALA F 133 -35.26 24.10 11.20
C ALA F 133 -36.35 23.23 10.58
N ILE F 134 -36.24 21.92 10.77
CA ILE F 134 -37.23 20.99 10.25
C ILE F 134 -38.61 21.32 10.79
N GLN F 135 -38.70 21.51 12.10
CA GLN F 135 -39.98 21.86 12.73
C GLN F 135 -40.47 23.22 12.27
N LYS F 136 -39.57 24.20 12.20
CA LYS F 136 -39.96 25.56 11.88
C LYS F 136 -40.49 25.71 10.45
N TYR F 137 -39.81 25.06 9.51
CA TYR F 137 -40.16 25.17 8.10
C TYR F 137 -41.04 24.02 7.64
N ARG F 138 -41.39 23.13 8.57
CA ARG F 138 -42.20 21.93 8.28
C ARG F 138 -41.58 21.12 7.14
N ALA F 139 -40.27 20.91 7.22
CA ALA F 139 -39.52 20.31 6.13
C ALA F 139 -39.73 18.80 6.07
N ARG F 140 -39.85 18.27 4.87
CA ARG F 140 -39.95 16.82 4.66
C ARG F 140 -38.63 16.28 4.13
N ARG F 141 -37.87 17.14 3.47
CA ARG F 141 -36.61 16.72 2.85
C ARG F 141 -35.42 17.44 3.47
N VAL F 142 -34.35 16.69 3.69
CA VAL F 142 -33.15 17.26 4.26
C VAL F 142 -31.96 16.84 3.43
N SER F 143 -31.08 17.79 3.14
CA SER F 143 -29.79 17.48 2.53
C SER F 143 -28.66 18.01 3.41
N ILE F 144 -27.69 17.14 3.67
CA ILE F 144 -26.52 17.48 4.46
C ILE F 144 -25.29 17.33 3.58
N ASP F 145 -24.61 18.44 3.33
N ASP F 145 -24.63 18.44 3.28
CA ASP F 145 -23.51 18.47 2.38
CA ASP F 145 -23.56 18.40 2.29
C ASP F 145 -22.31 19.23 2.93
C ASP F 145 -22.19 18.25 2.96
N SER F 146 -21.26 18.51 3.32
N SER F 146 -21.53 17.14 2.67
CA SER F 146 -21.22 17.06 3.26
CA SER F 146 -20.19 16.84 3.19
C SER F 146 -21.15 16.42 4.66
C SER F 146 -20.15 16.83 4.72
N ASP F 155 -10.70 12.38 14.02
CA ASP F 155 -10.88 11.35 13.00
C ASP F 155 -10.40 9.98 13.47
N ALA F 156 -11.35 9.07 13.60
CA ALA F 156 -11.10 7.66 13.87
C ALA F 156 -12.35 6.91 13.45
N PRO F 157 -12.20 5.82 12.69
CA PRO F 157 -13.33 5.07 12.13
C PRO F 157 -14.42 4.79 13.16
N SER F 158 -14.04 4.38 14.37
CA SER F 158 -15.00 4.10 15.44
C SER F 158 -15.79 5.35 15.82
N VAL F 159 -15.10 6.48 15.90
CA VAL F 159 -15.72 7.76 16.24
C VAL F 159 -16.64 8.22 15.10
N VAL F 160 -16.13 8.25 13.87
CA VAL F 160 -16.94 8.58 12.72
C VAL F 160 -18.21 7.72 12.68
N ARG F 161 -18.03 6.41 12.78
CA ARG F 161 -19.15 5.48 12.75
C ARG F 161 -20.18 5.80 13.84
N ARG F 162 -19.70 6.03 15.05
CA ARG F 162 -20.54 6.39 16.19
C ARG F 162 -21.33 7.67 15.95
N GLU F 163 -20.64 8.72 15.53
CA GLU F 163 -21.27 10.02 15.32
C GLU F 163 -22.28 9.97 14.18
N LEU F 164 -21.91 9.30 13.11
CA LEU F 164 -22.77 9.23 11.94
CA LEU F 164 -22.76 9.21 11.93
C LEU F 164 -24.02 8.41 12.25
N PHE F 165 -23.84 7.29 12.93
CA PHE F 165 -24.98 6.47 13.32
C PHE F 165 -25.99 7.27 14.13
N ARG F 166 -25.49 8.10 15.04
CA ARG F 166 -26.37 8.89 15.88
C ARG F 166 -27.12 9.97 15.10
N LEU F 167 -26.41 10.59 14.15
CA LEU F 167 -27.04 11.55 13.26
C LEU F 167 -28.16 10.89 12.46
N VAL F 168 -27.85 9.76 11.85
CA VAL F 168 -28.83 9.02 11.07
C VAL F 168 -30.02 8.58 11.93
N ALA F 169 -29.75 7.99 13.09
CA ALA F 169 -30.82 7.54 14.00
C ALA F 169 -31.78 8.65 14.41
N ARG F 170 -31.23 9.82 14.69
CA ARG F 170 -32.04 10.96 15.11
C ARG F 170 -32.90 11.51 13.97
N LEU F 171 -32.34 11.59 12.77
CA LEU F 171 -33.11 12.06 11.60
C LEU F 171 -34.29 11.13 11.35
N LYS F 172 -34.03 9.84 11.50
CA LYS F 172 -35.05 8.82 11.39
C LYS F 172 -36.18 9.04 12.40
N GLN F 173 -35.81 9.24 13.66
CA GLN F 173 -36.81 9.52 14.69
C GLN F 173 -37.64 10.73 14.31
N ILE F 174 -36.98 11.74 13.76
CA ILE F 174 -37.67 12.96 13.36
C ILE F 174 -38.62 12.70 12.18
N GLY F 175 -38.30 11.70 11.35
CA GLY F 175 -39.11 11.38 10.20
C GLY F 175 -38.66 12.07 8.92
N ALA F 176 -37.47 12.65 8.95
CA ALA F 176 -36.92 13.31 7.76
C ALA F 176 -36.51 12.31 6.69
N THR F 177 -36.62 12.73 5.43
CA THR F 177 -35.99 11.92 4.39
C THR F 177 -34.73 12.68 3.98
N THR F 178 -33.58 12.03 4.14
CA THR F 178 -32.32 12.75 4.12
C THR F 178 -31.33 12.25 3.08
N VAL F 179 -30.74 13.20 2.35
CA VAL F 179 -29.58 12.92 1.50
C VAL F 179 -28.33 13.42 2.22
N MET F 180 -27.36 12.55 2.37
CA MET F 180 -26.12 12.84 3.08
C MET F 180 -24.94 12.65 2.14
N THR F 181 -24.25 13.72 1.74
CA THR F 181 -23.15 13.49 0.81
C THR F 181 -21.85 13.28 1.57
N THR F 182 -20.94 12.53 0.94
CA THR F 182 -19.61 12.26 1.47
C THR F 182 -18.59 12.20 0.35
N GLU F 183 -17.34 12.43 0.74
CA GLU F 183 -16.23 12.42 -0.20
C GLU F 183 -15.58 11.05 -0.25
N ARG F 184 -14.99 10.71 -1.39
CA ARG F 184 -14.13 9.54 -1.49
C ARG F 184 -13.00 9.96 -2.40
N ILE F 185 -11.89 9.22 -2.39
CA ILE F 185 -10.72 9.69 -3.13
C ILE F 185 -10.40 8.85 -4.35
N GLU F 186 -11.04 7.68 -4.49
CA GLU F 186 -10.85 6.84 -5.68
C GLU F 186 -12.18 6.37 -6.29
N GLU F 187 -12.21 6.19 -7.60
CA GLU F 187 -13.47 5.81 -8.26
C GLU F 187 -13.88 4.39 -7.91
N TYR F 188 -12.91 3.49 -7.76
CA TYR F 188 -13.23 2.10 -7.44
C TYR F 188 -12.56 1.60 -6.16
N GLY F 189 -12.51 2.45 -5.14
CA GLY F 189 -12.01 2.07 -3.84
C GLY F 189 -13.11 2.13 -2.79
N PRO F 190 -12.74 2.52 -1.55
CA PRO F 190 -13.75 2.59 -0.50
C PRO F 190 -14.93 3.49 -0.90
N ILE F 191 -16.10 3.18 -0.37
CA ILE F 191 -17.31 3.94 -0.67
C ILE F 191 -17.13 5.39 -0.24
N ALA F 192 -16.59 5.58 0.96
CA ALA F 192 -16.36 6.93 1.49
C ALA F 192 -15.02 6.96 2.22
N ARG F 193 -14.66 8.11 2.75
CA ARG F 193 -13.32 8.31 3.33
C ARG F 193 -12.95 7.36 4.47
N TYR F 194 -13.88 7.05 5.36
CA TYR F 194 -13.48 6.34 6.59
C TYR F 194 -13.82 4.86 6.65
N GLY F 195 -14.31 4.30 5.55
CA GLY F 195 -14.59 2.87 5.49
C GLY F 195 -15.72 2.37 6.36
N VAL F 196 -16.54 3.27 6.89
CA VAL F 196 -17.69 2.86 7.70
C VAL F 196 -19.01 3.48 7.29
N GLU F 197 -18.96 4.58 6.54
CA GLU F 197 -20.13 5.41 6.28
C GLU F 197 -21.24 4.60 5.58
N GLU F 198 -20.84 3.76 4.62
CA GLU F 198 -21.81 2.97 3.86
C GLU F 198 -22.48 1.89 4.70
N PHE F 199 -21.91 1.58 5.86
CA PHE F 199 -22.46 0.50 6.69
C PHE F 199 -23.51 0.99 7.68
N VAL F 200 -23.51 2.28 7.97
CA VAL F 200 -24.51 2.82 8.88
C VAL F 200 -25.65 3.52 8.14
N SER F 201 -25.50 3.69 6.83
CA SER F 201 -26.55 4.31 6.02
C SER F 201 -27.56 3.26 5.58
N ASP F 202 -28.83 3.64 5.50
CA ASP F 202 -29.88 2.75 4.96
C ASP F 202 -29.68 2.52 3.47
N ASN F 203 -29.36 3.61 2.78
CA ASN F 203 -29.26 3.64 1.33
C ASN F 203 -27.91 4.20 0.92
N VAL F 204 -27.33 3.66 -0.16
CA VAL F 204 -26.04 4.13 -0.63
C VAL F 204 -26.03 4.37 -2.13
N VAL F 205 -25.71 5.60 -2.51
CA VAL F 205 -25.55 5.95 -3.91
C VAL F 205 -24.12 6.38 -4.19
N ILE F 206 -23.54 5.88 -5.27
CA ILE F 206 -22.18 6.23 -5.63
C ILE F 206 -22.15 7.00 -6.95
N LEU F 207 -21.58 8.19 -6.91
CA LEU F 207 -21.32 8.98 -8.11
C LEU F 207 -19.86 8.79 -8.51
N ARG F 208 -19.64 8.40 -9.75
CA ARG F 208 -18.27 8.16 -10.21
C ARG F 208 -18.00 9.09 -11.37
N ASN F 209 -16.72 9.38 -11.59
CA ASN F 209 -16.29 10.24 -12.69
C ASN F 209 -15.06 9.58 -13.28
N VAL F 210 -15.30 8.52 -14.06
CA VAL F 210 -14.23 7.60 -14.39
C VAL F 210 -13.48 8.07 -15.62
N LEU F 211 -12.16 8.01 -15.53
CA LEU F 211 -11.30 8.38 -16.62
C LEU F 211 -11.04 7.14 -17.47
N GLU F 212 -11.50 7.15 -18.70
CA GLU F 212 -11.26 6.03 -19.61
C GLU F 212 -10.50 6.52 -20.83
N GLY F 213 -9.23 6.09 -20.95
CA GLY F 213 -8.34 6.73 -21.87
C GLY F 213 -8.19 8.13 -21.32
N GLU F 214 -8.52 9.13 -22.12
CA GLU F 214 -8.44 10.50 -21.66
C GLU F 214 -9.80 11.17 -21.51
N ARG F 215 -10.88 10.39 -21.62
CA ARG F 215 -12.25 10.91 -21.54
C ARG F 215 -12.84 10.59 -20.18
N ARG F 216 -13.62 11.53 -19.64
CA ARG F 216 -14.36 11.27 -18.41
C ARG F 216 -15.77 10.75 -18.72
N ARG F 217 -16.22 9.81 -17.91
CA ARG F 217 -17.60 9.33 -18.02
C ARG F 217 -18.24 9.34 -16.63
N ARG F 218 -19.34 10.06 -16.47
CA ARG F 218 -20.04 10.09 -15.19
C ARG F 218 -21.01 8.92 -15.09
N THR F 219 -21.04 8.25 -13.94
CA THR F 219 -22.04 7.21 -13.69
C THR F 219 -22.59 7.31 -12.29
N LEU F 220 -23.82 6.83 -12.14
CA LEU F 220 -24.45 6.75 -10.83
C LEU F 220 -24.79 5.29 -10.56
N GLU F 221 -24.55 4.85 -9.32
CA GLU F 221 -24.93 3.51 -8.93
C GLU F 221 -25.69 3.54 -7.60
N ILE F 222 -26.85 2.87 -7.54
CA ILE F 222 -27.45 2.56 -6.23
C ILE F 222 -26.88 1.22 -5.77
N LEU F 223 -25.98 1.27 -4.80
CA LEU F 223 -25.33 0.06 -4.29
C LEU F 223 -26.31 -0.75 -3.44
N LYS F 224 -27.07 -0.01 -2.63
CA LYS F 224 -27.91 -0.61 -1.60
C LYS F 224 -29.12 0.25 -1.30
N LEU F 225 -30.27 -0.40 -1.14
CA LEU F 225 -31.46 0.25 -0.56
C LEU F 225 -32.06 -0.75 0.41
N ARG F 226 -31.92 -0.53 1.72
CA ARG F 226 -32.42 -1.51 2.67
C ARG F 226 -33.93 -1.68 2.51
N GLY F 227 -34.37 -2.94 2.49
CA GLY F 227 -35.79 -3.26 2.52
C GLY F 227 -36.58 -3.06 1.25
N THR F 228 -35.87 -2.92 0.12
CA THR F 228 -36.58 -2.71 -1.12
C THR F 228 -35.67 -3.03 -2.34
N SER F 229 -36.28 -3.15 -3.52
CA SER F 229 -35.52 -3.42 -4.75
C SER F 229 -35.04 -2.13 -5.44
N HIS F 230 -34.07 -2.28 -6.35
CA HIS F 230 -33.57 -1.17 -7.15
C HIS F 230 -32.79 -1.77 -8.32
N MET F 231 -32.56 -0.97 -9.36
CA MET F 231 -31.66 -1.43 -10.43
C MET F 231 -30.22 -1.46 -9.95
N LYS F 232 -29.42 -2.33 -10.56
CA LYS F 232 -28.08 -2.61 -10.08
C LYS F 232 -27.01 -2.11 -11.03
N GLY F 233 -25.84 -1.83 -10.49
CA GLY F 233 -24.69 -1.48 -11.31
C GLY F 233 -24.66 -0.01 -11.60
N GLU F 234 -23.80 0.39 -12.53
CA GLU F 234 -23.63 1.80 -12.91
C GLU F 234 -24.51 2.20 -14.09
N TYR F 235 -24.99 3.44 -14.06
CA TYR F 235 -25.72 4.03 -15.18
C TYR F 235 -25.15 5.41 -15.52
N PRO F 236 -24.93 5.67 -16.82
CA PRO F 236 -24.31 6.94 -17.21
C PRO F 236 -25.22 8.14 -16.95
N PHE F 237 -24.62 9.27 -16.60
CA PHE F 237 -25.38 10.51 -16.55
C PHE F 237 -24.55 11.66 -17.05
N THR F 238 -25.23 12.75 -17.36
CA THR F 238 -24.56 13.99 -17.65
C THR F 238 -25.07 15.06 -16.72
N ILE F 239 -24.25 16.09 -16.54
CA ILE F 239 -24.71 17.31 -15.89
C ILE F 239 -24.86 18.38 -16.96
N THR F 240 -26.07 18.93 -17.07
CA THR F 240 -26.33 19.99 -18.05
C THR F 240 -26.94 21.21 -17.39
N ASP F 241 -27.38 22.15 -18.23
CA ASP F 241 -28.12 23.33 -17.78
C ASP F 241 -29.38 22.98 -16.99
N HIS F 242 -29.82 21.73 -17.06
CA HIS F 242 -31.03 21.33 -16.35
C HIS F 242 -30.74 20.45 -15.14
N GLY F 243 -29.47 20.30 -14.77
CA GLY F 243 -29.12 19.46 -13.64
C GLY F 243 -28.69 18.07 -14.08
N ILE F 244 -28.82 17.09 -13.18
CA ILE F 244 -28.42 15.72 -13.45
C ILE F 244 -29.41 15.04 -14.40
N ASN F 245 -28.88 14.38 -15.41
CA ASN F 245 -29.70 13.60 -16.34
CA ASN F 245 -29.70 13.59 -16.32
C ASN F 245 -29.14 12.19 -16.48
N ILE F 246 -29.77 11.24 -15.79
CA ILE F 246 -29.37 9.85 -15.84
C ILE F 246 -30.14 9.03 -16.87
N PHE F 247 -29.42 8.18 -17.60
CA PHE F 247 -30.05 7.27 -18.54
C PHE F 247 -29.89 5.84 -18.03
N PRO F 248 -30.99 5.24 -17.53
CA PRO F 248 -31.02 3.86 -17.03
C PRO F 248 -31.35 2.78 -18.05
N LEU F 249 -31.40 3.11 -19.33
CA LEU F 249 -31.75 2.09 -20.34
C LEU F 249 -30.82 2.16 -21.55
MG MG G . 6.97 25.93 -10.47
CL CL H . 6.15 19.89 -24.42
PG AGS I . 8.31 23.06 -10.61
S1G AGS I . 7.84 21.46 -9.61
O2G AGS I . 7.86 24.34 -9.86
O3G AGS I . 9.86 23.07 -10.86
PB AGS I . 6.52 23.65 -12.76
O1B AGS I . 6.17 24.95 -12.15
O2B AGS I . 5.34 22.69 -12.80
O3B AGS I . 7.65 22.86 -12.02
PA AGS I . 7.35 25.16 -14.95
O1A AGS I . 8.51 25.78 -14.28
O2A AGS I . 6.07 25.99 -15.03
O3A AGS I . 6.99 23.80 -14.24
O5' AGS I . 7.76 24.62 -16.39
C5' AGS I . 9.12 24.31 -16.68
C4' AGS I . 9.21 23.42 -17.89
O4' AGS I . 8.85 24.16 -19.07
C3' AGS I . 10.64 22.92 -18.17
O3' AGS I . 10.88 21.71 -17.46
C2' AGS I . 10.64 22.71 -19.69
O2' AGS I . 10.31 21.36 -20.03
C1' AGS I . 9.56 23.68 -20.18
N9 AGS I . 10.09 24.82 -20.93
C8 AGS I . 10.60 26.01 -20.44
N7 AGS I . 11.00 26.84 -21.37
C5 AGS I . 10.75 26.16 -22.56
C6 AGS I . 10.94 26.50 -23.91
N6 AGS I . 11.47 27.65 -24.32
N1 AGS I . 10.58 25.60 -24.84
C2 AGS I . 10.06 24.44 -24.44
N3 AGS I . 9.83 24.00 -23.20
C4 AGS I . 10.20 24.92 -22.29
MG MG J . 27.38 6.23 -6.26
CL CL K . 25.43 -0.64 -19.47
PG AGS L . 25.67 3.58 -5.87
S1G AGS L . 23.84 3.31 -5.20
O2G AGS L . 26.20 4.93 -5.38
O3G AGS L . 26.53 2.40 -5.42
PB AGS L . 25.73 4.60 -8.53
O1B AGS L . 26.42 5.80 -8.08
O2B AGS L . 24.34 4.93 -9.03
O3B AGS L . 25.57 3.45 -7.44
PA AGS L . 27.96 4.19 -10.22
O1A AGS L . 28.94 3.81 -9.21
O2A AGS L . 28.07 5.60 -10.78
O3A AGS L . 26.46 3.94 -9.77
O5' AGS L . 28.07 3.08 -11.35
C5' AGS L . 28.53 1.77 -11.02
C4' AGS L . 28.22 0.81 -12.15
O4' AGS L . 29.00 1.17 -13.31
C3' AGS L . 28.63 -0.63 -11.84
O3' AGS L . 27.58 -1.31 -11.17
C2' AGS L . 28.88 -1.22 -13.24
O2' AGS L . 27.70 -1.84 -13.73
C1' AGS L . 29.23 0.01 -14.08
N9 AGS L . 30.62 0.01 -14.54
C8 AGS L . 31.74 0.39 -13.85
N7 AGS L . 32.86 0.26 -14.53
C5 AGS L . 32.44 -0.24 -15.77
C6 AGS L . 33.13 -0.59 -16.93
N6 AGS L . 34.46 -0.47 -17.08
N1 AGS L . 32.41 -1.04 -17.98
C2 AGS L . 31.09 -1.16 -17.85
N3 AGS L . 30.32 -0.87 -16.80
C4 AGS L . 31.06 -0.39 -15.77
MG MG M . 20.65 -19.07 5.27
CL CL N . 17.23 -25.89 -7.89
PG AGS O . 17.54 -19.36 4.82
S1G AGS O . 16.17 -17.99 4.76
O2G AGS O . 18.74 -18.77 5.56
O3G AGS O . 16.92 -20.63 5.50
PB AGS O . 19.11 -19.56 2.45
O1B AGS O . 20.32 -19.31 3.23
O2B AGS O . 18.76 -18.43 1.49
O3B AGS O . 17.81 -19.77 3.34
PA AGS O . 20.26 -22.06 1.73
O1A AGS O . 20.24 -22.58 3.11
O2A AGS O . 21.60 -21.54 1.23
O3A AGS O . 19.18 -20.90 1.59
O5' AGS O . 19.67 -23.11 0.70
C5' AGS O . 18.80 -24.13 1.15
C4' AGS O . 18.09 -24.75 -0.02
O4' AGS O . 19.04 -25.48 -0.83
C3' AGS O . 17.06 -25.80 0.39
O3' AGS O . 15.84 -25.11 0.69
C2' AGS O . 16.99 -26.72 -0.84
O2' AGS O . 16.00 -26.32 -1.77
C1' AGS O . 18.37 -26.54 -1.48
N9 AGS O . 19.25 -27.71 -1.41
C8 AGS O . 20.05 -28.08 -0.36
N7 AGS O . 20.76 -29.16 -0.61
C5 AGS O . 20.41 -29.50 -1.90
C6 AGS O . 20.82 -30.56 -2.74
N6 AGS O . 21.71 -31.49 -2.40
N1 AGS O . 20.27 -30.61 -3.98
C2 AGS O . 19.38 -29.68 -4.33
N3 AGS O . 18.93 -28.64 -3.62
C4 AGS O . 19.48 -28.62 -2.41
MG MG P . -6.65 -24.74 12.30
CL CL Q . -10.43 -30.27 -1.38
PG AGS R . -8.26 -22.60 10.57
S1G AGS R . -7.75 -20.81 10.00
O2G AGS R . -7.44 -23.05 11.81
O3G AGS R . -9.79 -22.71 10.84
PB AGS R . -7.02 -24.69 9.06
O1B AGS R . -6.40 -25.18 10.32
O2B AGS R . -6.02 -24.26 7.99
O3B AGS R . -7.95 -23.44 9.27
PA AGS R . -8.31 -27.22 8.84
O1A AGS R . -7.10 -28.06 8.87
O2A AGS R . -9.16 -27.11 10.10
O3A AGS R . -7.96 -25.75 8.38
O5' AGS R . -9.13 -27.64 7.55
C5' AGS R . -10.54 -27.59 7.56
C4' AGS R . -11.12 -27.79 6.18
O4' AGS R . -11.07 -29.18 5.84
C3' AGS R . -12.59 -27.44 6.11
O3' AGS R . -12.75 -26.05 5.87
C2' AGS R . -13.09 -28.31 4.96
O2' AGS R . -12.91 -27.68 3.71
C1' AGS R . -12.15 -29.51 5.01
N9 AGS R . -12.73 -30.76 5.47
C8 AGS R . -12.93 -31.21 6.76
N7 AGS R . -13.45 -32.41 6.83
C5 AGS R . -13.63 -32.78 5.51
C6 AGS R . -14.14 -33.94 4.91
N6 AGS R . -14.61 -35.00 5.59
N1 AGS R . -14.16 -33.99 3.56
C2 AGS R . -13.71 -32.94 2.86
N3 AGS R . -13.22 -31.79 3.32
C4 AGS R . -13.20 -31.77 4.66
MG MG S . -27.22 -5.52 7.27
CL CL T . -29.79 -9.58 -7.09
PG AGS U . -25.84 -3.53 5.37
S1G AGS U . -23.98 -3.09 5.14
O2G AGS U . -26.11 -4.07 6.79
O3G AGS U . -26.71 -2.26 5.13
PB AGS U . -26.54 -6.00 4.22
O1B AGS U . -26.90 -6.44 5.58
O2B AGS U . -25.37 -6.74 3.60
O3B AGS U . -26.17 -4.49 4.18
PA AGS U . -29.19 -6.60 3.34
O1A AGS U . -29.24 -8.00 3.74
O2A AGS U . -29.90 -5.56 4.18
O3A AGS U . -27.69 -6.16 3.14
O5' AGS U . -29.67 -6.56 1.84
C5' AGS U . -30.32 -5.41 1.33
C4' AGS U . -30.32 -5.48 -0.17
O4' AGS U . -31.27 -6.47 -0.60
C3' AGS U . -30.76 -4.17 -0.81
O3' AGS U . -29.60 -3.39 -1.05
C2' AGS U . -31.44 -4.62 -2.11
O2' AGS U . -30.53 -4.69 -3.19
C1' AGS U . -31.87 -6.07 -1.82
N9 AGS U . -33.31 -6.25 -1.72
C8 AGS U . -34.13 -6.03 -0.64
N7 AGS U . -35.39 -6.32 -0.87
C5 AGS U . -35.39 -6.76 -2.19
C6 AGS U . -36.41 -7.25 -3.03
N6 AGS U . -37.70 -7.35 -2.67
N1 AGS U . -36.06 -7.62 -4.28
C2 AGS U . -34.78 -7.53 -4.66
N3 AGS U . -33.74 -7.09 -3.95
C4 AGS U . -34.11 -6.73 -2.71
PG AGS V . -17.27 19.42 -4.65
S1G AGS V . -15.92 18.12 -4.17
O2G AGS V . -18.21 19.70 -3.43
O3G AGS V . -16.59 20.72 -5.15
PB AGS V . -19.48 18.18 -6.03
O1B AGS V . -19.42 16.69 -6.15
O2B AGS V . -20.39 18.69 -4.93
O3B AGS V . -18.01 18.79 -5.88
PA AGS V . -21.16 19.68 -7.82
O1A AGS V . -22.48 19.10 -7.47
O2A AGS V . -20.87 21.06 -7.26
O3A AGS V . -19.95 18.73 -7.45
O5' AGS V . -21.02 19.65 -9.41
C5' AGS V . -20.17 20.62 -10.05
C4' AGS V . -19.93 20.24 -11.50
O4' AGS V . -21.16 20.33 -12.24
C3' AGS V . -18.97 21.18 -12.21
O3' AGS V . -17.66 20.71 -11.96
C2' AGS V . -19.39 21.05 -13.68
O2' AGS V . -18.69 19.97 -14.32
C1' AGS V . -20.89 20.74 -13.57
N9 AGS V . -21.76 21.87 -13.85
C8 AGS V . -22.18 22.85 -12.99
N7 AGS V . -22.99 23.72 -13.55
C5 AGS V . -23.13 23.28 -14.85
C6 AGS V . -23.84 23.76 -15.96
N6 AGS V . -24.62 24.85 -15.91
N1 AGS V . -23.76 23.08 -17.11
C2 AGS V . -22.99 21.98 -17.16
N3 AGS V . -22.26 21.44 -16.18
C4 AGS V . -22.36 22.14 -15.05
MG MG W . -20.07 19.90 -3.35
CL CL X . -21.39 15.86 -17.85
#